data_9O8U
#
_entry.id   9O8U
#
_cell.length_a   1.00
_cell.length_b   1.00
_cell.length_c   1.00
_cell.angle_alpha   90.00
_cell.angle_beta   90.00
_cell.angle_gamma   90.00
#
_symmetry.space_group_name_H-M   'P 1'
#
loop_
_entity.id
_entity.type
_entity.pdbx_description
1 polymer '1-methyl alkyl succinate synthase subunit MasD'
2 polymer 'MasB protein'
3 polymer '1-methyl alkyl succinate synthase subunit MasC'
4 polymer '1-methyl alkyl succinate synthase subunit Mas E'
5 non-polymer 'FUMARIC ACID'
6 non-polymer 2,3-DIHYDROXY-1,4-DITHIOBUTANE
7 non-polymer 'IRON/SULFUR CLUSTER'
8 non-polymer 'FE (III) ION'
#
loop_
_entity_poly.entity_id
_entity_poly.type
_entity_poly.pdbx_seq_one_letter_code
_entity_poly.pdbx_strand_id
1 'polypeptide(L)'
;MGSSHHHHHHSQMTATSTLSKTDLKNCETVEELRENQQWWWLAERERSARLDYLRKATWKKGALGGNYFDGIRLDLEYPT
LFTEAWKKYPNDPSMLRRAKATAYVLDNISIFITDSAQLVGYVGSAPHTIAWRVDGASTVNSEVYNEPGIHAEPEAESLK
KVAEINSYWNGQTAVDKVGRLIDPEDAVKFFSGAIGWGTPSSAFGYSGKNFEYFMKGDRAFSQIIAEIDEKIDEAEEATI
GTPSPHILPLYDKLNNWHAMKLVLEAAIRFAGRYARLARVMAAKETDEQRKKELLRVAETCERVPANPPRNLQESLQYEH
FVQVLARYEAHEGAWPSRPDYYHGPLYAKDVEVEKNITESEAIDLVGEYMIRCSEYGSFSPRYMREGLQGVTGTFVWTLG
GVNQDGTDACNGMTIALLKAARLVRVANPTFGFRWHPKVSNEVLRECFECIRQGLGYPTLRNDPVLIQNTMHWYGHPLEE
ARTWVHMACMSPNPTTKHGTSPFRMASATMNSAKTIEYVLHNGYDRVVNMQMGPKTGDAREIKDFEDLFERWTVQLKWLM
NLLVRTVNLGRFKDPEFFGRPFLSAITERAVEHGIDAVSPEGERGNAWVTAFTWIENVDSMAAIKKLVFDDKKYTMSQLI
DALEAEWDGYEQMRLDFVKNGPKWGNDDDYVDDIMLRCLSVAAEHSRNIQCTSGNCWPILPENVSGNIHYANIVGALPNG
RRRGDALYDGGVSPGPGLDKAGPTAVLKSVGKIDHVNQGRSFLLNQRLSPTQLAGDKGFQLWNSYVRTWAELGIDHIQFN
VISDKVLRAAQNDPEGYQEVIVRVAGYSAHFIDISRKTQDNIIQRTVQGLGENLYFQG
;
A,E
2 'polypeptide(L)'
;MSRRDEWKKLQEEMTRDGGEIKSLETVPEQACGICLNFTDNAYGSDGRGSCNVLKAGSNISLPDVIITRSGENGYITFFN
SDAKYCPNFERMKLIDTDGHECADPISRRVQRQLSSIKKS
;
B
3 'polypeptide(L)' STCKECRNYFPINEEASRGDCVRRISDERQSYYTARPTTEAAKCEGCSDYLENTRTAKAH C,F
4 'polypeptide(L)' MKCTECGHEAEVMKFRYHYNPRIDASLSLRQCPECQAVVTVDELKREVLGRMHNGDDPWGKSAGIENLAEG D
#
loop_
_chem_comp.id
_chem_comp.type
_chem_comp.name
_chem_comp.formula
DTT non-polymer 2,3-DIHYDROXY-1,4-DITHIOBUTANE 'C4 H10 O2 S2'
FE non-polymer 'FE (III) ION' 'Fe 3'
FUM non-polymer 'FUMARIC ACID' 'C4 H4 O4'
SF4 non-polymer 'IRON/SULFUR CLUSTER' 'Fe4 S4'
#
# COMPACT_ATOMS: atom_id res chain seq x y z
N CYS A 27 -3.36 43.64 -42.24
CA CYS A 27 -2.43 43.33 -41.17
C CYS A 27 -2.50 41.86 -40.80
N GLU A 28 -1.33 41.22 -40.74
CA GLU A 28 -1.22 39.79 -40.43
C GLU A 28 -2.11 38.96 -41.35
N THR A 29 -2.02 39.22 -42.64
CA THR A 29 -2.75 38.42 -43.62
C THR A 29 -2.08 37.06 -43.80
N VAL A 30 -2.89 36.05 -44.13
CA VAL A 30 -2.43 34.67 -44.30
C VAL A 30 -1.18 34.63 -45.17
N GLU A 31 -1.24 35.29 -46.33
CA GLU A 31 -0.07 35.37 -47.20
C GLU A 31 1.13 35.99 -46.47
N GLU A 32 0.90 37.11 -45.78
CA GLU A 32 1.98 37.75 -45.03
C GLU A 32 2.50 36.85 -43.93
N LEU A 33 1.61 36.14 -43.23
CA LEU A 33 2.05 35.26 -42.16
C LEU A 33 2.90 34.12 -42.71
N ARG A 34 2.52 33.56 -43.86
CA ARG A 34 3.34 32.52 -44.48
C ARG A 34 4.69 33.07 -44.92
N GLU A 35 4.70 34.27 -45.52
CA GLU A 35 5.96 34.84 -46.00
C GLU A 35 6.90 35.16 -44.85
N ASN A 36 6.37 35.71 -43.76
CA ASN A 36 7.17 36.09 -42.60
C ASN A 36 7.35 34.94 -41.62
N GLN A 37 6.81 33.76 -41.94
CA GLN A 37 7.06 32.49 -41.24
C GLN A 37 6.34 32.33 -39.91
N GLN A 38 5.43 33.23 -39.55
CA GLN A 38 4.63 33.02 -38.36
C GLN A 38 3.70 31.83 -38.55
N TRP A 39 3.65 30.95 -37.56
CA TRP A 39 2.81 29.76 -37.63
C TRP A 39 1.70 29.75 -36.60
N TRP A 40 1.89 30.38 -35.45
CA TRP A 40 0.85 30.42 -34.43
C TRP A 40 -0.34 31.27 -34.88
N TRP A 41 -0.07 32.48 -35.37
CA TRP A 41 -1.14 33.34 -35.84
C TRP A 41 -1.74 32.82 -37.14
N LEU A 42 -0.92 32.20 -37.99
CA LEU A 42 -1.46 31.57 -39.20
C LEU A 42 -2.44 30.46 -38.84
N ALA A 43 -2.08 29.61 -37.87
CA ALA A 43 -2.98 28.54 -37.47
C ALA A 43 -4.24 29.09 -36.81
N GLU A 44 -4.10 30.18 -36.06
CA GLU A 44 -5.29 30.84 -35.51
C GLU A 44 -6.22 31.30 -36.62
N ARG A 45 -5.65 31.88 -37.69
CA ARG A 45 -6.47 32.34 -38.81
C ARG A 45 -7.13 31.17 -39.53
N GLU A 46 -6.40 30.07 -39.72
CA GLU A 46 -6.90 28.98 -40.56
C GLU A 46 -8.08 28.24 -39.92
N ARG A 47 -8.03 28.01 -38.62
CA ARG A 47 -8.99 27.10 -38.00
C ARG A 47 -10.41 27.67 -38.00
N SER A 48 -11.37 26.77 -37.87
CA SER A 48 -12.78 27.13 -37.91
C SER A 48 -13.19 27.84 -36.63
N ALA A 49 -14.42 28.38 -36.64
CA ALA A 49 -14.91 29.11 -35.48
C ALA A 49 -15.04 28.22 -34.26
N ARG A 50 -15.58 27.01 -34.44
CA ARG A 50 -15.74 26.11 -33.29
C ARG A 50 -14.40 25.70 -32.71
N LEU A 51 -13.44 25.35 -33.57
CA LEU A 51 -12.11 25.00 -33.08
C LEU A 51 -11.44 26.17 -32.39
N ASP A 52 -11.59 27.38 -32.94
CA ASP A 52 -10.99 28.55 -32.32
C ASP A 52 -11.60 28.80 -30.94
N TYR A 53 -12.92 28.69 -30.82
CA TYR A 53 -13.55 28.90 -29.53
C TYR A 53 -13.10 27.85 -28.52
N LEU A 54 -13.06 26.58 -28.93
CA LEU A 54 -12.67 25.52 -28.00
C LEU A 54 -11.20 25.60 -27.63
N ARG A 55 -10.37 26.14 -28.52
CA ARG A 55 -8.95 26.31 -28.22
C ARG A 55 -8.74 27.49 -27.27
N LYS A 56 -9.48 28.57 -27.44
CA LYS A 56 -9.37 29.70 -26.54
C LYS A 56 -10.20 29.55 -25.27
N ALA A 57 -10.94 28.45 -25.13
CA ALA A 57 -11.75 28.20 -23.95
C ALA A 57 -11.07 27.28 -22.96
N THR A 58 -9.80 26.97 -23.16
CA THR A 58 -9.07 26.04 -22.31
C THR A 58 -8.25 26.81 -21.30
N TRP A 59 -8.37 26.44 -20.03
CA TRP A 59 -7.53 26.97 -18.96
C TRP A 59 -6.28 26.13 -18.87
N LYS A 60 -5.12 26.76 -19.10
CA LYS A 60 -3.86 26.02 -19.09
C LYS A 60 -3.63 25.36 -17.73
N LYS A 61 -3.29 24.08 -17.74
CA LYS A 61 -3.10 23.30 -16.53
C LYS A 61 -1.62 23.05 -16.22
N GLY A 62 -0.72 23.72 -16.92
CA GLY A 62 0.69 23.57 -16.64
C GLY A 62 1.13 24.37 -15.43
N ALA A 63 2.34 24.07 -14.97
CA ALA A 63 2.93 24.73 -13.81
C ALA A 63 4.06 25.64 -14.28
N LEU A 64 3.97 26.92 -13.94
CA LEU A 64 5.08 27.85 -14.16
C LEU A 64 6.00 27.74 -12.96
N GLY A 65 7.11 27.04 -13.13
CA GLY A 65 7.92 26.67 -11.99
C GLY A 65 7.20 25.66 -11.12
N GLY A 66 6.93 26.04 -9.88
CA GLY A 66 6.10 25.23 -9.00
C GLY A 66 4.69 25.76 -8.81
N ASN A 67 4.30 26.82 -9.52
CA ASN A 67 3.02 27.47 -9.34
C ASN A 67 2.14 27.28 -10.57
N TYR A 68 0.85 27.09 -10.35
CA TYR A 68 -0.10 26.94 -11.44
C TYR A 68 -0.49 28.31 -11.98
N PHE A 69 -1.32 28.30 -13.03
CA PHE A 69 -1.80 29.54 -13.62
C PHE A 69 -2.68 30.29 -12.62
N ASP A 70 -2.75 31.61 -12.80
CA ASP A 70 -3.38 32.46 -11.79
C ASP A 70 -4.86 32.12 -11.63
N GLY A 71 -5.57 31.91 -12.73
CA GLY A 71 -7.00 31.64 -12.65
C GLY A 71 -7.35 30.24 -12.19
N ILE A 72 -6.38 29.32 -12.18
CA ILE A 72 -6.65 27.95 -11.79
C ILE A 72 -7.06 27.90 -10.33
N ARG A 73 -8.02 27.02 -10.02
CA ARG A 73 -8.48 26.81 -8.66
C ARG A 73 -8.44 25.33 -8.34
N LEU A 74 -8.30 25.01 -7.06
CA LEU A 74 -8.30 23.63 -6.61
C LEU A 74 -9.74 23.16 -6.45
N ASP A 75 -10.02 21.96 -6.96
CA ASP A 75 -11.35 21.40 -6.83
C ASP A 75 -11.54 20.87 -5.42
N LEU A 76 -12.59 21.34 -4.75
CA LEU A 76 -12.99 20.81 -3.46
C LEU A 76 -14.15 19.84 -3.56
N GLU A 77 -14.85 19.83 -4.70
CA GLU A 77 -16.00 18.93 -4.85
C GLU A 77 -15.56 17.48 -4.86
N TYR A 78 -14.58 17.14 -5.71
CA TYR A 78 -14.13 15.76 -5.77
C TYR A 78 -13.52 15.28 -4.46
N PRO A 79 -12.58 16.00 -3.81
CA PRO A 79 -12.07 15.50 -2.52
C PRO A 79 -13.13 15.39 -1.45
N THR A 80 -14.05 16.35 -1.35
CA THR A 80 -15.11 16.25 -0.35
C THR A 80 -16.00 15.04 -0.60
N LEU A 81 -16.44 14.86 -1.84
CA LEU A 81 -17.30 13.72 -2.16
C LEU A 81 -16.57 12.41 -1.94
N PHE A 82 -15.31 12.33 -2.37
CA PHE A 82 -14.55 11.08 -2.21
C PHE A 82 -14.33 10.76 -0.74
N THR A 83 -13.98 11.75 0.06
CA THR A 83 -13.79 11.51 1.49
C THR A 83 -15.09 11.09 2.16
N GLU A 84 -16.19 11.75 1.82
CA GLU A 84 -17.49 11.41 2.41
C GLU A 84 -17.89 9.99 2.06
N ALA A 85 -17.70 9.60 0.80
CA ALA A 85 -18.04 8.23 0.40
C ALA A 85 -17.07 7.22 1.02
N TRP A 86 -15.80 7.58 1.12
CA TRP A 86 -14.79 6.67 1.66
C TRP A 86 -15.05 6.39 3.14
N LYS A 87 -15.48 7.41 3.90
CA LYS A 87 -15.80 7.19 5.30
C LYS A 87 -17.00 6.28 5.50
N LYS A 88 -17.85 6.12 4.49
CA LYS A 88 -19.08 5.36 4.68
C LYS A 88 -18.85 3.85 4.72
N TYR A 89 -17.73 3.36 4.18
CA TYR A 89 -17.45 1.92 4.13
C TYR A 89 -16.08 1.65 4.72
N PRO A 90 -15.93 1.76 6.04
CA PRO A 90 -14.62 1.48 6.65
C PRO A 90 -14.15 0.05 6.46
N ASN A 91 -15.06 -0.92 6.38
CA ASN A 91 -14.70 -2.33 6.41
C ASN A 91 -14.45 -2.93 5.03
N ASP A 92 -14.73 -2.20 3.96
CA ASP A 92 -14.61 -2.77 2.63
C ASP A 92 -13.13 -2.88 2.21
N PRO A 93 -12.81 -3.83 1.35
CA PRO A 93 -11.45 -3.90 0.82
C PRO A 93 -11.11 -2.66 0.00
N SER A 94 -9.81 -2.45 -0.20
CA SER A 94 -9.33 -1.20 -0.78
C SER A 94 -9.94 -0.94 -2.16
N MET A 95 -9.92 -1.94 -3.04
CA MET A 95 -10.40 -1.72 -4.38
C MET A 95 -11.92 -1.59 -4.44
N LEU A 96 -12.64 -2.41 -3.67
CA LEU A 96 -14.09 -2.26 -3.61
C LEU A 96 -14.48 -0.91 -3.00
N ARG A 97 -13.77 -0.50 -1.94
CA ARG A 97 -14.06 0.78 -1.31
C ARG A 97 -13.80 1.94 -2.28
N ARG A 98 -12.70 1.87 -3.03
CA ARG A 98 -12.43 2.91 -4.01
C ARG A 98 -13.48 2.90 -5.11
N ALA A 99 -13.94 1.72 -5.50
CA ALA A 99 -14.99 1.63 -6.51
C ALA A 99 -16.26 2.31 -6.04
N LYS A 100 -16.67 2.02 -4.80
CA LYS A 100 -17.86 2.67 -4.25
C LYS A 100 -17.68 4.18 -4.16
N ALA A 101 -16.51 4.62 -3.70
CA ALA A 101 -16.26 6.05 -3.55
C ALA A 101 -16.31 6.77 -4.90
N THR A 102 -15.68 6.18 -5.92
CA THR A 102 -15.68 6.83 -7.23
C THR A 102 -17.05 6.75 -7.88
N ALA A 103 -17.83 5.70 -7.59
CA ALA A 103 -19.20 5.66 -8.07
C ALA A 103 -20.01 6.79 -7.46
N TYR A 104 -19.87 7.02 -6.16
CA TYR A 104 -20.57 8.13 -5.52
C TYR A 104 -20.13 9.46 -6.09
N VAL A 105 -18.83 9.63 -6.35
CA VAL A 105 -18.33 10.87 -6.93
C VAL A 105 -18.94 11.09 -8.31
N LEU A 106 -18.90 10.07 -9.17
CA LEU A 106 -19.45 10.20 -10.50
C LEU A 106 -20.94 10.51 -10.46
N ASP A 107 -21.65 9.93 -9.49
CA ASP A 107 -23.06 10.25 -9.33
C ASP A 107 -23.28 11.70 -8.94
N ASN A 108 -22.45 12.24 -8.05
CA ASN A 108 -22.73 13.53 -7.44
C ASN A 108 -21.83 14.66 -7.91
N ILE A 109 -20.81 14.39 -8.73
CA ILE A 109 -19.92 15.47 -9.15
C ILE A 109 -20.63 16.37 -10.15
N SER A 110 -20.24 17.64 -10.20
CA SER A 110 -20.74 18.55 -11.21
C SER A 110 -20.13 18.19 -12.57
N ILE A 111 -20.98 18.11 -13.59
CA ILE A 111 -20.56 17.81 -14.95
C ILE A 111 -21.01 18.94 -15.85
N PHE A 112 -20.16 19.31 -16.81
CA PHE A 112 -20.43 20.49 -17.61
C PHE A 112 -20.15 20.21 -19.08
N ILE A 113 -20.78 21.00 -19.94
CA ILE A 113 -20.57 20.96 -21.38
C ILE A 113 -20.25 22.38 -21.85
N THR A 114 -19.16 22.52 -22.59
CA THR A 114 -18.78 23.82 -23.11
C THR A 114 -19.78 24.25 -24.19
N ASP A 115 -19.70 25.53 -24.57
CA ASP A 115 -20.70 26.12 -25.47
C ASP A 115 -20.73 25.41 -26.81
N SER A 116 -19.57 25.20 -27.42
CA SER A 116 -19.47 24.65 -28.77
C SER A 116 -18.75 23.31 -28.77
N ALA A 117 -19.01 22.47 -27.77
CA ALA A 117 -18.33 21.20 -27.64
C ALA A 117 -19.16 20.07 -28.22
N GLN A 118 -18.53 19.23 -29.05
CA GLN A 118 -19.13 18.00 -29.52
C GLN A 118 -18.67 16.78 -28.73
N LEU A 119 -17.57 16.89 -28.00
CA LEU A 119 -17.06 15.82 -27.15
C LEU A 119 -17.14 16.29 -25.70
N VAL A 120 -17.69 15.45 -24.84
CA VAL A 120 -17.88 15.81 -23.44
C VAL A 120 -17.00 14.91 -22.58
N GLY A 121 -16.77 15.37 -21.35
CA GLY A 121 -15.94 14.63 -20.41
C GLY A 121 -14.86 15.50 -19.81
N TYR A 122 -14.70 15.42 -18.49
CA TYR A 122 -13.72 16.25 -17.80
C TYR A 122 -13.46 15.66 -16.43
N VAL A 123 -12.25 15.87 -15.93
CA VAL A 123 -11.85 15.41 -14.61
C VAL A 123 -11.83 16.63 -13.70
N GLY A 124 -12.94 16.87 -13.01
CA GLY A 124 -13.08 18.03 -12.17
C GLY A 124 -14.53 18.48 -12.16
N SER A 125 -14.75 19.65 -11.56
CA SER A 125 -16.08 20.22 -11.48
C SER A 125 -16.27 21.47 -12.32
N ALA A 126 -15.20 22.01 -12.90
CA ALA A 126 -15.29 23.21 -13.71
C ALA A 126 -14.11 23.24 -14.66
N PRO A 127 -14.24 23.89 -15.82
CA PRO A 127 -13.13 23.90 -16.79
C PRO A 127 -11.87 24.55 -16.24
N HIS A 128 -11.99 25.52 -15.34
CA HIS A 128 -10.84 26.26 -14.83
C HIS A 128 -10.25 25.62 -13.58
N THR A 129 -10.46 24.32 -13.38
CA THR A 129 -10.18 23.70 -12.10
C THR A 129 -9.45 22.38 -12.29
N ILE A 130 -8.50 22.11 -11.40
CA ILE A 130 -7.70 20.88 -11.43
C ILE A 130 -8.23 19.93 -10.37
N ALA A 131 -8.02 18.64 -10.60
CA ALA A 131 -8.44 17.60 -9.67
C ALA A 131 -7.33 17.34 -8.65
N TRP A 132 -7.75 16.91 -7.47
CA TRP A 132 -6.84 16.65 -6.35
C TRP A 132 -6.90 15.17 -6.01
N ARG A 133 -5.75 14.50 -6.05
CA ARG A 133 -5.64 13.10 -5.64
C ARG A 133 -5.54 13.07 -4.12
N VAL A 134 -6.65 12.71 -3.47
CA VAL A 134 -6.74 12.87 -2.02
C VAL A 134 -5.81 11.92 -1.30
N ASP A 135 -5.83 10.65 -1.67
CA ASP A 135 -5.01 9.64 -1.01
C ASP A 135 -3.74 9.33 -1.77
N GLY A 136 -3.25 10.28 -2.57
CA GLY A 136 -1.95 10.09 -3.19
C GLY A 136 -0.82 10.05 -2.18
N ALA A 137 -0.67 11.13 -1.42
CA ALA A 137 0.37 11.18 -0.40
C ALA A 137 0.03 12.29 0.59
N SER A 138 0.48 12.10 1.83
CA SER A 138 0.30 13.13 2.86
C SER A 138 1.16 14.34 2.57
N THR A 139 2.35 14.13 2.00
CA THR A 139 3.18 15.25 1.55
C THR A 139 2.47 16.04 0.46
N VAL A 140 1.79 15.35 -0.45
CA VAL A 140 1.05 16.04 -1.51
C VAL A 140 -0.08 16.86 -0.91
N ASN A 141 -0.77 16.33 0.10
CA ASN A 141 -1.83 17.08 0.76
C ASN A 141 -1.26 18.32 1.46
N SER A 142 -0.11 18.18 2.11
CA SER A 142 0.53 19.33 2.73
C SER A 142 0.91 20.38 1.69
N GLU A 143 1.41 19.92 0.53
CA GLU A 143 1.71 20.86 -0.55
C GLU A 143 0.46 21.54 -1.07
N VAL A 144 -0.66 20.82 -1.10
CA VAL A 144 -1.93 21.40 -1.49
C VAL A 144 -2.31 22.52 -0.53
N TYR A 145 -2.16 22.26 0.77
CA TYR A 145 -2.45 23.30 1.75
C TYR A 145 -1.51 24.48 1.60
N ASN A 146 -0.25 24.22 1.27
CA ASN A 146 0.76 25.27 1.15
C ASN A 146 0.76 25.96 -0.20
N GLU A 147 0.04 25.45 -1.18
CA GLU A 147 0.10 26.05 -2.51
C GLU A 147 -0.63 27.39 -2.52
N PRO A 148 0.01 28.46 -2.99
CA PRO A 148 -0.64 29.76 -3.02
C PRO A 148 -1.47 30.00 -4.27
N GLY A 149 -2.64 30.61 -4.08
CA GLY A 149 -3.45 31.10 -5.18
C GLY A 149 -4.34 30.07 -5.84
N ILE A 150 -4.41 28.85 -5.34
CA ILE A 150 -5.28 27.83 -5.92
C ILE A 150 -6.53 27.61 -5.09
N HIS A 151 -6.76 28.43 -4.06
CA HIS A 151 -7.94 28.29 -3.22
C HIS A 151 -8.96 29.36 -3.56
N ALA A 152 -10.23 29.04 -3.31
CA ALA A 152 -11.34 29.88 -3.74
C ALA A 152 -11.32 31.23 -3.02
N GLU A 153 -12.26 32.09 -3.40
CA GLU A 153 -12.30 33.44 -2.84
C GLU A 153 -12.42 33.46 -1.33
N PRO A 154 -13.29 32.68 -0.68
CA PRO A 154 -13.22 32.59 0.78
C PRO A 154 -11.99 31.82 1.22
N GLU A 155 -10.82 32.46 1.13
CA GLU A 155 -9.56 31.78 1.39
C GLU A 155 -9.55 31.12 2.76
N ALA A 156 -10.09 31.80 3.78
CA ALA A 156 -10.17 31.19 5.10
C ALA A 156 -11.03 29.93 5.07
N GLU A 157 -12.20 30.00 4.45
CA GLU A 157 -13.10 28.85 4.39
C GLU A 157 -12.51 27.72 3.55
N SER A 158 -11.92 28.07 2.40
CA SER A 158 -11.33 27.04 1.54
C SER A 158 -10.17 26.34 2.24
N LEU A 159 -9.31 27.11 2.90
CA LEU A 159 -8.19 26.52 3.62
C LEU A 159 -8.68 25.70 4.80
N LYS A 160 -9.76 26.13 5.46
CA LYS A 160 -10.33 25.33 6.54
C LYS A 160 -10.83 23.98 6.03
N LYS A 161 -11.51 23.99 4.88
CA LYS A 161 -11.96 22.72 4.30
C LYS A 161 -10.78 21.84 3.90
N VAL A 162 -9.74 22.43 3.32
CA VAL A 162 -8.56 21.66 2.94
C VAL A 162 -7.91 21.05 4.17
N ALA A 163 -7.79 21.82 5.25
CA ALA A 163 -7.21 21.30 6.48
C ALA A 163 -8.07 20.20 7.08
N GLU A 164 -9.40 20.35 7.01
CA GLU A 164 -10.27 19.31 7.53
C GLU A 164 -10.11 18.01 6.74
N ILE A 165 -9.95 18.13 5.42
CA ILE A 165 -9.69 16.94 4.60
C ILE A 165 -8.34 16.32 4.98
N ASN A 166 -7.31 17.16 5.10
CA ASN A 166 -5.96 16.66 5.38
C ASN A 166 -5.90 15.96 6.73
N SER A 167 -6.59 16.50 7.74
CA SER A 167 -6.54 15.91 9.06
C SER A 167 -7.03 14.47 9.05
N TYR A 168 -8.10 14.20 8.31
CA TYR A 168 -8.55 12.82 8.18
C TYR A 168 -7.61 12.00 7.32
N TRP A 169 -7.14 12.56 6.21
CA TRP A 169 -6.36 11.79 5.25
C TRP A 169 -4.87 11.75 5.55
N ASN A 170 -4.44 12.33 6.66
CA ASN A 170 -3.03 12.33 7.03
C ASN A 170 -2.71 11.05 7.79
N GLY A 171 -1.81 10.24 7.24
CA GLY A 171 -1.32 9.07 7.93
C GLY A 171 -1.69 7.74 7.30
N GLN A 172 -2.94 7.58 6.87
CA GLN A 172 -3.42 6.34 6.28
C GLN A 172 -3.33 6.34 4.77
N THR A 173 -2.34 7.02 4.21
CA THR A 173 -2.17 7.12 2.78
C THR A 173 -1.24 6.03 2.26
N ALA A 174 -1.43 5.65 0.99
CA ALA A 174 -0.69 4.53 0.44
C ALA A 174 0.82 4.79 0.41
N VAL A 175 1.22 6.00 0.03
CA VAL A 175 2.64 6.33 0.01
C VAL A 175 3.22 6.27 1.43
N ASP A 176 2.42 6.68 2.42
CA ASP A 176 2.85 6.53 3.81
C ASP A 176 3.05 5.07 4.16
N LYS A 177 2.15 4.19 3.69
CA LYS A 177 2.32 2.77 3.95
C LYS A 177 3.60 2.24 3.30
N VAL A 178 3.87 2.65 2.07
CA VAL A 178 5.09 2.22 1.39
C VAL A 178 6.32 2.69 2.16
N GLY A 179 6.31 3.96 2.60
CA GLY A 179 7.43 4.48 3.37
C GLY A 179 7.63 3.75 4.67
N ARG A 180 6.53 3.34 5.32
CA ARG A 180 6.62 2.58 6.55
C ARG A 180 6.97 1.12 6.34
N LEU A 181 6.88 0.61 5.11
CA LEU A 181 7.15 -0.80 4.85
C LEU A 181 8.59 -1.06 4.43
N ILE A 182 9.14 -0.23 3.54
CA ILE A 182 10.48 -0.43 3.01
C ILE A 182 11.51 -0.19 4.10
N ASP A 183 12.76 -0.55 3.83
CA ASP A 183 13.83 -0.29 4.78
C ASP A 183 13.91 1.21 5.05
N PRO A 184 14.07 1.63 6.31
CA PRO A 184 14.03 3.06 6.61
C PRO A 184 15.06 3.88 5.87
N GLU A 185 16.24 3.31 5.63
CA GLU A 185 17.25 4.02 4.86
C GLU A 185 16.78 4.29 3.44
N ASP A 186 16.15 3.29 2.82
CA ASP A 186 15.61 3.47 1.47
C ASP A 186 14.52 4.53 1.46
N ALA A 187 13.63 4.51 2.45
CA ALA A 187 12.57 5.50 2.50
C ALA A 187 13.13 6.91 2.68
N VAL A 188 14.12 7.06 3.56
CA VAL A 188 14.67 8.39 3.81
C VAL A 188 15.41 8.91 2.59
N LYS A 189 16.22 8.06 1.95
CA LYS A 189 17.01 8.55 0.83
C LYS A 189 16.17 8.75 -0.43
N PHE A 190 15.19 7.86 -0.66
CA PHE A 190 14.36 7.94 -1.86
C PHE A 190 13.55 9.23 -1.87
N PHE A 191 12.84 9.51 -0.78
CA PHE A 191 11.99 10.69 -0.71
C PHE A 191 12.76 11.95 -0.32
N SER A 192 14.08 11.86 -0.20
CA SER A 192 14.89 13.04 0.09
C SER A 192 14.84 14.06 -1.04
N GLY A 193 14.46 13.64 -2.24
CA GLY A 193 14.40 14.54 -3.37
C GLY A 193 15.72 14.78 -4.07
N ALA A 194 16.75 14.01 -3.75
CA ALA A 194 18.06 14.20 -4.36
C ALA A 194 18.38 13.18 -5.43
N ILE A 195 17.91 11.94 -5.30
CA ILE A 195 18.28 10.87 -6.22
C ILE A 195 17.09 10.26 -6.95
N GLY A 196 15.87 10.51 -6.51
CA GLY A 196 14.70 9.89 -7.11
C GLY A 196 13.76 10.92 -7.71
N TRP A 197 13.04 10.49 -8.74
CA TRP A 197 12.03 11.32 -9.39
C TRP A 197 10.77 10.51 -9.62
N GLY A 198 10.33 9.79 -8.60
CA GLY A 198 9.15 8.97 -8.77
C GLY A 198 8.46 8.71 -7.45
N THR A 199 7.25 8.17 -7.55
CA THR A 199 6.43 7.82 -6.40
C THR A 199 6.02 6.36 -6.52
N PRO A 200 6.33 5.50 -5.56
CA PRO A 200 6.07 4.06 -5.70
C PRO A 200 4.63 3.69 -5.38
N SER A 201 3.70 4.18 -6.20
CA SER A 201 2.30 3.82 -6.06
C SER A 201 1.57 4.14 -7.36
N SER A 202 0.41 3.53 -7.53
CA SER A 202 -0.46 3.86 -8.65
C SER A 202 -1.17 5.19 -8.46
N ALA A 203 -1.07 5.79 -7.27
CA ALA A 203 -1.70 7.08 -7.03
C ALA A 203 -1.16 8.15 -7.96
N PHE A 204 0.15 8.17 -8.17
CA PHE A 204 0.79 9.10 -9.08
C PHE A 204 1.62 8.32 -10.09
N GLY A 205 1.56 8.75 -11.34
CA GLY A 205 2.24 8.05 -12.42
C GLY A 205 1.35 7.86 -13.62
N TYR A 206 1.23 6.64 -14.10
CA TYR A 206 0.35 6.31 -15.21
C TYR A 206 0.18 4.80 -15.27
N SER A 207 -0.45 4.32 -16.33
CA SER A 207 -0.66 2.90 -16.52
C SER A 207 -0.86 2.64 -18.01
N GLY A 208 -0.72 1.37 -18.39
CA GLY A 208 -0.96 0.97 -19.76
C GLY A 208 -2.40 0.52 -19.95
N LYS A 209 -2.96 0.89 -21.09
CA LYS A 209 -4.34 0.56 -21.43
C LYS A 209 -4.37 -0.62 -22.39
N ASN A 210 -5.16 -1.64 -22.06
CA ASN A 210 -5.27 -2.84 -22.87
C ASN A 210 -6.25 -2.57 -24.01
N PHE A 211 -5.78 -1.79 -24.99
CA PHE A 211 -6.63 -1.41 -26.12
C PHE A 211 -7.09 -2.63 -26.91
N GLU A 212 -6.32 -3.71 -26.91
CA GLU A 212 -6.73 -4.92 -27.60
C GLU A 212 -7.98 -5.53 -26.99
N TYR A 213 -8.33 -5.16 -25.76
CA TYR A 213 -9.49 -5.74 -25.08
C TYR A 213 -10.75 -4.91 -25.31
N PHE A 214 -10.70 -3.64 -24.92
CA PHE A 214 -11.89 -2.80 -24.94
C PHE A 214 -11.98 -1.89 -26.17
N MET A 215 -11.05 -1.99 -27.11
CA MET A 215 -11.02 -1.09 -28.26
C MET A 215 -10.81 -1.86 -29.55
N LYS A 216 -11.62 -2.90 -29.75
CA LYS A 216 -11.57 -3.67 -31.00
C LYS A 216 -12.92 -3.74 -31.72
N GLY A 217 -13.90 -2.95 -31.28
CA GLY A 217 -15.18 -2.87 -31.96
C GLY A 217 -16.18 -3.95 -31.59
N ASP A 218 -15.79 -4.92 -30.77
CA ASP A 218 -16.71 -5.96 -30.32
C ASP A 218 -16.97 -5.95 -28.83
N ARG A 219 -16.14 -5.24 -28.09
CA ARG A 219 -16.31 -5.18 -26.65
C ARG A 219 -16.42 -3.77 -26.11
N ALA A 220 -17.48 -3.53 -25.36
CA ALA A 220 -17.67 -2.25 -24.70
C ALA A 220 -17.98 -2.51 -23.23
N PHE A 221 -18.42 -1.48 -22.50
CA PHE A 221 -18.63 -1.65 -21.07
C PHE A 221 -19.72 -2.69 -20.78
N SER A 222 -20.76 -2.74 -21.62
CA SER A 222 -21.82 -3.73 -21.40
C SER A 222 -21.30 -5.15 -21.61
N GLN A 223 -20.48 -5.37 -22.63
CA GLN A 223 -19.92 -6.69 -22.86
C GLN A 223 -19.00 -7.11 -21.72
N ILE A 224 -18.17 -6.17 -21.25
CA ILE A 224 -17.30 -6.47 -20.12
C ILE A 224 -18.11 -6.77 -18.87
N ILE A 225 -19.22 -6.05 -18.67
CA ILE A 225 -20.09 -6.31 -17.55
C ILE A 225 -20.73 -7.68 -17.67
N ALA A 226 -21.09 -8.09 -18.89
CA ALA A 226 -21.64 -9.43 -19.09
C ALA A 226 -20.61 -10.50 -18.76
N GLU A 227 -19.37 -10.30 -19.19
CA GLU A 227 -18.31 -11.26 -18.85
C GLU A 227 -18.09 -11.33 -17.34
N ILE A 228 -18.07 -10.17 -16.68
CA ILE A 228 -17.91 -10.13 -15.23
C ILE A 228 -19.09 -10.83 -14.56
N ASP A 229 -20.29 -10.65 -15.09
CA ASP A 229 -21.47 -11.31 -14.53
C ASP A 229 -21.36 -12.82 -14.65
N GLU A 230 -20.90 -13.31 -15.80
CA GLU A 230 -20.72 -14.75 -15.96
C GLU A 230 -19.69 -15.28 -14.96
N LYS A 231 -18.57 -14.56 -14.80
CA LYS A 231 -17.56 -14.99 -13.84
C LYS A 231 -18.09 -14.96 -12.42
N ILE A 232 -18.86 -13.92 -12.08
CA ILE A 232 -19.45 -13.83 -10.75
C ILE A 232 -20.43 -14.96 -10.52
N ASP A 233 -21.22 -15.31 -11.54
CA ASP A 233 -22.17 -16.40 -11.41
C ASP A 233 -21.46 -17.72 -11.15
N GLU A 234 -20.42 -18.01 -11.93
CA GLU A 234 -19.70 -19.27 -11.72
C GLU A 234 -19.00 -19.28 -10.37
N ALA A 235 -18.45 -18.14 -9.95
CA ALA A 235 -17.79 -18.06 -8.65
C ALA A 235 -18.78 -18.27 -7.51
N GLU A 236 -19.95 -17.65 -7.60
CA GLU A 236 -20.96 -17.83 -6.55
C GLU A 236 -21.47 -19.25 -6.51
N GLU A 237 -21.65 -19.87 -7.68
CA GLU A 237 -22.04 -21.27 -7.72
C GLU A 237 -20.98 -22.15 -7.06
N ALA A 238 -19.71 -21.85 -7.30
CA ALA A 238 -18.64 -22.61 -6.64
C ALA A 238 -18.65 -22.40 -5.15
N THR A 239 -18.86 -21.16 -4.70
CA THR A 239 -18.78 -20.82 -3.27
C THR A 239 -20.06 -21.12 -2.52
N ILE A 240 -21.12 -21.57 -3.21
CA ILE A 240 -22.36 -21.96 -2.54
C ILE A 240 -22.53 -23.47 -2.46
N GLY A 241 -21.67 -24.25 -3.12
CA GLY A 241 -21.82 -25.69 -3.13
C GLY A 241 -20.81 -26.44 -2.30
N THR A 242 -20.14 -27.40 -2.93
CA THR A 242 -19.24 -28.28 -2.22
C THR A 242 -18.04 -27.51 -1.69
N PRO A 243 -17.66 -27.70 -0.42
CA PRO A 243 -16.51 -26.97 0.12
C PRO A 243 -15.21 -27.70 -0.19
N SER A 244 -14.35 -27.04 -0.94
CA SER A 244 -13.02 -27.52 -1.30
C SER A 244 -12.09 -26.33 -1.23
N PRO A 245 -10.79 -26.56 -1.03
CA PRO A 245 -9.85 -25.43 -0.93
C PRO A 245 -9.76 -24.58 -2.18
N HIS A 246 -10.17 -25.09 -3.35
N HIS A 246 -10.18 -25.08 -3.34
CA HIS A 246 -10.09 -24.31 -4.57
CA HIS A 246 -10.06 -24.29 -4.56
C HIS A 246 -10.97 -23.07 -4.49
C HIS A 246 -10.98 -23.07 -4.51
N ILE A 247 -12.10 -23.17 -3.78
CA ILE A 247 -12.99 -22.02 -3.62
C ILE A 247 -12.48 -21.03 -2.58
N LEU A 248 -11.42 -21.38 -1.83
CA LEU A 248 -10.93 -20.47 -0.81
C LEU A 248 -10.45 -19.12 -1.35
N PRO A 249 -9.64 -19.06 -2.41
CA PRO A 249 -9.24 -17.75 -2.94
C PRO A 249 -10.31 -17.06 -3.76
N LEU A 250 -11.49 -17.67 -3.91
CA LEU A 250 -12.52 -17.08 -4.75
C LEU A 250 -13.16 -15.85 -4.13
N TYR A 251 -13.27 -15.80 -2.80
CA TYR A 251 -14.05 -14.73 -2.18
C TYR A 251 -13.46 -13.36 -2.49
N ASP A 252 -12.15 -13.20 -2.30
CA ASP A 252 -11.50 -11.95 -2.69
C ASP A 252 -11.75 -11.67 -4.16
N LYS A 253 -11.61 -12.68 -5.02
CA LYS A 253 -11.90 -12.50 -6.43
C LYS A 253 -13.30 -11.95 -6.62
N LEU A 254 -14.27 -12.52 -5.90
CA LEU A 254 -15.64 -12.03 -6.02
C LEU A 254 -15.70 -10.54 -5.73
N ASN A 255 -15.08 -10.12 -4.62
CA ASN A 255 -15.08 -8.70 -4.28
C ASN A 255 -14.46 -7.90 -5.42
N ASN A 256 -13.31 -8.36 -5.92
CA ASN A 256 -12.68 -7.67 -7.03
C ASN A 256 -13.64 -7.55 -8.20
N TRP A 257 -14.26 -8.68 -8.58
CA TRP A 257 -15.17 -8.64 -9.72
C TRP A 257 -16.30 -7.66 -9.45
N HIS A 258 -16.86 -7.71 -8.23
CA HIS A 258 -17.96 -6.80 -7.93
C HIS A 258 -17.50 -5.36 -8.10
N ALA A 259 -16.33 -5.04 -7.55
CA ALA A 259 -15.81 -3.69 -7.67
C ALA A 259 -15.76 -3.28 -9.14
N MET A 260 -15.17 -4.14 -9.98
CA MET A 260 -15.03 -3.78 -11.39
C MET A 260 -16.41 -3.55 -11.98
N LYS A 261 -17.33 -4.49 -11.76
CA LYS A 261 -18.66 -4.33 -12.32
C LYS A 261 -19.29 -3.05 -11.81
N LEU A 262 -19.16 -2.80 -10.51
CA LEU A 262 -19.76 -1.60 -9.94
C LEU A 262 -19.24 -0.36 -10.65
N VAL A 263 -17.92 -0.24 -10.80
CA VAL A 263 -17.39 0.99 -11.36
C VAL A 263 -17.85 1.12 -12.80
N LEU A 264 -17.92 -0.01 -13.52
CA LEU A 264 -18.37 0.03 -14.90
C LEU A 264 -19.79 0.56 -14.97
N GLU A 265 -20.66 0.05 -14.09
CA GLU A 265 -22.03 0.55 -14.06
C GLU A 265 -22.05 2.05 -13.79
N ALA A 266 -21.23 2.49 -12.83
CA ALA A 266 -21.17 3.91 -12.53
C ALA A 266 -20.78 4.69 -13.76
N ALA A 267 -19.80 4.17 -14.51
CA ALA A 267 -19.36 4.86 -15.72
C ALA A 267 -20.52 5.04 -16.67
N ILE A 268 -21.33 3.99 -16.86
CA ILE A 268 -22.49 4.10 -17.74
C ILE A 268 -23.42 5.19 -17.22
N ARG A 269 -23.69 5.17 -15.91
CA ARG A 269 -24.54 6.19 -15.33
C ARG A 269 -23.91 7.56 -15.52
N PHE A 270 -22.59 7.64 -15.40
CA PHE A 270 -21.91 8.90 -15.64
C PHE A 270 -22.21 9.40 -17.04
N ALA A 271 -22.05 8.53 -18.04
CA ALA A 271 -22.35 8.93 -19.41
C ALA A 271 -23.81 9.35 -19.51
N GLY A 272 -24.70 8.60 -18.86
CA GLY A 272 -26.10 8.95 -18.92
C GLY A 272 -26.35 10.37 -18.43
N ARG A 273 -25.66 10.78 -17.37
CA ARG A 273 -25.83 12.12 -16.86
C ARG A 273 -25.55 13.13 -17.96
N TYR A 274 -24.41 12.99 -18.64
CA TYR A 274 -24.08 13.92 -19.70
C TYR A 274 -25.18 13.94 -20.74
N ALA A 275 -25.68 12.76 -21.13
CA ALA A 275 -26.74 12.70 -22.14
C ALA A 275 -27.93 13.52 -21.68
N ARG A 276 -28.37 13.33 -20.43
CA ARG A 276 -29.51 14.09 -19.95
C ARG A 276 -29.23 15.58 -20.04
N LEU A 277 -28.05 16.00 -19.59
CA LEU A 277 -27.72 17.41 -19.64
C LEU A 277 -27.75 17.91 -21.08
N ALA A 278 -27.20 17.12 -22.01
CA ALA A 278 -27.19 17.53 -23.41
C ALA A 278 -28.61 17.75 -23.89
N ARG A 279 -29.52 16.83 -23.56
CA ARG A 279 -30.89 16.99 -24.01
C ARG A 279 -31.49 18.26 -23.45
N VAL A 280 -31.20 18.54 -22.17
CA VAL A 280 -31.71 19.76 -21.57
C VAL A 280 -31.18 20.97 -22.34
N MET A 281 -29.88 20.96 -22.66
CA MET A 281 -29.32 22.05 -23.43
C MET A 281 -30.00 22.14 -24.79
N ALA A 282 -30.27 20.99 -25.40
CA ALA A 282 -30.95 20.99 -26.69
C ALA A 282 -32.33 21.63 -26.59
N ALA A 283 -32.98 21.49 -25.44
CA ALA A 283 -34.26 22.17 -25.24
C ALA A 283 -34.10 23.67 -25.25
N LYS A 284 -33.04 24.18 -24.61
CA LYS A 284 -32.88 25.62 -24.45
C LYS A 284 -32.46 26.30 -25.75
N GLU A 285 -31.67 25.61 -26.57
CA GLU A 285 -31.03 26.25 -27.70
C GLU A 285 -32.05 26.69 -28.74
N THR A 286 -31.89 27.91 -29.24
CA THR A 286 -32.73 28.45 -30.30
C THR A 286 -32.07 28.36 -31.68
N ASP A 287 -30.87 27.79 -31.76
CA ASP A 287 -30.19 27.59 -33.03
C ASP A 287 -30.36 26.15 -33.46
N GLU A 288 -30.83 25.95 -34.70
CA GLU A 288 -31.17 24.60 -35.16
C GLU A 288 -29.92 23.73 -35.26
N GLN A 289 -28.82 24.28 -35.78
CA GLN A 289 -27.60 23.48 -35.93
C GLN A 289 -27.05 23.06 -34.58
N ARG A 290 -27.01 23.99 -33.61
CA ARG A 290 -26.51 23.65 -32.29
C ARG A 290 -27.43 22.66 -31.59
N LYS A 291 -28.75 22.80 -31.80
CA LYS A 291 -29.69 21.83 -31.25
C LYS A 291 -29.44 20.44 -31.83
N LYS A 292 -29.21 20.36 -33.13
CA LYS A 292 -28.92 19.09 -33.78
C LYS A 292 -27.63 18.48 -33.23
N GLU A 293 -26.60 19.30 -33.07
CA GLU A 293 -25.34 18.80 -32.53
C GLU A 293 -25.49 18.32 -31.10
N LEU A 294 -26.26 19.04 -30.28
CA LEU A 294 -26.49 18.61 -28.91
C LEU A 294 -27.26 17.30 -28.86
N LEU A 295 -28.24 17.13 -29.75
CA LEU A 295 -28.95 15.87 -29.83
C LEU A 295 -28.03 14.73 -30.24
N ARG A 296 -27.12 15.01 -31.19
CA ARG A 296 -26.14 13.99 -31.59
C ARG A 296 -25.23 13.62 -30.43
N VAL A 297 -24.81 14.62 -29.64
CA VAL A 297 -24.00 14.36 -28.45
C VAL A 297 -24.77 13.51 -27.46
N ALA A 298 -26.05 13.81 -27.26
CA ALA A 298 -26.87 13.01 -26.34
C ALA A 298 -26.97 11.57 -26.81
N GLU A 299 -27.21 11.36 -28.10
CA GLU A 299 -27.28 9.99 -28.62
C GLU A 299 -25.94 9.29 -28.49
N THR A 300 -24.85 10.01 -28.72
CA THR A 300 -23.51 9.43 -28.56
C THR A 300 -23.28 8.97 -27.13
N CYS A 301 -23.56 9.84 -26.17
CA CYS A 301 -23.40 9.48 -24.76
C CYS A 301 -24.35 8.38 -24.33
N GLU A 302 -25.49 8.24 -25.01
CA GLU A 302 -26.37 7.11 -24.73
C GLU A 302 -25.80 5.82 -25.30
N ARG A 303 -25.08 5.91 -26.43
CA ARG A 303 -24.48 4.72 -27.02
C ARG A 303 -23.22 4.29 -26.27
N VAL A 304 -22.20 5.14 -26.25
CA VAL A 304 -20.94 4.84 -25.59
C VAL A 304 -21.04 5.26 -24.13
N PRO A 305 -20.29 4.62 -23.22
CA PRO A 305 -19.39 3.50 -23.41
C PRO A 305 -20.09 2.17 -23.25
N ALA A 306 -21.42 2.19 -23.14
CA ALA A 306 -22.17 0.95 -22.93
C ALA A 306 -22.02 0.01 -24.11
N ASN A 307 -22.10 0.52 -25.33
CA ASN A 307 -22.09 -0.30 -26.52
C ASN A 307 -20.97 0.13 -27.45
N PRO A 308 -20.48 -0.78 -28.29
CA PRO A 308 -19.36 -0.44 -29.16
C PRO A 308 -19.71 0.71 -30.09
N PRO A 309 -18.74 1.57 -30.40
CA PRO A 309 -19.03 2.72 -31.26
C PRO A 309 -19.44 2.31 -32.66
N ARG A 310 -20.26 3.15 -33.28
CA ARG A 310 -20.72 2.91 -34.64
C ARG A 310 -20.25 3.95 -35.65
N ASN A 311 -19.78 5.12 -35.18
CA ASN A 311 -19.24 6.14 -36.07
C ASN A 311 -18.05 6.79 -35.40
N LEU A 312 -17.44 7.75 -36.09
CA LEU A 312 -16.19 8.35 -35.61
C LEU A 312 -16.38 9.06 -34.28
N GLN A 313 -17.45 9.86 -34.17
CA GLN A 313 -17.67 10.63 -32.96
C GLN A 313 -17.88 9.73 -31.76
N GLU A 314 -18.61 8.62 -31.94
CA GLU A 314 -18.82 7.68 -30.85
C GLU A 314 -17.50 7.04 -30.42
N SER A 315 -16.62 6.73 -31.37
CA SER A 315 -15.33 6.17 -31.02
C SER A 315 -14.48 7.15 -30.22
N LEU A 316 -14.43 8.41 -30.68
CA LEU A 316 -13.68 9.42 -29.95
C LEU A 316 -14.24 9.61 -28.56
N GLN A 317 -15.58 9.64 -28.42
CA GLN A 317 -16.19 9.79 -27.12
C GLN A 317 -15.91 8.60 -26.23
N TYR A 318 -15.91 7.39 -26.80
CA TYR A 318 -15.62 6.20 -26.03
C TYR A 318 -14.21 6.25 -25.46
N GLU A 319 -13.23 6.58 -26.30
CA GLU A 319 -11.85 6.66 -25.82
C GLU A 319 -11.68 7.77 -24.80
N HIS A 320 -12.29 8.93 -25.03
CA HIS A 320 -12.15 10.04 -24.09
C HIS A 320 -12.81 9.71 -22.76
N PHE A 321 -13.92 8.98 -22.81
CA PHE A 321 -14.60 8.57 -21.59
C PHE A 321 -13.72 7.61 -20.81
N VAL A 322 -13.09 6.66 -21.51
CA VAL A 322 -12.22 5.70 -20.84
C VAL A 322 -11.07 6.42 -20.15
N GLN A 323 -10.44 7.36 -20.87
CA GLN A 323 -9.32 8.09 -20.29
C GLN A 323 -9.76 8.96 -19.12
N VAL A 324 -10.91 9.62 -19.23
CA VAL A 324 -11.39 10.49 -18.17
C VAL A 324 -11.72 9.67 -16.92
N LEU A 325 -12.35 8.51 -17.10
CA LEU A 325 -12.61 7.65 -15.95
C LEU A 325 -11.32 7.16 -15.31
N ALA A 326 -10.32 6.82 -16.14
CA ALA A 326 -9.03 6.42 -15.61
C ALA A 326 -8.41 7.55 -14.80
N ARG A 327 -8.51 8.78 -15.27
CA ARG A 327 -7.94 9.92 -14.55
C ARG A 327 -8.75 10.28 -13.31
N TYR A 328 -10.04 9.94 -13.27
CA TYR A 328 -10.77 10.00 -12.00
C TYR A 328 -10.26 8.93 -11.05
N GLU A 329 -9.84 7.79 -11.57
CA GLU A 329 -9.33 6.71 -10.73
C GLU A 329 -8.02 7.10 -10.06
N ALA A 330 -7.10 7.72 -10.79
CA ALA A 330 -5.80 8.10 -10.25
C ALA A 330 -5.20 9.19 -11.13
N HIS A 331 -3.94 9.56 -10.83
CA HIS A 331 -3.34 10.75 -11.45
C HIS A 331 -3.19 10.57 -12.96
N GLU A 332 -2.57 9.47 -13.39
CA GLU A 332 -2.41 9.15 -14.81
C GLU A 332 -1.69 10.29 -15.56
N GLY A 333 -0.43 10.49 -15.18
CA GLY A 333 0.37 11.55 -15.77
C GLY A 333 0.81 11.32 -17.20
N ALA A 334 0.38 10.24 -17.83
CA ALA A 334 0.69 9.98 -19.23
C ALA A 334 -0.57 9.52 -19.95
N TRP A 335 -0.56 9.69 -21.28
CA TRP A 335 -1.71 9.33 -22.11
C TRP A 335 -1.28 8.30 -23.15
N PRO A 336 -1.32 7.02 -22.83
CA PRO A 336 -0.97 6.01 -23.84
C PRO A 336 -2.13 5.70 -24.76
N SER A 337 -1.97 5.98 -26.05
CA SER A 337 -3.01 5.69 -27.03
C SER A 337 -2.38 5.59 -28.41
N ARG A 338 -3.10 4.94 -29.32
CA ARG A 338 -2.70 4.84 -30.73
C ARG A 338 -3.92 5.22 -31.55
N PRO A 339 -4.24 6.51 -31.62
CA PRO A 339 -5.54 6.93 -32.19
C PRO A 339 -5.76 6.47 -33.63
N ASP A 340 -4.74 6.50 -34.47
CA ASP A 340 -4.94 6.16 -35.87
C ASP A 340 -5.14 4.67 -36.10
N TYR A 341 -4.75 3.84 -35.13
CA TYR A 341 -4.87 2.40 -35.29
C TYR A 341 -6.20 1.86 -34.81
N TYR A 342 -6.83 2.51 -33.83
CA TYR A 342 -8.10 2.05 -33.28
C TYR A 342 -9.29 2.89 -33.69
N HIS A 343 -9.10 4.18 -33.94
CA HIS A 343 -10.12 5.02 -34.56
C HIS A 343 -10.02 5.00 -36.08
N GLY A 344 -9.01 4.32 -36.63
CA GLY A 344 -8.82 4.23 -38.05
C GLY A 344 -9.94 3.55 -38.81
N PRO A 345 -10.39 2.37 -38.34
CA PRO A 345 -11.49 1.70 -39.03
C PRO A 345 -12.75 2.54 -39.12
N LEU A 346 -13.16 3.17 -38.01
CA LEU A 346 -14.39 3.94 -38.01
C LEU A 346 -14.22 5.24 -38.78
N TYR A 347 -13.03 5.85 -38.72
CA TYR A 347 -12.77 7.02 -39.55
C TYR A 347 -12.85 6.67 -41.03
N ALA A 348 -12.29 5.53 -41.42
CA ALA A 348 -12.36 5.11 -42.82
C ALA A 348 -13.79 4.82 -43.22
N LYS A 349 -14.57 4.19 -42.34
CA LYS A 349 -15.97 3.92 -42.66
C LYS A 349 -16.76 5.20 -42.83
N ASP A 350 -16.55 6.18 -41.95
CA ASP A 350 -17.35 7.40 -41.99
C ASP A 350 -16.91 8.32 -43.12
N VAL A 351 -15.67 8.81 -43.06
CA VAL A 351 -15.24 9.85 -43.98
C VAL A 351 -15.09 9.30 -45.40
N GLU A 352 -14.52 8.10 -45.54
CA GLU A 352 -14.10 7.59 -46.83
C GLU A 352 -15.06 6.56 -47.42
N VAL A 353 -15.47 5.55 -46.65
CA VAL A 353 -16.24 4.46 -47.20
C VAL A 353 -17.64 4.93 -47.63
N GLU A 354 -18.31 5.70 -46.77
CA GLU A 354 -19.69 6.08 -47.04
C GLU A 354 -19.95 7.58 -46.90
N LYS A 355 -18.95 8.38 -46.55
CA LYS A 355 -19.07 9.84 -46.56
C LYS A 355 -20.22 10.34 -45.69
N ASN A 356 -20.36 9.77 -44.49
CA ASN A 356 -21.35 10.29 -43.56
C ASN A 356 -21.04 11.74 -43.17
N ILE A 357 -19.78 12.01 -42.87
CA ILE A 357 -19.32 13.33 -42.47
C ILE A 357 -18.19 13.78 -43.39
N THR A 358 -18.17 15.06 -43.72
CA THR A 358 -17.14 15.58 -44.60
C THR A 358 -15.78 15.54 -43.90
N GLU A 359 -14.73 15.76 -44.68
CA GLU A 359 -13.36 15.76 -44.16
C GLU A 359 -13.16 16.92 -43.19
N SER A 360 -13.83 18.04 -43.44
CA SER A 360 -13.71 19.18 -42.55
C SER A 360 -14.31 18.89 -41.18
N GLU A 361 -15.47 18.22 -41.15
CA GLU A 361 -16.08 17.86 -39.88
C GLU A 361 -15.23 16.83 -39.14
N ALA A 362 -14.59 15.91 -39.87
CA ALA A 362 -13.68 14.96 -39.24
C ALA A 362 -12.50 15.67 -38.62
N ILE A 363 -11.92 16.64 -39.33
CA ILE A 363 -10.81 17.42 -38.77
C ILE A 363 -11.28 18.18 -37.54
N ASP A 364 -12.49 18.74 -37.59
CA ASP A 364 -13.05 19.44 -36.44
C ASP A 364 -13.16 18.52 -35.24
N LEU A 365 -13.69 17.32 -35.45
CA LEU A 365 -13.83 16.36 -34.36
C LEU A 365 -12.48 15.97 -33.79
N VAL A 366 -11.50 15.68 -34.65
CA VAL A 366 -10.20 15.24 -34.17
C VAL A 366 -9.50 16.36 -33.41
N GLY A 367 -9.56 17.59 -33.94
CA GLY A 367 -8.93 18.70 -33.25
C GLY A 367 -9.56 18.98 -31.91
N GLU A 368 -10.89 18.93 -31.84
CA GLU A 368 -11.55 19.14 -30.56
C GLU A 368 -11.29 17.99 -29.59
N TYR A 369 -11.10 16.77 -30.09
CA TYR A 369 -10.70 15.65 -29.25
C TYR A 369 -9.32 15.87 -28.66
N MET A 370 -8.39 16.38 -29.46
CA MET A 370 -7.07 16.72 -28.93
C MET A 370 -7.17 17.83 -27.89
N ILE A 371 -8.01 18.84 -28.15
CA ILE A 371 -8.21 19.92 -27.18
C ILE A 371 -8.76 19.37 -25.87
N ARG A 372 -9.73 18.44 -25.96
CA ARG A 372 -10.25 17.78 -24.77
C ARG A 372 -9.15 17.05 -24.03
N CYS A 373 -8.22 16.43 -24.77
CA CYS A 373 -7.08 15.78 -24.13
C CYS A 373 -6.24 16.79 -23.36
N SER A 374 -6.01 17.98 -23.95
CA SER A 374 -5.14 18.96 -23.30
C SER A 374 -5.75 19.52 -22.03
N GLU A 375 -7.08 19.59 -21.96
CA GLU A 375 -7.74 20.26 -20.85
C GLU A 375 -7.49 19.59 -19.51
N TYR A 376 -7.04 18.33 -19.50
CA TYR A 376 -6.88 17.61 -18.25
C TYR A 376 -5.85 18.28 -17.35
N GLY A 377 -6.19 18.38 -16.07
CA GLY A 377 -5.28 18.94 -15.09
C GLY A 377 -5.47 18.29 -13.73
N SER A 378 -4.38 18.05 -13.02
CA SER A 378 -4.44 17.46 -11.69
C SER A 378 -3.27 17.97 -10.88
N PHE A 379 -3.43 17.91 -9.56
CA PHE A 379 -2.37 18.36 -8.67
C PHE A 379 -1.35 17.24 -8.49
N SER A 380 -0.08 17.56 -8.70
CA SER A 380 1.01 16.61 -8.69
C SER A 380 2.09 17.09 -7.73
N PRO A 381 2.92 16.19 -7.22
CA PRO A 381 3.99 16.58 -6.31
C PRO A 381 4.93 17.60 -6.94
N ARG A 382 5.72 18.24 -6.08
CA ARG A 382 6.59 19.32 -6.55
C ARG A 382 7.60 18.84 -7.57
N TYR A 383 8.08 17.60 -7.43
CA TYR A 383 9.03 17.08 -8.41
C TYR A 383 8.37 16.87 -9.76
N MET A 384 7.12 16.40 -9.77
CA MET A 384 6.39 16.31 -11.02
C MET A 384 6.07 17.69 -11.58
N ARG A 385 5.69 18.64 -10.72
CA ARG A 385 5.31 19.97 -11.19
C ARG A 385 6.50 20.67 -11.85
N GLU A 386 7.66 20.66 -11.19
CA GLU A 386 8.83 21.31 -11.77
C GLU A 386 9.41 20.48 -12.91
N GLY A 387 9.39 19.15 -12.79
CA GLY A 387 9.88 18.28 -13.84
C GLY A 387 9.05 18.30 -15.10
N LEU A 388 7.82 18.82 -15.02
CA LEU A 388 6.96 18.90 -16.19
C LEU A 388 6.50 20.34 -16.37
N GLN A 389 7.36 21.17 -16.92
CA GLN A 389 7.10 22.60 -17.09
C GLN A 389 6.07 22.81 -18.18
N GLY A 390 4.94 23.41 -17.82
CA GLY A 390 3.93 23.77 -18.78
C GLY A 390 2.95 22.67 -19.16
N VAL A 391 3.12 21.46 -18.64
CA VAL A 391 2.22 20.35 -18.92
C VAL A 391 1.87 19.65 -17.62
N THR A 392 0.62 19.20 -17.50
CA THR A 392 0.26 18.37 -16.36
C THR A 392 1.02 17.05 -16.38
N GLY A 393 1.21 16.49 -17.57
CA GLY A 393 2.04 15.32 -17.76
C GLY A 393 2.53 15.24 -19.18
N THR A 394 3.14 14.13 -19.56
CA THR A 394 3.61 13.93 -20.92
C THR A 394 2.63 13.00 -21.62
N PHE A 395 1.96 13.53 -22.63
CA PHE A 395 0.89 12.82 -23.34
C PHE A 395 1.36 12.60 -24.77
N VAL A 396 1.71 11.36 -25.09
CA VAL A 396 2.25 11.00 -26.40
C VAL A 396 1.30 10.02 -27.06
N TRP A 397 0.89 10.34 -28.28
CA TRP A 397 0.02 9.48 -29.07
C TRP A 397 0.83 8.85 -30.18
N THR A 398 0.70 7.54 -30.34
CA THR A 398 1.49 6.81 -31.32
C THR A 398 0.81 6.81 -32.66
N LEU A 399 1.55 7.17 -33.70
CA LEU A 399 1.05 7.23 -35.07
C LEU A 399 1.88 6.32 -35.96
N GLY A 400 1.30 5.94 -37.10
CA GLY A 400 2.00 5.08 -38.03
C GLY A 400 2.23 3.69 -37.44
N GLY A 401 3.29 3.05 -37.91
CA GLY A 401 3.64 1.74 -37.44
C GLY A 401 3.24 0.64 -38.40
N VAL A 402 3.09 -0.56 -37.84
CA VAL A 402 2.75 -1.75 -38.61
C VAL A 402 1.66 -2.53 -37.88
N ASN A 403 0.93 -3.33 -38.64
CA ASN A 403 -0.08 -4.21 -38.08
C ASN A 403 0.61 -5.42 -37.45
N GLN A 404 -0.19 -6.32 -36.86
CA GLN A 404 0.39 -7.55 -36.32
C GLN A 404 0.98 -8.42 -37.42
N ASP A 405 0.42 -8.35 -38.63
CA ASP A 405 0.99 -9.09 -39.74
C ASP A 405 2.35 -8.54 -40.15
N GLY A 406 2.54 -7.22 -40.02
CA GLY A 406 3.78 -6.58 -40.42
C GLY A 406 3.64 -5.57 -41.54
N THR A 407 2.46 -5.42 -42.14
CA THR A 407 2.27 -4.44 -43.20
C THR A 407 2.07 -3.05 -42.61
N ASP A 408 2.10 -2.05 -43.48
CA ASP A 408 1.96 -0.67 -43.04
C ASP A 408 0.59 -0.46 -42.40
N ALA A 409 0.58 0.15 -41.22
CA ALA A 409 -0.65 0.42 -40.48
C ALA A 409 -1.10 1.86 -40.60
N CYS A 410 -0.41 2.68 -41.39
CA CYS A 410 -0.78 4.07 -41.55
C CYS A 410 -1.93 4.20 -42.54
N ASN A 411 -2.86 5.11 -42.24
CA ASN A 411 -4.05 5.29 -43.05
C ASN A 411 -4.41 6.78 -43.06
N GLY A 412 -5.61 7.08 -43.55
CA GLY A 412 -6.06 8.47 -43.62
C GLY A 412 -6.30 9.11 -42.28
N MET A 413 -6.58 8.30 -41.25
CA MET A 413 -6.74 8.85 -39.91
C MET A 413 -5.45 9.52 -39.43
N THR A 414 -4.29 8.98 -39.82
CA THR A 414 -3.03 9.61 -39.47
C THR A 414 -2.91 10.98 -40.10
N ILE A 415 -3.27 11.11 -41.38
CA ILE A 415 -3.25 12.40 -42.05
C ILE A 415 -4.21 13.37 -41.37
N ALA A 416 -5.39 12.88 -41.01
CA ALA A 416 -6.35 13.74 -40.31
C ALA A 416 -5.80 14.22 -38.98
N LEU A 417 -5.15 13.32 -38.22
CA LEU A 417 -4.56 13.70 -36.95
C LEU A 417 -3.46 14.74 -37.12
N LEU A 418 -2.60 14.55 -38.11
CA LEU A 418 -1.53 15.52 -38.35
C LEU A 418 -2.10 16.88 -38.72
N LYS A 419 -3.10 16.91 -39.61
CA LYS A 419 -3.73 18.18 -39.98
C LYS A 419 -4.40 18.83 -38.78
N ALA A 420 -5.08 18.05 -37.95
CA ALA A 420 -5.74 18.61 -36.78
C ALA A 420 -4.74 19.16 -35.79
N ALA A 421 -3.61 18.47 -35.59
CA ALA A 421 -2.58 18.98 -34.71
C ALA A 421 -2.00 20.28 -35.24
N ARG A 422 -1.80 20.37 -36.56
CA ARG A 422 -1.32 21.61 -37.14
C ARG A 422 -2.32 22.74 -36.95
N LEU A 423 -3.61 22.45 -37.10
CA LEU A 423 -4.63 23.49 -36.98
C LEU A 423 -4.77 23.97 -35.55
N VAL A 424 -4.89 23.04 -34.60
CA VAL A 424 -5.16 23.40 -33.22
C VAL A 424 -3.94 24.05 -32.57
N ARG A 425 -2.74 23.55 -32.86
CA ARG A 425 -1.51 23.99 -32.22
C ARG A 425 -1.57 23.81 -30.71
N VAL A 426 -1.95 22.62 -30.28
CA VAL A 426 -1.96 22.29 -28.87
C VAL A 426 -0.62 21.64 -28.53
N ALA A 427 0.02 22.13 -27.46
CA ALA A 427 1.39 21.73 -27.17
C ALA A 427 1.45 20.35 -26.52
N ASN A 428 0.57 20.07 -25.54
CA ASN A 428 0.81 18.93 -24.67
C ASN A 428 0.65 17.60 -25.41
N PRO A 429 -0.47 17.29 -26.08
CA PRO A 429 -0.52 16.03 -26.83
C PRO A 429 0.43 16.03 -28.00
N THR A 430 1.51 15.26 -27.88
CA THR A 430 2.52 15.15 -28.91
C THR A 430 2.36 13.82 -29.63
N PHE A 431 3.06 13.68 -30.74
CA PHE A 431 2.95 12.50 -31.59
C PHE A 431 4.28 11.80 -31.69
N GLY A 432 4.25 10.47 -31.53
CA GLY A 432 5.40 9.64 -31.82
C GLY A 432 5.12 8.77 -33.02
N PHE A 433 5.81 9.02 -34.12
CA PHE A 433 5.54 8.31 -35.38
C PHE A 433 6.49 7.13 -35.49
N ARG A 434 5.93 5.93 -35.65
CA ARG A 434 6.72 4.72 -35.79
C ARG A 434 7.16 4.59 -37.23
N TRP A 435 8.35 5.09 -37.54
CA TRP A 435 8.84 5.10 -38.91
C TRP A 435 9.41 3.74 -39.28
N HIS A 436 9.01 3.22 -40.42
CA HIS A 436 9.55 2.00 -41.01
C HIS A 436 9.86 2.29 -42.47
N PRO A 437 10.71 1.46 -43.11
CA PRO A 437 11.18 1.81 -44.45
C PRO A 437 10.08 1.99 -45.49
N LYS A 438 8.95 1.30 -45.35
CA LYS A 438 7.90 1.36 -46.36
C LYS A 438 6.83 2.40 -46.04
N VAL A 439 7.15 3.42 -45.23
CA VAL A 439 6.20 4.48 -44.95
C VAL A 439 5.95 5.28 -46.23
N SER A 440 4.68 5.51 -46.54
CA SER A 440 4.34 6.24 -47.75
C SER A 440 4.85 7.67 -47.69
N ASN A 441 5.23 8.20 -48.86
CA ASN A 441 5.90 9.50 -48.92
C ASN A 441 4.97 10.63 -48.48
N GLU A 442 3.67 10.51 -48.74
CA GLU A 442 2.74 11.56 -48.33
C GLU A 442 2.69 11.69 -46.81
N VAL A 443 2.71 10.57 -46.10
CA VAL A 443 2.71 10.62 -44.64
C VAL A 443 3.98 11.26 -44.11
N LEU A 444 5.12 10.93 -44.72
CA LEU A 444 6.37 11.59 -44.32
C LEU A 444 6.31 13.08 -44.59
N ARG A 445 5.70 13.47 -45.71
CA ARG A 445 5.59 14.89 -46.03
C ARG A 445 4.71 15.61 -45.02
N GLU A 446 3.61 14.96 -44.59
CA GLU A 446 2.76 15.57 -43.57
C GLU A 446 3.45 15.66 -42.23
N CYS A 447 4.20 14.62 -41.84
CA CYS A 447 4.95 14.68 -40.59
C CYS A 447 5.99 15.78 -40.63
N PHE A 448 6.68 15.93 -41.77
CA PHE A 448 7.64 17.02 -41.91
C PHE A 448 6.96 18.38 -41.87
N GLU A 449 5.77 18.49 -42.46
CA GLU A 449 5.04 19.75 -42.37
C GLU A 449 4.68 20.09 -40.93
N CYS A 450 4.26 19.08 -40.17
CA CYS A 450 3.97 19.31 -38.75
C CYS A 450 5.23 19.74 -38.01
N ILE A 451 6.37 19.11 -38.31
CA ILE A 451 7.63 19.48 -37.67
C ILE A 451 8.00 20.92 -38.02
N ARG A 452 7.87 21.27 -39.30
CA ARG A 452 8.33 22.57 -39.79
C ARG A 452 7.56 23.71 -39.15
N GLN A 453 6.30 23.50 -38.78
CA GLN A 453 5.49 24.54 -38.17
C GLN A 453 5.96 24.89 -36.76
N GLY A 454 6.85 24.09 -36.17
CA GLY A 454 7.34 24.35 -34.83
C GLY A 454 6.61 23.63 -33.73
N LEU A 455 5.77 22.65 -34.05
CA LEU A 455 5.06 21.93 -33.00
C LEU A 455 5.99 21.07 -32.16
N GLY A 456 7.14 20.68 -32.69
CA GLY A 456 8.03 19.78 -31.99
C GLY A 456 7.68 18.32 -32.13
N TYR A 457 6.59 18.00 -32.82
CA TYR A 457 6.18 16.63 -33.05
C TYR A 457 5.61 16.55 -34.45
N PRO A 458 5.54 15.34 -35.05
CA PRO A 458 5.83 14.01 -34.50
C PRO A 458 7.32 13.73 -34.30
N THR A 459 7.65 12.88 -33.33
CA THR A 459 9.01 12.48 -33.05
C THR A 459 9.25 11.13 -33.74
N LEU A 460 10.01 11.13 -34.82
CA LEU A 460 10.22 9.92 -35.58
C LEU A 460 10.94 8.87 -34.75
N ARG A 461 10.46 7.63 -34.83
CA ARG A 461 11.05 6.52 -34.11
C ARG A 461 11.32 5.38 -35.07
N ASN A 462 12.53 4.83 -35.02
CA ASN A 462 12.92 3.71 -35.87
C ASN A 462 12.18 2.47 -35.40
N ASP A 463 11.13 2.10 -36.14
CA ASP A 463 10.26 1.02 -35.69
C ASP A 463 10.94 -0.35 -35.63
N PRO A 464 11.68 -0.81 -36.65
CA PRO A 464 12.24 -2.17 -36.56
C PRO A 464 13.20 -2.37 -35.40
N VAL A 465 14.09 -1.41 -35.14
CA VAL A 465 15.02 -1.57 -34.04
C VAL A 465 14.29 -1.53 -32.72
N LEU A 466 13.20 -0.78 -32.61
CA LEU A 466 12.41 -0.78 -31.38
C LEU A 466 11.72 -2.12 -31.18
N ILE A 467 11.20 -2.72 -32.26
CA ILE A 467 10.64 -4.06 -32.16
C ILE A 467 11.70 -5.04 -31.67
N GLN A 468 12.90 -4.97 -32.25
CA GLN A 468 13.98 -5.84 -31.82
C GLN A 468 14.37 -5.58 -30.37
N ASN A 469 14.34 -4.33 -29.94
CA ASN A 469 14.68 -3.98 -28.57
C ASN A 469 13.68 -4.58 -27.59
N THR A 470 12.38 -4.45 -27.88
CA THR A 470 11.37 -5.07 -27.04
C THR A 470 11.56 -6.57 -26.97
N MET A 471 11.78 -7.21 -28.14
CA MET A 471 11.95 -8.66 -28.17
C MET A 471 13.17 -9.10 -27.38
N HIS A 472 14.27 -8.36 -27.51
CA HIS A 472 15.50 -8.75 -26.81
C HIS A 472 15.37 -8.57 -25.31
N TRP A 473 14.82 -7.43 -24.87
CA TRP A 473 14.76 -7.16 -23.44
C TRP A 473 13.72 -8.03 -22.75
N TYR A 474 12.46 -7.93 -23.17
CA TYR A 474 11.39 -8.57 -22.44
C TYR A 474 10.92 -9.88 -23.06
N GLY A 475 11.50 -10.29 -24.17
CA GLY A 475 11.09 -11.53 -24.80
C GLY A 475 9.67 -11.53 -25.29
N HIS A 476 9.16 -10.37 -25.72
CA HIS A 476 7.82 -10.32 -26.27
C HIS A 476 7.78 -11.06 -27.61
N PRO A 477 6.68 -11.74 -27.92
CA PRO A 477 6.52 -12.28 -29.27
C PRO A 477 6.46 -11.15 -30.28
N LEU A 478 6.89 -11.46 -31.51
CA LEU A 478 6.98 -10.45 -32.55
C LEU A 478 5.62 -9.79 -32.80
N GLU A 479 4.56 -10.60 -32.88
CA GLU A 479 3.23 -10.06 -33.14
C GLU A 479 2.80 -9.11 -32.03
N GLU A 480 3.01 -9.49 -30.77
CA GLU A 480 2.69 -8.59 -29.67
C GLU A 480 3.56 -7.34 -29.71
N ALA A 481 4.85 -7.50 -30.01
CA ALA A 481 5.76 -6.37 -30.01
C ALA A 481 5.43 -5.35 -31.09
N ARG A 482 4.82 -5.80 -32.19
CA ARG A 482 4.50 -4.87 -33.27
C ARG A 482 3.43 -3.86 -32.87
N THR A 483 2.65 -4.14 -31.83
CA THR A 483 1.56 -3.27 -31.42
C THR A 483 1.96 -2.25 -30.36
N TRP A 484 3.25 -2.00 -30.18
CA TRP A 484 3.69 -1.17 -29.07
C TRP A 484 3.28 0.28 -29.26
N VAL A 485 2.97 0.95 -28.16
CA VAL A 485 2.72 2.38 -28.12
C VAL A 485 3.58 2.98 -27.02
N HIS A 486 3.84 4.28 -27.12
CA HIS A 486 4.63 4.95 -26.12
C HIS A 486 3.91 4.94 -24.78
N MET A 487 4.63 4.58 -23.72
CA MET A 487 4.01 4.56 -22.40
C MET A 487 3.89 5.97 -21.84
N ALA A 488 5.02 6.65 -21.62
CA ALA A 488 4.97 8.06 -21.26
C ALA A 488 5.66 8.95 -22.28
N CYS A 489 6.96 8.77 -22.52
CA CYS A 489 7.69 9.62 -23.43
C CYS A 489 8.37 8.84 -24.54
N MET A 490 9.11 7.79 -24.16
CA MET A 490 10.02 7.13 -25.09
C MET A 490 9.82 5.62 -25.12
N SER A 491 9.41 5.04 -24.01
CA SER A 491 9.49 3.59 -23.86
C SER A 491 8.38 2.90 -24.65
N PRO A 492 8.72 1.99 -25.56
CA PRO A 492 7.68 1.18 -26.20
C PRO A 492 7.00 0.26 -25.20
N ASN A 493 5.73 0.01 -25.43
CA ASN A 493 4.97 -0.92 -24.61
C ASN A 493 3.81 -1.52 -25.39
N PRO A 494 3.82 -2.82 -25.63
CA PRO A 494 2.71 -3.44 -26.37
C PRO A 494 1.41 -3.33 -25.61
N THR A 495 0.31 -3.29 -26.37
CA THR A 495 -1.03 -3.14 -25.81
C THR A 495 -1.78 -4.46 -25.71
N THR A 496 -1.10 -5.59 -25.89
CA THR A 496 -1.77 -6.88 -25.93
C THR A 496 -2.18 -7.31 -24.52
N LYS A 497 -2.72 -8.52 -24.44
CA LYS A 497 -3.24 -9.03 -23.17
C LYS A 497 -2.14 -9.18 -22.13
N HIS A 498 -0.99 -9.71 -22.52
CA HIS A 498 0.12 -9.90 -21.60
C HIS A 498 1.19 -8.83 -21.71
N GLY A 499 1.33 -8.20 -22.89
CA GLY A 499 2.40 -7.24 -23.07
C GLY A 499 2.23 -5.98 -22.24
N THR A 500 0.99 -5.52 -22.08
CA THR A 500 0.74 -4.23 -21.45
C THR A 500 1.18 -4.25 -19.99
N SER A 501 1.65 -3.09 -19.52
CA SER A 501 2.10 -2.94 -18.16
C SER A 501 1.18 -1.98 -17.42
N PRO A 502 0.65 -2.37 -16.25
CA PRO A 502 -0.35 -1.56 -15.56
C PRO A 502 0.19 -0.60 -14.53
N PHE A 503 1.52 -0.50 -14.38
CA PHE A 503 2.13 0.31 -13.34
C PHE A 503 3.28 1.10 -13.95
N ARG A 504 3.56 2.27 -13.38
CA ARG A 504 4.72 3.05 -13.79
C ARG A 504 5.95 2.49 -13.09
N MET A 505 6.48 1.40 -13.65
CA MET A 505 7.72 0.84 -13.13
C MET A 505 8.90 1.77 -13.37
N ALA A 506 8.76 2.73 -14.29
CA ALA A 506 9.79 3.72 -14.53
C ALA A 506 9.85 4.79 -13.46
N SER A 507 9.05 4.69 -12.40
CA SER A 507 9.19 5.60 -11.28
C SER A 507 10.49 5.40 -10.54
N ALA A 508 11.29 4.40 -10.93
CA ALA A 508 12.66 4.27 -10.45
C ALA A 508 13.60 5.16 -11.28
N THR A 509 13.21 6.43 -11.37
CA THR A 509 14.03 7.41 -12.05
C THR A 509 15.26 7.71 -11.23
N MET A 510 16.37 7.97 -11.92
CA MET A 510 17.64 8.20 -11.26
C MET A 510 18.26 9.50 -11.76
N ASN A 511 18.92 10.19 -10.85
CA ASN A 511 19.75 11.33 -11.20
C ASN A 511 21.16 10.80 -11.42
N SER A 512 21.53 10.61 -12.69
CA SER A 512 22.79 9.91 -12.99
C SER A 512 23.99 10.72 -12.53
N ALA A 513 23.90 12.05 -12.60
CA ALA A 513 25.00 12.90 -12.17
C ALA A 513 25.36 12.66 -10.70
N LYS A 514 24.37 12.22 -9.91
CA LYS A 514 24.64 11.92 -8.52
C LYS A 514 25.73 10.88 -8.34
N THR A 515 25.81 9.92 -9.26
CA THR A 515 26.85 8.89 -9.15
C THR A 515 28.24 9.50 -9.20
N ILE A 516 28.50 10.33 -10.21
CA ILE A 516 29.83 10.91 -10.34
C ILE A 516 30.07 11.95 -9.27
N GLU A 517 29.02 12.66 -8.84
CA GLU A 517 29.18 13.61 -7.75
C GLU A 517 29.48 12.92 -6.43
N TYR A 518 28.97 11.71 -6.23
CA TYR A 518 29.26 10.93 -5.03
C TYR A 518 30.62 10.26 -5.10
N VAL A 519 31.11 9.98 -6.30
CA VAL A 519 32.49 9.50 -6.40
C VAL A 519 33.46 10.57 -5.96
N LEU A 520 33.16 11.84 -6.26
CA LEU A 520 34.04 12.95 -5.94
C LEU A 520 33.80 13.53 -4.56
N HIS A 521 32.76 13.08 -3.84
CA HIS A 521 32.48 13.57 -2.50
C HIS A 521 32.32 12.45 -1.49
N ASN A 522 32.87 11.27 -1.79
CA ASN A 522 32.84 10.12 -0.88
C ASN A 522 31.42 9.79 -0.46
N GLY A 523 30.49 9.91 -1.40
CA GLY A 523 29.12 9.54 -1.14
C GLY A 523 28.36 10.46 -0.20
N TYR A 524 28.82 11.69 -0.04
CA TYR A 524 28.15 12.67 0.81
C TYR A 524 27.48 13.72 -0.07
N ASP A 525 26.23 14.02 0.24
CA ASP A 525 25.44 14.99 -0.52
C ASP A 525 25.18 16.21 0.35
N ARG A 526 25.59 17.38 -0.13
CA ARG A 526 25.37 18.61 0.60
C ARG A 526 23.91 19.04 0.59
N VAL A 527 23.15 18.66 -0.44
CA VAL A 527 21.79 19.16 -0.60
C VAL A 527 20.90 18.71 0.56
N VAL A 528 20.93 17.42 0.88
CA VAL A 528 20.05 16.89 1.91
C VAL A 528 20.80 16.79 3.23
N ASN A 529 22.04 17.28 3.25
CA ASN A 529 22.88 17.24 4.46
C ASN A 529 22.97 15.82 5.01
N MET A 530 23.09 14.85 4.10
CA MET A 530 23.05 13.45 4.50
C MET A 530 24.06 12.66 3.66
N GLN A 531 24.62 11.64 4.28
CA GLN A 531 25.52 10.71 3.58
C GLN A 531 24.65 9.77 2.74
N MET A 532 24.63 10.00 1.43
CA MET A 532 23.75 9.24 0.55
C MET A 532 24.43 8.01 -0.02
N GLY A 533 25.47 8.21 -0.82
CA GLY A 533 26.13 7.11 -1.48
C GLY A 533 27.01 6.31 -0.54
N PRO A 534 27.33 5.08 -0.92
CA PRO A 534 28.27 4.29 -0.14
C PRO A 534 29.65 4.91 -0.17
N LYS A 535 30.41 4.72 0.91
CA LYS A 535 31.76 5.24 1.01
C LYS A 535 32.67 4.38 0.12
N THR A 536 32.68 4.71 -1.17
CA THR A 536 33.53 4.04 -2.13
C THR A 536 35.00 4.30 -1.90
N GLY A 537 35.34 5.25 -1.05
CA GLY A 537 36.72 5.62 -0.79
C GLY A 537 36.84 7.13 -0.87
N ASP A 538 37.81 7.66 -0.14
CA ASP A 538 38.04 9.10 -0.17
C ASP A 538 38.48 9.53 -1.57
N ALA A 539 37.95 10.65 -2.02
CA ALA A 539 38.38 11.24 -3.28
C ALA A 539 39.73 11.91 -3.05
N ARG A 540 40.19 12.70 -4.01
CA ARG A 540 41.43 13.47 -3.94
C ARG A 540 42.65 12.55 -3.98
N GLU A 541 42.46 11.24 -4.07
CA GLU A 541 43.58 10.29 -4.07
C GLU A 541 43.38 9.19 -5.10
N ILE A 542 42.49 9.39 -6.07
CA ILE A 542 42.28 8.39 -7.12
C ILE A 542 43.57 8.24 -7.92
N LYS A 543 44.10 7.02 -7.96
CA LYS A 543 45.39 6.79 -8.59
C LYS A 543 45.29 6.79 -10.11
N ASP A 544 44.42 5.95 -10.67
CA ASP A 544 44.28 5.82 -12.11
C ASP A 544 42.81 5.74 -12.47
N PHE A 545 42.54 5.80 -13.78
CA PHE A 545 41.17 5.84 -14.28
C PHE A 545 40.39 4.59 -13.90
N GLU A 546 41.08 3.44 -13.78
CA GLU A 546 40.38 2.22 -13.43
C GLU A 546 39.76 2.30 -12.04
N ASP A 547 40.49 2.88 -11.08
CA ASP A 547 39.94 3.04 -9.73
C ASP A 547 38.70 3.92 -9.75
N LEU A 548 38.77 5.04 -10.48
CA LEU A 548 37.63 5.95 -10.56
C LEU A 548 36.44 5.28 -11.21
N PHE A 549 36.67 4.49 -12.27
CA PHE A 549 35.56 3.81 -12.92
C PHE A 549 34.97 2.73 -12.03
N GLU A 550 35.79 2.03 -11.25
CA GLU A 550 35.27 1.06 -10.30
C GLU A 550 34.40 1.74 -9.25
N ARG A 551 34.87 2.86 -8.72
CA ARG A 551 34.09 3.63 -7.76
C ARG A 551 32.75 4.05 -8.35
N TRP A 552 32.78 4.55 -9.59
CA TRP A 552 31.55 4.97 -10.25
C TRP A 552 30.61 3.79 -10.47
N THR A 553 31.17 2.63 -10.81
CA THR A 553 30.35 1.43 -10.96
C THR A 553 29.67 1.07 -9.65
N VAL A 554 30.40 1.16 -8.54
CA VAL A 554 29.80 0.87 -7.24
C VAL A 554 28.66 1.83 -6.95
N GLN A 555 28.88 3.13 -7.20
CA GLN A 555 27.84 4.11 -6.94
C GLN A 555 26.62 3.88 -7.81
N LEU A 556 26.84 3.58 -9.09
CA LEU A 556 25.74 3.34 -10.02
C LEU A 556 24.93 2.12 -9.62
N LYS A 557 25.62 1.04 -9.23
CA LYS A 557 24.91 -0.16 -8.79
C LYS A 557 24.12 0.12 -7.52
N TRP A 558 24.69 0.90 -6.60
CA TRP A 558 23.96 1.25 -5.38
C TRP A 558 22.68 2.00 -5.70
N LEU A 559 22.79 3.02 -6.56
CA LEU A 559 21.61 3.83 -6.90
C LEU A 559 20.55 2.98 -7.61
N MET A 560 20.97 2.17 -8.57
CA MET A 560 20.02 1.31 -9.28
C MET A 560 19.33 0.35 -8.32
N ASN A 561 20.10 -0.29 -7.43
CA ASN A 561 19.50 -1.24 -6.50
C ASN A 561 18.50 -0.55 -5.58
N LEU A 562 18.86 0.63 -5.05
CA LEU A 562 17.95 1.33 -4.15
C LEU A 562 16.64 1.66 -4.84
N LEU A 563 16.73 2.33 -6.00
CA LEU A 563 15.51 2.76 -6.68
C LEU A 563 14.66 1.58 -7.13
N VAL A 564 15.30 0.55 -7.68
CA VAL A 564 14.56 -0.60 -8.19
C VAL A 564 13.90 -1.36 -7.05
N ARG A 565 14.59 -1.51 -5.90
CA ARG A 565 13.96 -2.18 -4.77
C ARG A 565 12.76 -1.41 -4.28
N THR A 566 12.88 -0.09 -4.17
CA THR A 566 11.75 0.70 -3.70
C THR A 566 10.55 0.58 -4.64
N VAL A 567 10.80 0.71 -5.95
CA VAL A 567 9.70 0.63 -6.90
C VAL A 567 9.12 -0.78 -6.96
N ASN A 568 9.97 -1.80 -6.81
CA ASN A 568 9.49 -3.18 -6.80
C ASN A 568 8.54 -3.41 -5.63
N LEU A 569 8.90 -2.95 -4.44
CA LEU A 569 8.00 -3.13 -3.31
C LEU A 569 6.73 -2.30 -3.48
N GLY A 570 6.85 -1.10 -4.03
CA GLY A 570 5.66 -0.31 -4.30
C GLY A 570 4.69 -1.01 -5.24
N ARG A 571 5.23 -1.57 -6.33
CA ARG A 571 4.40 -2.30 -7.28
C ARG A 571 3.82 -3.56 -6.65
N PHE A 572 4.59 -4.24 -5.82
CA PHE A 572 4.11 -5.46 -5.17
C PHE A 572 2.97 -5.17 -4.21
N LYS A 573 3.06 -4.09 -3.45
CA LYS A 573 2.07 -3.79 -2.42
C LYS A 573 0.96 -2.87 -2.89
N ASP A 574 1.03 -2.35 -4.13
CA ASP A 574 -0.01 -1.46 -4.62
C ASP A 574 -1.42 -2.05 -4.59
N PRO A 575 -1.66 -3.32 -4.95
CA PRO A 575 -3.04 -3.83 -4.88
C PRO A 575 -3.67 -3.68 -3.51
N GLU A 576 -2.90 -3.86 -2.43
CA GLU A 576 -3.44 -3.71 -1.09
C GLU A 576 -3.49 -2.25 -0.66
N PHE A 577 -2.45 -1.48 -1.00
CA PHE A 577 -2.36 -0.11 -0.52
C PHE A 577 -3.33 0.81 -1.24
N PHE A 578 -3.44 0.68 -2.56
CA PHE A 578 -4.22 1.62 -3.36
C PHE A 578 -5.44 0.99 -4.01
N GLY A 579 -5.26 -0.05 -4.82
CA GLY A 579 -6.39 -0.67 -5.48
C GLY A 579 -6.86 0.12 -6.68
N ARG A 580 -7.14 -0.55 -7.79
CA ARG A 580 -7.62 0.10 -9.00
C ARG A 580 -8.78 -0.68 -9.60
N PRO A 581 -10.02 -0.25 -9.40
CA PRO A 581 -11.16 -1.00 -9.95
C PRO A 581 -11.33 -0.81 -11.46
N PHE A 582 -11.20 0.42 -11.95
CA PHE A 582 -11.48 0.70 -13.36
C PHE A 582 -10.43 0.09 -14.27
N LEU A 583 -9.15 0.28 -13.92
CA LEU A 583 -8.08 -0.29 -14.74
C LEU A 583 -8.17 -1.80 -14.79
N SER A 584 -8.47 -2.43 -13.65
CA SER A 584 -8.71 -3.86 -13.65
C SER A 584 -9.94 -4.22 -14.46
N ALA A 585 -10.90 -3.31 -14.55
CA ALA A 585 -12.12 -3.60 -15.31
C ALA A 585 -11.87 -3.53 -16.81
N ILE A 586 -10.88 -2.74 -17.25
CA ILE A 586 -10.66 -2.55 -18.68
C ILE A 586 -9.40 -3.28 -19.16
N THR A 587 -8.97 -4.33 -18.47
CA THR A 587 -7.86 -5.16 -18.92
C THR A 587 -8.29 -6.61 -18.93
N GLU A 588 -7.88 -7.34 -19.98
CA GLU A 588 -8.31 -8.72 -20.12
C GLU A 588 -7.77 -9.60 -19.01
N ARG A 589 -6.54 -9.36 -18.59
CA ARG A 589 -5.94 -10.14 -17.51
C ARG A 589 -6.78 -10.11 -16.24
N ALA A 590 -7.03 -8.89 -15.74
CA ALA A 590 -7.72 -8.74 -14.47
C ALA A 590 -9.15 -9.24 -14.55
N VAL A 591 -9.85 -8.94 -15.64
CA VAL A 591 -11.22 -9.42 -15.80
C VAL A 591 -11.24 -10.93 -15.83
N GLU A 592 -10.30 -11.55 -16.55
CA GLU A 592 -10.28 -13.00 -16.67
C GLU A 592 -9.98 -13.67 -15.34
N HIS A 593 -8.98 -13.19 -14.61
CA HIS A 593 -8.53 -13.86 -13.40
C HIS A 593 -9.09 -13.27 -12.12
N GLY A 594 -9.78 -12.13 -12.18
CA GLY A 594 -10.30 -11.52 -10.98
C GLY A 594 -9.26 -10.86 -10.11
N ILE A 595 -8.04 -10.69 -10.61
CA ILE A 595 -6.96 -10.04 -9.87
C ILE A 595 -7.05 -8.54 -10.07
N ASP A 596 -6.33 -7.78 -9.26
CA ASP A 596 -6.14 -6.37 -9.54
C ASP A 596 -5.29 -6.19 -10.79
N ALA A 597 -5.46 -5.04 -11.45
CA ALA A 597 -4.76 -4.79 -12.70
C ALA A 597 -3.25 -4.82 -12.51
N VAL A 598 -2.75 -4.13 -11.47
CA VAL A 598 -1.31 -4.01 -11.28
C VAL A 598 -0.67 -5.27 -10.74
N SER A 599 -1.46 -6.32 -10.50
CA SER A 599 -0.88 -7.58 -10.05
C SER A 599 -0.06 -8.20 -11.17
N PRO A 600 1.09 -8.78 -10.85
CA PRO A 600 1.96 -9.36 -11.89
C PRO A 600 1.61 -10.79 -12.25
N GLU A 601 0.37 -11.21 -11.96
CA GLU A 601 0.01 -12.62 -12.02
C GLU A 601 0.26 -13.21 -13.41
N GLY A 602 -0.18 -12.52 -14.46
CA GLY A 602 -0.01 -13.03 -15.80
C GLY A 602 0.60 -12.04 -16.77
N GLU A 603 1.38 -11.09 -16.27
CA GLU A 603 1.87 -9.97 -17.06
C GLU A 603 3.37 -10.07 -17.28
N ARG A 604 3.81 -9.80 -18.51
CA ARG A 604 5.23 -9.62 -18.78
C ARG A 604 5.72 -8.33 -18.15
N GLY A 605 6.96 -8.33 -17.67
CA GLY A 605 7.41 -7.25 -16.79
C GLY A 605 7.38 -5.88 -17.46
N ASN A 606 8.16 -5.73 -18.53
CA ASN A 606 8.24 -4.47 -19.25
C ASN A 606 8.64 -3.29 -18.36
N ALA A 607 9.56 -3.53 -17.45
CA ALA A 607 10.04 -2.52 -16.50
C ALA A 607 11.39 -1.98 -16.97
N TRP A 608 11.57 -0.68 -16.81
CA TRP A 608 12.83 -0.02 -17.19
C TRP A 608 13.12 1.11 -16.23
N VAL A 609 14.39 1.53 -16.23
CA VAL A 609 14.87 2.64 -15.42
C VAL A 609 15.15 3.81 -16.36
N THR A 610 14.68 4.99 -15.95
CA THR A 610 14.91 6.22 -16.67
C THR A 610 16.17 6.81 -16.05
N ALA A 611 17.06 7.34 -16.88
CA ALA A 611 18.29 7.93 -16.37
C ALA A 611 18.33 9.40 -16.76
N PHE A 612 18.12 10.27 -15.78
CA PHE A 612 18.22 11.71 -16.01
C PHE A 612 19.68 12.12 -16.04
N THR A 613 20.00 13.05 -16.96
CA THR A 613 21.32 13.67 -17.04
C THR A 613 22.43 12.62 -17.13
N TRP A 614 22.23 11.64 -18.01
CA TRP A 614 23.21 10.57 -18.17
C TRP A 614 24.53 11.09 -18.73
N ILE A 615 24.47 12.05 -19.66
CA ILE A 615 25.68 12.49 -20.36
C ILE A 615 26.70 13.07 -19.39
N GLU A 616 26.24 13.72 -18.33
CA GLU A 616 27.13 14.40 -17.41
C GLU A 616 28.20 13.45 -16.86
N ASN A 617 27.81 12.20 -16.59
CA ASN A 617 28.76 11.21 -16.08
C ASN A 617 29.90 10.98 -17.06
N VAL A 618 29.58 10.69 -18.32
CA VAL A 618 30.62 10.35 -19.28
C VAL A 618 31.46 11.58 -19.62
N ASP A 619 30.83 12.75 -19.68
CA ASP A 619 31.60 13.96 -19.97
C ASP A 619 32.59 14.28 -18.85
N SER A 620 32.17 14.08 -17.60
CA SER A 620 33.09 14.23 -16.47
C SER A 620 34.20 13.17 -16.55
N MET A 621 33.83 11.95 -16.90
CA MET A 621 34.83 10.90 -17.12
C MET A 621 35.88 11.36 -18.11
N ALA A 622 35.42 11.87 -19.25
CA ALA A 622 36.34 12.31 -20.30
C ALA A 622 37.24 13.43 -19.80
N ALA A 623 36.67 14.43 -19.14
CA ALA A 623 37.46 15.56 -18.65
C ALA A 623 38.53 15.09 -17.66
N ILE A 624 38.14 14.24 -16.70
CA ILE A 624 39.10 13.72 -15.74
C ILE A 624 40.18 12.89 -16.43
N LYS A 625 39.76 11.98 -17.32
CA LYS A 625 40.70 11.08 -17.97
C LYS A 625 41.68 11.84 -18.84
N LYS A 626 41.26 13.00 -19.37
CA LYS A 626 42.15 13.77 -20.23
C LYS A 626 43.07 14.67 -19.41
N LEU A 627 42.49 15.57 -18.61
CA LEU A 627 43.29 16.59 -17.94
C LEU A 627 44.06 16.09 -16.73
N VAL A 628 43.61 15.00 -16.11
CA VAL A 628 44.25 14.55 -14.87
C VAL A 628 45.25 13.45 -15.14
N PHE A 629 44.80 12.35 -15.74
CA PHE A 629 45.62 11.16 -15.87
C PHE A 629 46.46 11.13 -17.14
N ASP A 630 45.93 11.61 -18.26
CA ASP A 630 46.63 11.54 -19.53
C ASP A 630 47.31 12.86 -19.91
N ASP A 631 47.09 13.93 -19.16
CA ASP A 631 47.76 15.20 -19.38
C ASP A 631 48.57 15.66 -18.19
N LYS A 632 48.15 15.30 -16.96
CA LYS A 632 48.78 15.79 -15.73
C LYS A 632 48.72 17.31 -15.67
N LYS A 633 47.75 17.90 -16.34
CA LYS A 633 47.54 19.35 -16.27
C LYS A 633 47.13 19.77 -14.88
N TYR A 634 46.25 19.00 -14.24
CA TYR A 634 45.80 19.27 -12.88
C TYR A 634 45.83 18.00 -12.05
N THR A 635 46.14 18.16 -10.77
CA THR A 635 46.06 17.06 -9.83
C THR A 635 44.62 16.86 -9.39
N MET A 636 44.33 15.67 -8.85
CA MET A 636 42.99 15.42 -8.32
C MET A 636 42.70 16.33 -7.14
N SER A 637 43.71 16.71 -6.37
CA SER A 637 43.50 17.59 -5.23
C SER A 637 42.95 18.94 -5.67
N GLN A 638 43.54 19.53 -6.71
CA GLN A 638 43.05 20.81 -7.20
C GLN A 638 41.62 20.69 -7.72
N LEU A 639 41.33 19.59 -8.42
CA LEU A 639 39.97 19.39 -8.94
C LEU A 639 38.96 19.29 -7.81
N ILE A 640 39.26 18.50 -6.78
CA ILE A 640 38.33 18.34 -5.67
C ILE A 640 38.16 19.66 -4.92
N ASP A 641 39.26 20.40 -4.73
CA ASP A 641 39.16 21.68 -4.05
C ASP A 641 38.31 22.66 -4.85
N ALA A 642 38.47 22.68 -6.17
CA ALA A 642 37.66 23.56 -7.01
C ALA A 642 36.19 23.16 -6.95
N LEU A 643 35.91 21.86 -6.96
CA LEU A 643 34.52 21.43 -6.88
C LEU A 643 33.90 21.77 -5.53
N GLU A 644 34.66 21.62 -4.45
CA GLU A 644 34.15 22.05 -3.14
C GLU A 644 33.90 23.55 -3.12
N ALA A 645 34.80 24.33 -3.71
CA ALA A 645 34.61 25.76 -3.84
C ALA A 645 33.66 26.12 -4.98
N GLU A 646 33.20 25.14 -5.75
CA GLU A 646 32.24 25.34 -6.83
C GLU A 646 32.76 26.33 -7.87
N TRP A 647 33.99 26.06 -8.34
CA TRP A 647 34.63 26.84 -9.40
C TRP A 647 34.75 28.32 -9.05
N ASP A 648 34.77 28.66 -7.76
CA ASP A 648 34.96 30.03 -7.33
C ASP A 648 36.46 30.30 -7.18
N GLY A 649 36.97 31.23 -7.96
CA GLY A 649 38.40 31.44 -8.03
C GLY A 649 39.14 30.47 -8.91
N TYR A 650 38.42 29.57 -9.60
CA TYR A 650 39.01 28.60 -10.51
C TYR A 650 38.33 28.66 -11.88
N GLU A 651 37.93 29.86 -12.30
CA GLU A 651 37.21 29.99 -13.56
C GLU A 651 38.08 29.58 -14.75
N GLN A 652 39.36 29.93 -14.71
CA GLN A 652 40.27 29.48 -15.75
C GLN A 652 40.37 27.95 -15.75
N MET A 653 40.40 27.34 -14.57
CA MET A 653 40.40 25.89 -14.49
C MET A 653 39.12 25.30 -15.07
N ARG A 654 37.97 25.94 -14.80
CA ARG A 654 36.71 25.46 -15.36
C ARG A 654 36.71 25.55 -16.87
N LEU A 655 37.23 26.66 -17.42
CA LEU A 655 37.32 26.80 -18.86
C LEU A 655 38.26 25.75 -19.46
N ASP A 656 39.35 25.46 -18.77
CA ASP A 656 40.25 24.40 -19.23
C ASP A 656 39.55 23.05 -19.25
N PHE A 657 38.76 22.76 -18.21
CA PHE A 657 38.04 21.49 -18.16
C PHE A 657 36.95 21.42 -19.23
N VAL A 658 36.39 22.58 -19.61
CA VAL A 658 35.34 22.57 -20.64
C VAL A 658 35.94 22.43 -22.02
N LYS A 659 36.91 23.28 -22.36
CA LYS A 659 37.42 23.32 -23.73
C LYS A 659 38.34 22.14 -24.02
N ASN A 660 39.35 21.92 -23.17
CA ASN A 660 40.32 20.87 -23.45
C ASN A 660 39.69 19.48 -23.33
N GLY A 661 38.85 19.27 -22.33
CA GLY A 661 38.18 18.00 -22.16
C GLY A 661 37.29 17.69 -23.34
N PRO A 662 37.50 16.53 -23.96
CA PRO A 662 36.67 16.15 -25.11
C PRO A 662 35.24 15.86 -24.67
N LYS A 663 34.29 16.18 -25.54
CA LYS A 663 32.88 16.11 -25.21
C LYS A 663 32.15 15.14 -26.13
N TRP A 664 31.09 14.54 -25.58
CA TRP A 664 30.25 13.63 -26.34
C TRP A 664 29.57 14.37 -27.49
N GLY A 665 29.39 13.68 -28.61
CA GLY A 665 28.73 14.26 -29.76
C GLY A 665 29.64 14.91 -30.77
N ASN A 666 30.95 14.64 -30.71
CA ASN A 666 31.88 15.17 -31.70
C ASN A 666 32.57 14.08 -32.49
N ASP A 667 32.03 12.86 -32.48
CA ASP A 667 32.61 11.71 -33.17
C ASP A 667 34.07 11.50 -32.76
N ASP A 668 34.31 11.59 -31.46
CA ASP A 668 35.64 11.41 -30.88
C ASP A 668 35.65 10.13 -30.05
N ASP A 669 36.52 9.19 -30.43
CA ASP A 669 36.53 7.89 -29.77
C ASP A 669 36.88 7.99 -28.29
N TYR A 670 37.60 9.04 -27.90
CA TYR A 670 38.05 9.18 -26.51
C TYR A 670 36.86 9.19 -25.55
N VAL A 671 35.81 9.93 -25.90
CA VAL A 671 34.61 9.96 -25.07
C VAL A 671 33.64 8.85 -25.44
N ASP A 672 33.58 8.48 -26.72
CA ASP A 672 32.60 7.50 -27.16
C ASP A 672 32.89 6.13 -26.56
N ASP A 673 34.16 5.76 -26.45
CA ASP A 673 34.50 4.48 -25.82
C ASP A 673 34.10 4.46 -24.35
N ILE A 674 34.30 5.58 -23.65
CA ILE A 674 33.87 5.67 -22.26
C ILE A 674 32.35 5.54 -22.17
N MET A 675 31.64 6.21 -23.08
CA MET A 675 30.18 6.10 -23.12
C MET A 675 29.74 4.66 -23.34
N LEU A 676 30.40 3.96 -24.27
CA LEU A 676 30.05 2.56 -24.54
C LEU A 676 30.35 1.68 -23.34
N ARG A 677 31.46 1.92 -22.66
CA ARG A 677 31.79 1.13 -21.47
C ARG A 677 30.76 1.35 -20.36
N CYS A 678 30.35 2.61 -20.15
CA CYS A 678 29.34 2.91 -19.14
C CYS A 678 28.02 2.24 -19.50
N LEU A 679 27.61 2.33 -20.76
CA LEU A 679 26.38 1.67 -21.17
C LEU A 679 26.49 0.15 -21.03
N SER A 680 27.66 -0.41 -21.29
CA SER A 680 27.84 -1.86 -21.18
C SER A 680 27.70 -2.33 -19.75
N VAL A 681 28.35 -1.62 -18.81
CA VAL A 681 28.23 -2.02 -17.41
C VAL A 681 26.81 -1.79 -16.90
N ALA A 682 26.17 -0.71 -17.34
CA ALA A 682 24.77 -0.48 -16.97
C ALA A 682 23.87 -1.59 -17.50
N ALA A 683 24.07 -2.01 -18.74
CA ALA A 683 23.26 -3.07 -19.32
C ALA A 683 23.50 -4.41 -18.63
N GLU A 684 24.75 -4.69 -18.26
CA GLU A 684 25.04 -5.91 -17.52
C GLU A 684 24.33 -5.92 -16.18
N HIS A 685 24.36 -4.80 -15.46
CA HIS A 685 23.65 -4.73 -14.20
C HIS A 685 22.14 -4.84 -14.41
N SER A 686 21.63 -4.24 -15.49
CA SER A 686 20.21 -4.34 -15.81
C SER A 686 19.80 -5.79 -16.04
N ARG A 687 20.61 -6.54 -16.77
CA ARG A 687 20.33 -7.96 -16.95
C ARG A 687 20.44 -8.72 -15.64
N ASN A 688 21.30 -8.26 -14.72
CA ASN A 688 21.41 -8.93 -13.43
C ASN A 688 20.14 -8.75 -12.59
N ILE A 689 19.66 -7.52 -12.45
CA ILE A 689 18.51 -7.25 -11.59
C ILE A 689 17.22 -7.63 -12.32
N GLN A 690 16.18 -7.90 -11.54
CA GLN A 690 14.91 -8.38 -12.06
C GLN A 690 13.75 -7.62 -11.44
N CYS A 691 12.68 -7.47 -12.22
CA CYS A 691 11.45 -6.81 -11.78
C CYS A 691 10.54 -7.79 -11.05
N THR A 692 9.39 -7.28 -10.61
CA THR A 692 8.39 -8.10 -9.95
C THR A 692 8.00 -9.30 -10.80
N SER A 693 7.99 -9.15 -12.12
CA SER A 693 7.67 -10.24 -13.03
C SER A 693 8.89 -11.05 -13.43
N GLY A 694 10.09 -10.63 -13.01
CA GLY A 694 11.30 -11.34 -13.32
C GLY A 694 12.00 -10.94 -14.61
N ASN A 695 11.55 -9.83 -15.18
CA ASN A 695 12.12 -9.23 -16.39
C ASN A 695 13.31 -8.33 -16.08
N CYS A 696 13.94 -7.79 -17.11
CA CYS A 696 15.14 -6.98 -16.94
C CYS A 696 14.77 -5.55 -16.54
N TRP A 697 15.77 -4.67 -16.51
CA TRP A 697 15.58 -3.28 -16.09
C TRP A 697 16.49 -2.38 -16.91
N PRO A 698 16.27 -2.30 -18.22
CA PRO A 698 17.14 -1.47 -19.06
C PRO A 698 17.03 0.00 -18.67
N ILE A 699 18.06 0.76 -19.03
CA ILE A 699 18.15 2.16 -18.67
C ILE A 699 17.77 2.99 -19.89
N LEU A 700 17.11 4.13 -19.64
CA LEU A 700 16.59 5.00 -20.70
C LEU A 700 17.07 6.42 -20.45
N PRO A 701 18.14 6.86 -21.11
CA PRO A 701 18.56 8.26 -20.98
C PRO A 701 17.51 9.19 -21.57
N GLU A 702 17.07 10.14 -20.77
CA GLU A 702 16.11 11.19 -21.12
C GLU A 702 16.04 12.14 -19.94
N ASN A 703 15.74 13.40 -20.24
CA ASN A 703 15.67 14.43 -19.21
C ASN A 703 14.35 15.16 -18.95
N VAL A 704 13.51 15.33 -19.98
CA VAL A 704 12.24 16.09 -19.91
C VAL A 704 12.63 17.47 -19.36
N SER A 705 11.94 17.94 -18.33
CA SER A 705 12.41 19.17 -17.69
C SER A 705 13.16 18.88 -16.40
N GLY A 706 13.54 17.63 -16.16
CA GLY A 706 14.31 17.30 -14.97
C GLY A 706 15.69 17.94 -14.96
N ASN A 707 16.21 18.30 -16.13
CA ASN A 707 17.47 19.03 -16.18
C ASN A 707 17.36 20.41 -15.56
N ILE A 708 16.15 20.90 -15.34
CA ILE A 708 15.94 22.17 -14.66
C ILE A 708 15.48 21.98 -13.22
N HIS A 709 14.69 20.94 -12.94
CA HIS A 709 14.31 20.66 -11.56
C HIS A 709 15.52 20.34 -10.70
N TYR A 710 16.47 19.59 -11.25
CA TYR A 710 17.67 19.21 -10.52
C TYR A 710 18.83 20.17 -10.74
N ALA A 711 18.59 21.31 -11.39
CA ALA A 711 19.66 22.25 -11.68
C ALA A 711 20.34 22.76 -10.42
N ASN A 712 19.64 22.80 -9.29
CA ASN A 712 20.22 23.19 -8.01
C ASN A 712 20.53 22.00 -7.11
N ILE A 713 20.16 20.79 -7.51
CA ILE A 713 20.40 19.61 -6.67
C ILE A 713 21.72 18.92 -7.01
N VAL A 714 22.31 19.21 -8.17
CA VAL A 714 23.59 18.63 -8.56
C VAL A 714 24.63 19.73 -8.54
N GLY A 715 25.70 19.51 -7.78
CA GLY A 715 26.74 20.50 -7.62
C GLY A 715 27.67 20.56 -8.82
N ALA A 716 28.79 21.23 -8.63
CA ALA A 716 29.78 21.36 -9.68
C ALA A 716 30.34 19.98 -10.05
N LEU A 717 30.66 19.82 -11.33
CA LEU A 717 31.17 18.56 -11.86
C LEU A 717 32.34 18.88 -12.78
N PRO A 718 33.23 17.91 -13.01
CA PRO A 718 34.43 18.20 -13.81
C PRO A 718 34.15 18.60 -15.25
N ASN A 719 32.93 18.41 -15.75
CA ASN A 719 32.62 18.83 -17.10
C ASN A 719 32.38 20.33 -17.21
N GLY A 720 32.59 21.07 -16.13
CA GLY A 720 32.50 22.52 -16.16
C GLY A 720 31.21 23.12 -15.66
N ARG A 721 30.27 22.29 -15.20
CA ARG A 721 29.02 22.82 -14.71
C ARG A 721 29.19 23.40 -13.31
N ARG A 722 28.36 24.38 -12.99
CA ARG A 722 28.31 25.01 -11.68
C ARG A 722 26.91 24.83 -11.11
N ARG A 723 26.83 24.66 -9.79
CA ARG A 723 25.53 24.43 -9.17
C ARG A 723 24.59 25.59 -9.47
N GLY A 724 23.37 25.26 -9.88
CA GLY A 724 22.44 26.24 -10.38
C GLY A 724 22.39 26.35 -11.89
N ASP A 725 23.35 25.77 -12.58
CA ASP A 725 23.28 25.71 -14.03
C ASP A 725 22.38 24.55 -14.46
N ALA A 726 21.80 24.69 -15.65
CA ALA A 726 20.97 23.64 -16.19
C ALA A 726 21.81 22.47 -16.65
N LEU A 727 21.31 21.26 -16.44
CA LEU A 727 21.95 20.07 -16.95
C LEU A 727 21.71 19.97 -18.47
N TYR A 728 22.26 18.94 -19.08
CA TYR A 728 22.16 18.82 -20.53
C TYR A 728 20.72 18.52 -20.94
N ASP A 729 20.37 18.95 -22.16
CA ASP A 729 18.97 18.97 -22.57
C ASP A 729 18.39 17.57 -22.68
N GLY A 730 19.07 16.67 -23.40
CA GLY A 730 18.52 15.39 -23.77
C GLY A 730 19.27 14.23 -23.14
N GLY A 731 18.75 13.03 -23.43
CA GLY A 731 19.34 11.82 -22.87
C GLY A 731 20.72 11.54 -23.42
N VAL A 732 20.88 11.63 -24.75
CA VAL A 732 22.18 11.35 -25.36
C VAL A 732 22.55 12.48 -26.32
N SER A 733 21.99 13.66 -26.11
CA SER A 733 22.33 14.78 -26.95
C SER A 733 23.51 15.55 -26.38
N PRO A 734 24.31 16.19 -27.23
CA PRO A 734 25.44 16.98 -26.74
C PRO A 734 24.98 18.17 -25.92
N GLY A 735 25.87 18.64 -25.05
CA GLY A 735 25.58 19.78 -24.21
C GLY A 735 25.45 21.06 -25.02
N PRO A 736 25.12 22.16 -24.34
CA PRO A 736 24.84 23.40 -25.07
C PRO A 736 26.10 24.00 -25.69
N GLY A 737 26.22 23.88 -27.01
CA GLY A 737 27.36 24.40 -27.72
C GLY A 737 28.61 23.57 -27.65
N LEU A 738 28.58 22.42 -26.97
CA LEU A 738 29.77 21.60 -26.81
C LEU A 738 30.18 20.94 -28.13
N ASP A 739 29.21 20.42 -28.88
CA ASP A 739 29.52 19.82 -30.17
C ASP A 739 29.93 20.90 -31.17
N LYS A 740 30.93 20.59 -31.99
CA LYS A 740 31.43 21.56 -32.97
C LYS A 740 31.52 21.02 -34.38
N ALA A 741 31.60 19.70 -34.59
CA ALA A 741 31.75 19.18 -35.95
C ALA A 741 30.47 19.33 -36.76
N GLY A 742 29.32 19.08 -36.14
CA GLY A 742 28.05 19.25 -36.81
C GLY A 742 27.07 18.15 -36.52
N PRO A 743 25.89 18.21 -37.14
CA PRO A 743 24.87 17.17 -36.90
C PRO A 743 25.31 15.78 -37.32
N THR A 744 26.10 15.68 -38.39
CA THR A 744 26.55 14.37 -38.86
C THR A 744 27.41 13.69 -37.82
N ALA A 745 28.30 14.44 -37.16
CA ALA A 745 29.12 13.87 -36.10
C ALA A 745 28.26 13.39 -34.94
N VAL A 746 27.23 14.17 -34.59
CA VAL A 746 26.32 13.75 -33.53
C VAL A 746 25.64 12.44 -33.91
N LEU A 747 25.18 12.33 -35.15
CA LEU A 747 24.55 11.11 -35.61
C LEU A 747 25.51 9.93 -35.53
N LYS A 748 26.74 10.12 -35.98
CA LYS A 748 27.72 9.03 -35.95
C LYS A 748 28.03 8.62 -34.51
N SER A 749 28.19 9.59 -33.61
CA SER A 749 28.47 9.27 -32.22
C SER A 749 27.33 8.50 -31.58
N VAL A 750 26.09 8.94 -31.81
CA VAL A 750 24.94 8.22 -31.26
C VAL A 750 24.81 6.84 -31.91
N GLY A 751 25.22 6.71 -33.16
CA GLY A 751 25.13 5.43 -33.85
C GLY A 751 26.04 4.36 -33.31
N LYS A 752 27.14 4.76 -32.64
CA LYS A 752 28.01 3.79 -32.00
C LYS A 752 27.28 3.01 -30.91
N ILE A 753 26.22 3.60 -30.35
CA ILE A 753 25.40 2.89 -29.37
C ILE A 753 24.59 1.80 -30.07
N ASP A 754 24.59 0.61 -29.49
CA ASP A 754 23.77 -0.49 -29.98
C ASP A 754 22.41 -0.38 -29.31
N HIS A 755 21.48 0.30 -29.99
CA HIS A 755 20.19 0.61 -29.37
C HIS A 755 19.43 -0.64 -28.98
N VAL A 756 19.59 -1.72 -29.73
CA VAL A 756 18.91 -2.97 -29.39
C VAL A 756 19.47 -3.55 -28.09
N ASN A 757 20.78 -3.45 -27.89
CA ASN A 757 21.45 -4.11 -26.78
C ASN A 757 21.74 -3.19 -25.60
N GLN A 758 22.25 -1.98 -25.88
CA GLN A 758 22.80 -1.16 -24.80
C GLN A 758 21.71 -0.67 -23.84
N GLY A 759 20.58 -0.21 -24.38
CA GLY A 759 19.58 0.39 -23.52
C GLY A 759 18.18 0.27 -24.07
N ARG A 760 17.21 0.67 -23.24
CA ARG A 760 15.81 0.63 -23.61
C ARG A 760 15.51 1.62 -24.74
N SER A 761 15.92 2.87 -24.57
CA SER A 761 15.76 3.89 -25.60
C SER A 761 16.62 5.08 -25.23
N PHE A 762 16.92 5.90 -26.24
CA PHE A 762 17.82 7.04 -26.06
C PHE A 762 17.20 8.27 -26.72
N LEU A 763 16.97 9.30 -25.92
CA LEU A 763 16.38 10.53 -26.44
C LEU A 763 17.44 11.36 -27.13
N LEU A 764 17.15 11.80 -28.36
CA LEU A 764 18.10 12.55 -29.18
C LEU A 764 17.42 13.86 -29.60
N ASN A 765 17.47 14.85 -28.73
CA ASN A 765 16.91 16.15 -29.07
C ASN A 765 17.80 16.87 -30.06
N GLN A 766 17.18 17.61 -30.98
CA GLN A 766 17.93 18.36 -31.97
C GLN A 766 17.13 19.58 -32.39
N ARG A 767 17.82 20.56 -32.97
CA ARG A 767 17.20 21.82 -33.38
C ARG A 767 17.60 22.13 -34.80
N LEU A 768 16.63 22.59 -35.60
CA LEU A 768 16.83 22.89 -37.00
C LEU A 768 16.47 24.35 -37.29
N SER A 769 17.20 24.94 -38.22
CA SER A 769 16.96 26.34 -38.58
C SER A 769 15.70 26.46 -39.41
N PRO A 770 14.76 27.33 -39.05
CA PRO A 770 13.53 27.48 -39.85
C PRO A 770 13.79 27.94 -41.27
N THR A 771 14.81 28.76 -41.48
CA THR A 771 15.10 29.25 -42.84
C THR A 771 15.47 28.10 -43.77
N GLN A 772 16.30 27.18 -43.30
CA GLN A 772 16.70 26.04 -44.14
C GLN A 772 15.51 25.17 -44.50
N LEU A 773 14.63 24.91 -43.54
CA LEU A 773 13.50 24.02 -43.77
C LEU A 773 12.39 24.68 -44.58
N ALA A 774 12.47 25.99 -44.82
CA ALA A 774 11.43 26.66 -45.59
C ALA A 774 11.55 26.34 -47.07
N GLY A 775 10.41 26.30 -47.75
CA GLY A 775 10.40 26.16 -49.18
C GLY A 775 10.42 24.71 -49.66
N ASP A 776 10.71 24.58 -50.95
CA ASP A 776 10.62 23.27 -51.62
C ASP A 776 11.66 22.29 -51.11
N LYS A 777 12.89 22.76 -50.89
CA LYS A 777 14.01 21.88 -50.63
C LYS A 777 14.15 21.50 -49.16
N GLY A 778 13.33 22.07 -48.28
CA GLY A 778 13.40 21.71 -46.88
C GLY A 778 13.09 20.24 -46.65
N PHE A 779 12.06 19.73 -47.33
CA PHE A 779 11.71 18.32 -47.16
C PHE A 779 12.82 17.41 -47.66
N GLN A 780 13.50 17.80 -48.74
CA GLN A 780 14.58 16.95 -49.24
C GLN A 780 15.74 16.88 -48.25
N LEU A 781 16.12 18.02 -47.67
CA LEU A 781 17.17 18.01 -46.66
C LEU A 781 16.76 17.18 -45.44
N TRP A 782 15.53 17.37 -44.98
CA TRP A 782 15.03 16.61 -43.85
C TRP A 782 14.99 15.12 -44.15
N ASN A 783 14.64 14.76 -45.38
CA ASN A 783 14.57 13.35 -45.76
C ASN A 783 15.96 12.73 -45.84
N SER A 784 16.94 13.49 -46.33
CA SER A 784 18.31 13.00 -46.33
C SER A 784 18.80 12.78 -44.90
N TYR A 785 18.49 13.72 -44.00
CA TYR A 785 18.87 13.54 -42.60
C TYR A 785 18.16 12.34 -41.99
N VAL A 786 16.90 12.11 -42.37
CA VAL A 786 16.15 10.99 -41.83
C VAL A 786 16.73 9.67 -42.33
N ARG A 787 17.12 9.62 -43.60
CA ARG A 787 17.77 8.41 -44.12
C ARG A 787 19.09 8.16 -43.41
N THR A 788 19.87 9.22 -43.17
CA THR A 788 21.12 9.05 -42.43
C THR A 788 20.85 8.55 -41.02
N TRP A 789 19.83 9.10 -40.36
CA TRP A 789 19.47 8.66 -39.02
C TRP A 789 19.03 7.22 -39.00
N ALA A 790 18.28 6.80 -40.01
CA ALA A 790 17.74 5.44 -40.03
C ALA A 790 18.83 4.41 -40.35
N GLU A 791 19.75 4.76 -41.25
CA GLU A 791 20.78 3.80 -41.64
C GLU A 791 21.76 3.53 -40.50
N LEU A 792 21.91 4.48 -39.58
CA LEU A 792 22.80 4.30 -38.44
C LEU A 792 22.15 3.54 -37.29
N GLY A 793 20.89 3.15 -37.41
CA GLY A 793 20.23 2.39 -36.37
C GLY A 793 19.82 3.17 -35.15
N ILE A 794 19.70 4.49 -35.25
CA ILE A 794 19.32 5.32 -34.12
C ILE A 794 17.81 5.23 -33.94
N ASP A 795 17.36 4.86 -32.74
CA ASP A 795 15.94 4.58 -32.53
C ASP A 795 15.09 5.84 -32.59
N HIS A 796 15.55 6.94 -32.01
CA HIS A 796 14.71 8.10 -31.75
C HIS A 796 15.38 9.39 -32.19
N ILE A 797 14.61 10.29 -32.77
CA ILE A 797 15.07 11.62 -33.15
C ILE A 797 13.95 12.62 -32.86
N GLN A 798 14.33 13.83 -32.46
CA GLN A 798 13.39 14.92 -32.23
C GLN A 798 13.92 16.17 -32.91
N PHE A 799 13.00 17.07 -33.25
CA PHE A 799 13.36 18.31 -33.92
C PHE A 799 12.67 19.49 -33.25
N ASN A 800 13.38 20.61 -33.18
CA ASN A 800 12.85 21.87 -32.69
C ASN A 800 13.14 22.93 -33.74
N VAL A 801 12.08 23.54 -34.28
CA VAL A 801 12.20 24.49 -35.40
C VAL A 801 11.52 25.78 -34.95
N ILE A 802 12.29 26.71 -34.42
CA ILE A 802 11.76 27.99 -33.96
C ILE A 802 12.90 28.99 -33.89
N SER A 803 12.64 30.21 -34.36
CA SER A 803 13.68 31.24 -34.38
C SER A 803 13.96 31.74 -32.97
N ASP A 804 15.19 32.21 -32.76
CA ASP A 804 15.56 32.79 -31.47
C ASP A 804 14.87 34.12 -31.23
N LYS A 805 14.67 34.90 -32.31
CA LYS A 805 14.04 36.20 -32.16
C LYS A 805 12.63 36.10 -31.63
N VAL A 806 11.87 35.10 -32.11
CA VAL A 806 10.50 34.91 -31.64
C VAL A 806 10.49 34.58 -30.15
N LEU A 807 11.39 33.70 -29.71
CA LEU A 807 11.43 33.34 -28.30
C LEU A 807 11.87 34.51 -27.43
N ARG A 808 12.81 35.33 -27.92
CA ARG A 808 13.21 36.51 -27.16
C ARG A 808 12.05 37.50 -27.05
N ALA A 809 11.29 37.69 -28.13
CA ALA A 809 10.14 38.57 -28.08
C ALA A 809 9.09 38.04 -27.11
N ALA A 810 8.88 36.73 -27.10
CA ALA A 810 7.94 36.13 -26.15
C ALA A 810 8.42 36.30 -24.72
N GLN A 811 9.73 36.24 -24.49
CA GLN A 811 10.27 36.51 -23.17
C GLN A 811 10.00 37.96 -22.77
N ASN A 812 10.19 38.90 -23.69
CA ASN A 812 9.98 40.30 -23.36
C ASN A 812 8.52 40.58 -23.02
N ASP A 813 7.59 40.00 -23.80
CA ASP A 813 6.18 40.23 -23.56
C ASP A 813 5.35 39.03 -24.03
N PRO A 814 4.71 38.31 -23.11
CA PRO A 814 3.91 37.14 -23.51
C PRO A 814 2.52 37.49 -24.00
N GLU A 815 2.31 38.76 -24.37
CA GLU A 815 0.97 39.25 -24.67
C GLU A 815 0.34 38.57 -25.88
N GLY A 816 1.14 38.14 -26.85
CA GLY A 816 0.56 37.59 -28.07
C GLY A 816 1.04 36.19 -28.42
N TYR A 817 2.10 35.74 -27.77
CA TYR A 817 2.71 34.45 -28.10
C TYR A 817 2.17 33.33 -27.20
N GLN A 818 0.85 33.16 -27.25
CA GLN A 818 0.20 32.11 -26.49
C GLN A 818 0.16 30.77 -27.23
N GLU A 819 0.61 30.73 -28.49
CA GLU A 819 0.61 29.50 -29.26
C GLU A 819 2.00 29.20 -29.83
N VAL A 820 3.05 29.64 -29.16
CA VAL A 820 4.42 29.30 -29.52
C VAL A 820 4.81 28.06 -28.73
N ILE A 821 5.23 27.02 -29.44
CA ILE A 821 5.48 25.70 -28.86
C ILE A 821 6.95 25.37 -29.03
N VAL A 822 7.54 24.79 -27.98
CA VAL A 822 8.93 24.36 -28.01
C VAL A 822 9.00 22.93 -27.48
N ARG A 823 9.83 22.12 -28.12
CA ARG A 823 10.07 20.75 -27.70
C ARG A 823 11.16 20.75 -26.64
N VAL A 824 10.83 20.32 -25.42
CA VAL A 824 11.80 20.42 -24.34
C VAL A 824 12.66 19.17 -24.26
N ALA A 825 12.06 18.05 -23.86
CA ALA A 825 12.73 16.76 -23.94
C ALA A 825 11.65 15.67 -23.84
N GLY A 826 11.31 15.08 -24.98
CA GLY A 826 10.26 14.06 -24.98
C GLY A 826 8.86 14.59 -24.90
N TYR A 827 8.68 15.90 -24.75
CA TYR A 827 7.36 16.51 -24.73
C TYR A 827 7.50 17.95 -25.20
N SER A 828 6.38 18.51 -25.65
CA SER A 828 6.34 19.89 -26.11
C SER A 828 5.53 20.72 -25.11
N ALA A 829 5.83 22.01 -25.06
CA ALA A 829 5.14 22.90 -24.15
C ALA A 829 5.09 24.30 -24.73
N HIS A 830 4.14 25.09 -24.26
CA HIS A 830 4.05 26.48 -24.67
C HIS A 830 5.17 27.28 -24.05
N PHE A 831 5.79 28.15 -24.85
CA PHE A 831 6.99 28.85 -24.41
C PHE A 831 6.71 29.79 -23.23
N ILE A 832 5.59 30.53 -23.29
CA ILE A 832 5.30 31.53 -22.27
C ILE A 832 4.81 30.86 -20.98
N ASP A 833 4.77 29.54 -20.96
CA ASP A 833 4.33 28.81 -19.78
C ASP A 833 5.49 28.24 -18.97
N ILE A 834 6.59 27.84 -19.62
CA ILE A 834 7.69 27.25 -18.90
C ILE A 834 8.48 28.33 -18.16
N SER A 835 9.29 27.89 -17.20
CA SER A 835 10.03 28.79 -16.34
C SER A 835 11.08 29.56 -17.12
N ARG A 836 11.51 30.70 -16.55
CA ARG A 836 12.46 31.57 -17.23
C ARG A 836 13.79 30.87 -17.46
N LYS A 837 14.25 30.09 -16.48
CA LYS A 837 15.49 29.35 -16.64
C LYS A 837 15.37 28.33 -17.78
N THR A 838 14.25 27.61 -17.83
CA THR A 838 14.04 26.67 -18.93
C THR A 838 14.00 27.38 -20.27
N GLN A 839 13.36 28.55 -20.32
CA GLN A 839 13.31 29.31 -21.56
C GLN A 839 14.70 29.69 -22.03
N ASP A 840 15.50 30.26 -21.12
CA ASP A 840 16.84 30.68 -21.49
C ASP A 840 17.73 29.51 -21.88
N ASN A 841 17.51 28.34 -21.27
CA ASN A 841 18.31 27.17 -21.64
C ASN A 841 17.90 26.60 -22.98
N ILE A 842 16.59 26.55 -23.26
CA ILE A 842 16.12 26.02 -24.52
C ILE A 842 16.52 26.94 -25.67
N ILE A 843 16.52 28.25 -25.44
CA ILE A 843 16.98 29.18 -26.47
C ILE A 843 18.45 28.93 -26.82
N GLN A 844 19.24 28.48 -25.84
CA GLN A 844 20.68 28.34 -26.01
C GLN A 844 21.08 27.14 -26.85
N ARG A 845 20.15 26.23 -27.15
CA ARG A 845 20.51 25.00 -27.84
C ARG A 845 21.05 25.30 -29.24
N THR A 846 21.93 24.42 -29.72
CA THR A 846 22.62 24.63 -30.97
C THR A 846 21.64 24.56 -32.15
N VAL A 847 21.80 25.48 -33.10
CA VAL A 847 20.99 25.51 -34.31
C VAL A 847 21.78 24.77 -35.39
N GLN A 848 21.54 23.47 -35.50
CA GLN A 848 22.27 22.65 -36.45
C GLN A 848 21.90 23.02 -37.89
N GLY A 849 22.84 22.81 -38.80
CA GLY A 849 22.63 23.10 -40.19
C GLY A 849 22.69 21.85 -41.06
N LEU A 850 21.57 21.50 -41.69
CA LEU A 850 21.52 20.32 -42.54
C LEU A 850 22.25 20.58 -43.85
N GLY A 851 22.69 19.50 -44.49
CA GLY A 851 23.40 19.60 -45.76
C GLY A 851 24.57 18.65 -45.86
N SER B 2 23.44 -0.50 15.44
CA SER B 2 22.15 -0.68 14.80
C SER B 2 21.77 0.54 13.96
N ARG B 3 22.04 0.45 12.66
CA ARG B 3 21.64 1.51 11.74
C ARG B 3 20.12 1.59 11.65
N ARG B 4 19.43 0.48 11.87
CA ARG B 4 17.97 0.46 11.74
C ARG B 4 17.32 1.43 12.72
N ASP B 5 17.79 1.46 13.97
CA ASP B 5 17.22 2.38 14.94
C ASP B 5 17.49 3.83 14.55
N GLU B 6 18.68 4.12 14.04
CA GLU B 6 19.00 5.49 13.63
C GLU B 6 18.12 5.94 12.48
N TRP B 7 17.95 5.10 11.46
CA TRP B 7 17.12 5.49 10.33
C TRP B 7 15.64 5.52 10.71
N LYS B 8 15.21 4.67 11.64
CA LYS B 8 13.86 4.76 12.15
C LYS B 8 13.63 6.08 12.88
N LYS B 9 14.59 6.50 13.69
CA LYS B 9 14.47 7.79 14.35
C LYS B 9 14.38 8.92 13.33
N LEU B 10 15.23 8.88 12.30
CA LEU B 10 15.20 9.93 11.29
C LEU B 10 13.87 9.95 10.55
N GLN B 11 13.35 8.76 10.21
CA GLN B 11 12.06 8.69 9.52
C GLN B 11 10.93 9.22 10.40
N GLU B 12 10.90 8.82 11.67
CA GLU B 12 9.87 9.31 12.57
C GLU B 12 9.94 10.82 12.71
N GLU B 13 11.16 11.38 12.71
CA GLU B 13 11.29 12.82 12.74
C GLU B 13 10.82 13.46 11.43
N MET B 14 10.96 12.75 10.31
CA MET B 14 10.45 13.26 9.04
C MET B 14 8.93 13.31 9.03
N THR B 15 8.27 12.27 9.55
CA THR B 15 6.81 12.21 9.56
C THR B 15 6.29 12.98 10.77
N ARG B 16 6.48 14.29 10.71
CA ARG B 16 6.02 15.20 11.77
C ARG B 16 4.58 15.62 11.46
N ASP B 17 3.67 14.70 11.73
CA ASP B 17 2.26 14.83 11.37
C ASP B 17 1.38 14.67 12.60
N GLY B 18 0.20 15.29 12.54
CA GLY B 18 -0.75 15.24 13.64
C GLY B 18 -1.13 16.63 14.10
N GLY B 19 -0.78 16.96 15.34
CA GLY B 19 -0.99 18.31 15.82
C GLY B 19 -0.18 19.33 15.03
N GLU B 20 1.04 18.94 14.64
CA GLU B 20 1.89 19.84 13.86
C GLU B 20 1.25 20.23 12.54
N ILE B 21 0.51 19.30 11.91
CA ILE B 21 -0.21 19.64 10.69
C ILE B 21 -1.28 20.69 11.00
N LYS B 22 -1.86 20.65 12.20
CA LYS B 22 -2.81 21.68 12.60
C LYS B 22 -2.15 23.04 12.76
N SER B 23 -0.83 23.07 12.98
CA SER B 23 -0.11 24.29 13.30
C SER B 23 0.22 25.16 12.08
N LEU B 24 -0.11 24.72 10.87
CA LEU B 24 0.38 25.37 9.66
C LEU B 24 -0.22 26.74 9.37
N GLU B 25 -1.15 27.21 10.21
CA GLU B 25 -1.85 28.45 9.88
C GLU B 25 -0.92 29.65 9.84
N THR B 26 0.02 29.74 10.79
CA THR B 26 0.92 30.87 10.88
C THR B 26 2.35 30.40 11.16
N VAL B 27 3.30 31.29 10.91
CA VAL B 27 4.70 31.02 11.18
C VAL B 27 5.16 31.91 12.33
N PRO B 28 6.01 31.40 13.23
CA PRO B 28 6.48 32.22 14.35
C PRO B 28 7.36 33.36 13.88
N GLU B 29 7.67 34.26 14.81
CA GLU B 29 8.52 35.40 14.48
C GLU B 29 9.91 34.93 14.04
N GLN B 30 10.48 33.98 14.76
CA GLN B 30 11.76 33.36 14.38
C GLN B 30 11.45 31.92 14.00
N ALA B 31 11.49 31.63 12.71
CA ALA B 31 11.14 30.33 12.17
C ALA B 31 12.33 29.72 11.47
N CYS B 32 12.36 28.38 11.42
CA CYS B 32 13.41 27.70 10.67
C CYS B 32 13.37 28.06 9.20
N GLY B 33 12.19 28.34 8.65
CA GLY B 33 12.07 28.63 7.24
C GLY B 33 12.76 29.91 6.81
N ILE B 34 12.99 30.84 7.74
CA ILE B 34 13.67 32.08 7.44
C ILE B 34 15.09 32.08 7.96
N CYS B 35 15.57 30.97 8.52
CA CYS B 35 16.94 30.90 8.99
C CYS B 35 17.91 30.69 7.84
N LEU B 36 19.10 31.26 7.99
CA LEU B 36 20.12 31.12 6.96
C LEU B 36 20.61 29.68 6.83
N ASN B 37 20.60 28.93 7.93
CA ASN B 37 21.13 27.57 7.94
C ASN B 37 20.11 26.53 7.52
N PHE B 38 19.01 26.94 6.88
CA PHE B 38 17.95 26.04 6.49
C PHE B 38 18.07 25.69 5.01
N THR B 39 17.97 24.41 4.69
CA THR B 39 17.98 23.91 3.32
C THR B 39 16.65 23.25 3.04
N ASP B 40 15.84 23.85 2.19
CA ASP B 40 14.49 23.37 1.94
C ASP B 40 14.52 22.06 1.15
N ASN B 41 13.52 21.23 1.39
CA ASN B 41 13.40 19.97 0.67
C ASN B 41 12.98 20.24 -0.78
N ALA B 42 13.45 19.38 -1.68
CA ALA B 42 13.13 19.51 -3.09
C ALA B 42 12.09 18.52 -3.57
N TYR B 43 11.87 17.43 -2.84
CA TYR B 43 10.87 16.45 -3.25
C TYR B 43 9.47 17.03 -3.24
N GLY B 44 9.16 17.86 -2.24
CA GLY B 44 7.85 18.48 -2.15
C GLY B 44 7.93 19.82 -1.46
N SER B 45 6.82 20.55 -1.54
CA SER B 45 6.69 21.86 -0.88
C SER B 45 5.99 21.76 0.46
N ASP B 46 6.02 20.59 1.10
CA ASP B 46 5.36 20.42 2.39
C ASP B 46 6.04 21.22 3.50
N GLY B 47 7.24 21.74 3.26
CA GLY B 47 7.94 22.54 4.24
C GLY B 47 9.06 21.83 4.96
N ARG B 48 9.27 20.55 4.70
CA ARG B 48 10.36 19.83 5.33
C ARG B 48 11.70 20.35 4.82
N GLY B 49 12.74 20.10 5.61
CA GLY B 49 14.06 20.58 5.24
C GLY B 49 15.12 19.98 6.14
N SER B 50 16.32 20.56 6.03
CA SER B 50 17.45 20.13 6.84
C SER B 50 18.19 21.35 7.35
N CYS B 51 19.00 21.13 8.38
CA CYS B 51 19.80 22.17 9.00
C CYS B 51 21.27 21.92 8.70
N ASN B 52 21.96 22.95 8.20
CA ASN B 52 23.37 22.79 7.86
C ASN B 52 24.24 22.73 9.11
N VAL B 53 23.82 23.40 10.18
CA VAL B 53 24.65 23.51 11.38
C VAL B 53 24.35 22.39 12.35
N LEU B 54 23.10 22.30 12.80
CA LEU B 54 22.74 21.27 13.76
C LEU B 54 22.77 19.89 13.11
N LYS B 55 22.93 18.86 13.94
CA LYS B 55 23.15 17.51 13.45
C LYS B 55 22.39 16.51 14.29
N ALA B 56 22.09 15.36 13.67
CA ALA B 56 21.63 14.13 14.33
C ALA B 56 20.46 14.45 15.26
N GLY B 57 20.52 14.04 16.53
CA GLY B 57 19.38 14.17 17.42
C GLY B 57 19.35 15.47 18.20
N SER B 58 19.37 16.60 17.50
CA SER B 58 19.18 17.88 18.15
C SER B 58 17.71 18.08 18.48
N ASN B 59 17.42 19.16 19.21
CA ASN B 59 16.05 19.49 19.56
C ASN B 59 16.01 20.94 20.02
N ILE B 60 15.15 21.75 19.40
CA ILE B 60 15.03 23.16 19.71
C ILE B 60 13.65 23.56 20.19
N SER B 61 12.69 22.62 20.23
CA SER B 61 11.34 22.97 20.63
C SER B 61 11.27 23.29 22.12
N LEU B 62 11.87 22.44 22.95
CA LEU B 62 11.81 22.63 24.40
C LEU B 62 12.70 23.79 24.82
N PRO B 63 12.37 24.44 25.95
CA PRO B 63 13.24 25.52 26.44
C PRO B 63 14.67 25.07 26.73
N ASP B 64 14.85 23.84 27.20
CA ASP B 64 16.18 23.28 27.44
C ASP B 64 16.72 22.56 26.21
N VAL B 65 16.94 23.34 25.14
CA VAL B 65 17.31 22.80 23.85
C VAL B 65 18.51 21.87 23.96
N ILE B 66 18.46 20.78 23.21
CA ILE B 66 19.58 19.85 23.07
C ILE B 66 20.27 20.15 21.75
N ILE B 67 21.51 20.61 21.81
CA ILE B 67 22.28 21.00 20.63
C ILE B 67 23.44 20.02 20.47
N THR B 68 23.46 19.29 19.36
CA THR B 68 24.51 18.34 19.04
C THR B 68 25.05 18.70 17.67
N ARG B 69 26.16 19.44 17.64
CA ARG B 69 26.74 19.93 16.41
C ARG B 69 27.74 18.96 15.79
N SER B 70 27.95 17.81 16.41
CA SER B 70 28.90 16.80 15.93
C SER B 70 28.10 15.56 15.52
N GLY B 71 28.11 15.25 14.24
CA GLY B 71 27.36 14.11 13.75
C GLY B 71 27.54 13.96 12.25
N GLU B 72 26.80 12.99 11.70
CA GLU B 72 26.87 12.66 10.29
C GLU B 72 25.73 13.23 9.46
N ASN B 73 24.50 13.21 9.99
CA ASN B 73 23.33 13.65 9.26
C ASN B 73 22.79 14.93 9.86
N GLY B 74 22.21 15.77 9.00
CA GLY B 74 21.69 17.05 9.46
C GLY B 74 20.43 16.89 10.29
N TYR B 75 20.00 18.02 10.85
CA TYR B 75 18.82 18.07 11.69
C TYR B 75 17.60 18.40 10.85
N ILE B 76 16.55 17.59 11.00
CA ILE B 76 15.34 17.72 10.19
C ILE B 76 14.45 18.79 10.82
N THR B 77 14.32 19.93 10.15
CA THR B 77 13.49 21.03 10.60
C THR B 77 12.52 21.41 9.50
N PHE B 78 11.36 21.91 9.91
CA PHE B 78 10.32 22.34 8.99
C PHE B 78 10.23 23.86 8.96
N PHE B 79 9.66 24.37 7.87
CA PHE B 79 9.67 25.81 7.62
C PHE B 79 8.95 26.61 8.71
N ASN B 80 8.04 25.99 9.45
CA ASN B 80 7.27 26.68 10.46
C ASN B 80 7.74 26.38 11.88
N SER B 81 8.82 25.64 12.05
CA SER B 81 9.34 25.35 13.38
C SER B 81 9.84 26.64 14.04
N ASP B 82 9.59 26.76 15.34
CA ASP B 82 9.94 27.98 16.06
C ASP B 82 11.42 28.00 16.38
N ALA B 83 12.08 29.10 16.05
CA ALA B 83 13.52 29.25 16.20
C ALA B 83 13.92 30.17 17.35
N LYS B 84 12.96 30.59 18.19
CA LYS B 84 13.30 31.50 19.28
C LYS B 84 14.16 30.84 20.34
N TYR B 85 14.29 29.53 20.33
CA TYR B 85 15.12 28.82 21.30
C TYR B 85 16.37 28.21 20.69
N CYS B 86 16.66 28.51 19.42
CA CYS B 86 17.82 27.91 18.76
C CYS B 86 19.01 28.84 18.87
N PRO B 87 20.14 28.37 19.42
CA PRO B 87 21.32 29.25 19.52
C PRO B 87 21.84 29.73 18.18
N ASN B 88 21.74 28.89 17.15
CA ASN B 88 22.39 29.16 15.88
C ASN B 88 21.48 29.86 14.87
N PHE B 89 20.26 30.20 15.26
CA PHE B 89 19.34 30.84 14.31
C PHE B 89 19.90 32.17 13.83
N GLU B 90 19.74 32.43 12.53
CA GLU B 90 20.12 33.70 11.95
C GLU B 90 19.17 34.01 10.81
N ARG B 91 18.51 35.16 10.88
CA ARG B 91 17.58 35.55 9.84
C ARG B 91 18.33 35.72 8.53
N MET B 92 17.94 34.92 7.53
CA MET B 92 18.65 34.95 6.26
C MET B 92 18.39 36.29 5.56
N LYS B 93 19.44 36.81 4.92
CA LYS B 93 19.38 38.16 4.38
C LYS B 93 18.65 38.23 3.04
N LEU B 94 18.48 37.11 2.34
CA LEU B 94 17.86 37.07 1.02
C LEU B 94 16.81 35.97 1.01
N ILE B 95 15.54 36.36 1.00
CA ILE B 95 14.41 35.45 0.96
C ILE B 95 13.75 35.60 -0.40
N ASP B 96 13.88 34.58 -1.25
CA ASP B 96 13.26 34.59 -2.56
C ASP B 96 11.91 33.88 -2.43
N THR B 97 10.84 34.66 -2.24
CA THR B 97 9.50 34.10 -2.11
C THR B 97 8.87 33.75 -3.45
N ASP B 98 9.52 34.12 -4.56
CA ASP B 98 8.99 33.82 -5.88
C ASP B 98 8.85 32.32 -6.08
N GLY B 99 7.64 31.85 -6.30
CA GLY B 99 7.37 30.46 -6.55
C GLY B 99 7.25 30.09 -8.00
N HIS B 100 7.47 31.03 -8.91
CA HIS B 100 7.40 30.77 -10.34
C HIS B 100 8.72 30.24 -10.90
N GLU B 101 9.74 30.07 -10.07
CA GLU B 101 11.02 29.53 -10.47
C GLU B 101 11.22 28.16 -9.81
N CYS B 102 12.04 27.34 -10.45
CA CYS B 102 12.27 25.99 -9.97
C CYS B 102 12.99 26.01 -8.62
N ALA B 103 12.99 24.87 -7.95
CA ALA B 103 13.43 24.79 -6.57
C ALA B 103 14.87 25.24 -6.40
N ASP B 104 15.11 26.05 -5.37
CA ASP B 104 16.44 26.35 -4.87
C ASP B 104 16.41 26.08 -3.37
N PRO B 105 16.89 24.91 -2.93
CA PRO B 105 16.78 24.57 -1.50
C PRO B 105 17.43 25.58 -0.58
N ILE B 106 18.53 26.19 -1.01
CA ILE B 106 19.28 27.07 -0.12
C ILE B 106 18.51 28.36 0.18
N SER B 107 18.02 29.02 -0.87
CA SER B 107 17.58 30.41 -0.73
C SER B 107 16.17 30.68 -1.23
N ARG B 108 15.39 29.64 -1.55
CA ARG B 108 14.03 29.84 -2.05
C ARG B 108 13.01 29.26 -1.09
N ARG B 109 12.01 30.08 -0.75
CA ARG B 109 10.90 29.67 0.12
C ARG B 109 9.61 29.90 -0.64
N VAL B 110 8.90 28.82 -0.96
CA VAL B 110 7.74 28.88 -1.84
C VAL B 110 6.43 28.65 -1.10
N GLN B 111 6.46 28.49 0.22
CA GLN B 111 5.23 28.22 0.95
C GLN B 111 4.33 29.45 0.98
N ARG B 112 3.02 29.20 1.08
CA ARG B 112 2.05 30.28 1.10
C ARG B 112 2.24 31.17 2.32
N GLN B 113 2.50 30.56 3.48
CA GLN B 113 2.64 31.34 4.71
C GLN B 113 3.82 32.30 4.64
N LEU B 114 4.88 31.92 3.95
CA LEU B 114 6.08 32.73 3.86
C LEU B 114 6.02 33.76 2.75
N SER B 115 4.92 33.83 2.00
CA SER B 115 4.85 34.73 0.86
C SER B 115 4.87 36.19 1.29
N SER B 116 4.43 36.49 2.51
CA SER B 116 4.34 37.85 3.00
C SER B 116 5.51 38.24 3.90
N ILE B 117 6.56 37.41 3.96
CA ILE B 117 7.70 37.68 4.82
C ILE B 117 8.74 38.49 4.05
N LYS B 118 8.59 39.81 4.04
CA LYS B 118 9.59 40.68 3.45
C LYS B 118 10.82 40.72 4.35
N LYS B 119 11.99 40.88 3.72
CA LYS B 119 13.25 40.95 4.45
C LYS B 119 13.24 42.14 5.42
N SER C 1 -38.81 29.16 -2.03
CA SER C 1 -39.44 27.92 -1.60
C SER C 1 -38.45 26.76 -1.63
N THR C 2 -38.60 25.90 -2.63
CA THR C 2 -37.72 24.74 -2.78
C THR C 2 -37.22 24.65 -4.22
N CYS C 3 -36.53 23.55 -4.55
CA CYS C 3 -36.02 23.38 -5.90
C CYS C 3 -37.12 23.26 -6.93
N LYS C 4 -38.33 22.86 -6.53
CA LYS C 4 -39.40 22.67 -7.50
C LYS C 4 -39.72 23.96 -8.24
N GLU C 5 -39.80 25.08 -7.52
CA GLU C 5 -40.16 26.34 -8.13
C GLU C 5 -39.01 27.01 -8.86
N CYS C 6 -37.79 26.51 -8.71
CA CYS C 6 -36.65 27.14 -9.35
C CYS C 6 -36.66 26.87 -10.86
N ARG C 7 -36.28 27.89 -11.64
CA ARG C 7 -36.23 27.74 -13.08
C ARG C 7 -35.08 26.84 -13.52
N ASN C 8 -34.10 26.61 -12.66
CA ASN C 8 -32.92 25.82 -13.00
C ASN C 8 -33.07 24.34 -12.71
N TYR C 9 -34.25 23.88 -12.28
CA TYR C 9 -34.45 22.49 -11.91
C TYR C 9 -35.15 21.75 -13.05
N PHE C 10 -34.65 20.58 -13.40
CA PHE C 10 -35.24 19.74 -14.43
C PHE C 10 -35.37 18.32 -13.91
N PRO C 11 -36.57 17.81 -13.68
CA PRO C 11 -36.71 16.42 -13.23
C PRO C 11 -36.25 15.44 -14.29
N ILE C 12 -35.60 14.36 -13.85
CA ILE C 12 -35.10 13.38 -14.81
C ILE C 12 -36.26 12.64 -15.46
N ASN C 13 -37.35 12.44 -14.73
CA ASN C 13 -38.56 11.81 -15.26
C ASN C 13 -39.78 12.60 -14.81
N GLU C 14 -40.85 12.47 -15.58
CA GLU C 14 -42.08 13.20 -15.27
C GLU C 14 -42.69 12.77 -13.94
N GLU C 15 -42.35 11.57 -13.46
CA GLU C 15 -42.81 11.09 -12.16
C GLU C 15 -41.72 11.08 -11.10
N ALA C 16 -40.46 10.97 -11.48
CA ALA C 16 -39.38 10.84 -10.52
C ALA C 16 -39.19 12.15 -9.74
N SER C 17 -38.91 12.00 -8.44
CA SER C 17 -38.64 13.17 -7.61
C SER C 17 -37.27 13.76 -7.92
N ARG C 18 -36.27 12.92 -8.11
CA ARG C 18 -34.91 13.40 -8.34
C ARG C 18 -34.83 14.20 -9.64
N GLY C 19 -33.93 15.18 -9.66
CA GLY C 19 -33.74 16.00 -10.83
C GLY C 19 -32.33 16.55 -10.88
N ASP C 20 -32.09 17.40 -11.87
CA ASP C 20 -30.81 18.06 -12.07
C ASP C 20 -30.99 19.56 -11.98
N CYS C 21 -30.15 20.20 -11.20
CA CYS C 21 -29.99 21.65 -11.24
C CYS C 21 -29.03 21.98 -12.37
N VAL C 22 -29.53 22.71 -13.37
CA VAL C 22 -28.74 23.07 -14.55
C VAL C 22 -28.61 24.58 -14.58
N ARG C 23 -27.37 25.07 -14.58
CA ARG C 23 -27.10 26.50 -14.55
C ARG C 23 -26.12 26.86 -15.65
N ARG C 24 -26.20 28.10 -16.12
CA ARG C 24 -25.29 28.59 -17.14
C ARG C 24 -24.27 29.51 -16.48
N ILE C 25 -23.00 29.14 -16.57
CA ILE C 25 -21.90 29.89 -15.97
C ILE C 25 -21.13 30.58 -17.08
N SER C 26 -20.64 31.78 -16.79
CA SER C 26 -19.79 32.52 -17.72
C SER C 26 -18.47 32.83 -17.04
N ASP C 27 -17.37 32.43 -17.67
CA ASP C 27 -16.02 32.76 -17.21
C ASP C 27 -15.42 33.81 -18.13
N GLU C 28 -14.24 34.29 -17.73
CA GLU C 28 -13.51 35.23 -18.58
C GLU C 28 -13.05 34.57 -19.87
N ARG C 29 -12.93 33.25 -19.88
CA ARG C 29 -12.50 32.52 -21.06
C ARG C 29 -13.65 31.88 -21.83
N GLN C 30 -14.68 31.40 -21.14
CA GLN C 30 -15.73 30.64 -21.82
C GLN C 30 -17.01 30.68 -21.00
N SER C 31 -18.10 30.28 -21.65
CA SER C 31 -19.38 30.07 -21.01
C SER C 31 -19.82 28.63 -21.22
N TYR C 32 -20.47 28.06 -20.22
CA TYR C 32 -20.83 26.65 -20.28
C TYR C 32 -22.07 26.40 -19.44
N TYR C 33 -22.55 25.16 -19.48
CA TYR C 33 -23.69 24.71 -18.69
C TYR C 33 -23.21 23.64 -17.72
N THR C 34 -23.60 23.75 -16.46
CA THR C 34 -23.24 22.78 -15.44
C THR C 34 -24.49 22.14 -14.87
N ALA C 35 -24.41 20.83 -14.66
CA ALA C 35 -25.51 20.04 -14.13
C ALA C 35 -25.09 19.41 -12.81
N ARG C 36 -26.02 19.34 -11.87
CA ARG C 36 -25.71 18.81 -10.56
C ARG C 36 -26.95 18.12 -9.98
N PRO C 37 -26.82 16.92 -9.44
CA PRO C 37 -28.00 16.23 -8.91
C PRO C 37 -28.63 16.99 -7.74
N THR C 38 -29.96 16.92 -7.67
CA THR C 38 -30.71 17.54 -6.59
C THR C 38 -31.98 16.74 -6.35
N THR C 39 -32.41 16.70 -5.09
CA THR C 39 -33.51 15.84 -4.67
C THR C 39 -34.88 16.49 -4.82
N GLU C 40 -34.94 17.79 -5.16
CA GLU C 40 -36.18 18.50 -5.47
C GLU C 40 -37.03 18.74 -4.23
N ALA C 41 -36.66 18.12 -3.12
CA ALA C 41 -37.30 18.38 -1.85
C ALA C 41 -36.42 19.20 -0.92
N ALA C 42 -35.14 19.34 -1.25
CA ALA C 42 -34.25 20.19 -0.47
C ALA C 42 -34.66 21.65 -0.60
N LYS C 43 -34.67 22.35 0.53
CA LYS C 43 -34.99 23.77 0.52
C LYS C 43 -33.89 24.55 -0.20
N CYS C 44 -34.26 25.73 -0.70
CA CYS C 44 -33.27 26.60 -1.31
C CYS C 44 -32.21 27.02 -0.28
N GLU C 45 -32.65 27.47 0.89
CA GLU C 45 -31.77 27.89 2.00
C GLU C 45 -30.79 28.92 1.47
N GLY C 46 -29.48 28.76 1.70
CA GLY C 46 -28.51 29.69 1.18
C GLY C 46 -28.07 29.35 -0.22
N CYS C 47 -29.00 29.39 -1.17
CA CYS C 47 -28.72 29.13 -2.57
C CYS C 47 -28.78 30.46 -3.32
N SER C 48 -27.63 30.91 -3.81
CA SER C 48 -27.54 32.20 -4.48
C SER C 48 -27.98 32.15 -5.93
N ASP C 49 -28.17 30.97 -6.51
CA ASP C 49 -28.59 30.84 -7.89
C ASP C 49 -30.09 30.58 -8.02
N TYR C 50 -30.80 30.39 -6.91
CA TYR C 50 -32.22 30.08 -6.96
C TYR C 50 -33.00 31.21 -7.61
N LEU C 51 -33.90 30.85 -8.53
CA LEU C 51 -34.73 31.81 -9.23
C LEU C 51 -36.11 31.18 -9.41
N GLU C 52 -37.11 31.72 -8.73
CA GLU C 52 -38.43 31.12 -8.73
C GLU C 52 -39.06 31.20 -10.12
N ASN C 53 -40.05 30.33 -10.34
CA ASN C 53 -40.79 30.27 -11.60
C ASN C 53 -39.84 30.03 -12.78
N MET D 1 32.46 42.09 -5.45
CA MET D 1 32.81 43.08 -6.46
C MET D 1 31.91 44.30 -6.37
N LYS D 2 31.97 45.16 -7.37
CA LYS D 2 31.26 46.44 -7.37
C LYS D 2 29.98 46.29 -8.19
N CYS D 3 28.85 46.23 -7.50
CA CYS D 3 27.56 46.18 -8.17
C CYS D 3 27.30 47.49 -8.91
N THR D 4 26.73 47.38 -10.11
CA THR D 4 26.51 48.56 -10.93
C THR D 4 25.43 49.46 -10.35
N GLU D 5 24.30 48.88 -9.94
CA GLU D 5 23.17 49.68 -9.47
C GLU D 5 23.51 50.39 -8.16
N CYS D 6 24.13 49.69 -7.23
CA CYS D 6 24.49 50.23 -5.91
C CYS D 6 25.93 49.87 -5.59
N GLY D 7 26.63 50.79 -4.94
CA GLY D 7 28.00 50.54 -4.57
C GLY D 7 28.12 49.66 -3.35
N HIS D 8 27.66 48.41 -3.44
CA HIS D 8 27.65 47.53 -2.27
C HIS D 8 29.04 47.04 -1.93
N GLU D 9 29.85 46.72 -2.94
CA GLU D 9 31.24 46.29 -2.77
C GLU D 9 31.34 45.06 -1.86
N ALA D 10 30.73 43.97 -2.32
CA ALA D 10 30.81 42.69 -1.63
C ALA D 10 31.87 41.81 -2.29
N GLU D 11 31.90 40.54 -1.89
CA GLU D 11 32.77 39.54 -2.47
C GLU D 11 32.01 38.79 -3.56
N VAL D 12 32.75 38.09 -4.42
CA VAL D 12 32.15 37.38 -5.53
C VAL D 12 31.20 36.30 -5.03
N MET D 13 31.55 35.65 -3.91
CA MET D 13 30.68 34.61 -3.37
C MET D 13 29.38 35.19 -2.84
N LYS D 14 29.39 36.42 -2.34
CA LYS D 14 28.20 36.98 -1.71
C LYS D 14 27.06 37.12 -2.70
N PHE D 15 27.35 37.55 -3.92
CA PHE D 15 26.33 37.62 -4.95
C PHE D 15 25.76 36.24 -5.23
N ARG D 16 24.44 36.15 -5.31
CA ARG D 16 23.76 34.86 -5.49
C ARG D 16 23.79 34.44 -6.94
N TYR D 17 24.26 33.22 -7.19
CA TYR D 17 24.47 32.73 -8.55
C TYR D 17 23.20 32.13 -9.10
N HIS D 18 22.76 32.60 -10.27
CA HIS D 18 21.52 32.10 -10.87
C HIS D 18 21.80 30.96 -11.84
N TYR D 19 22.49 31.24 -12.93
CA TYR D 19 22.82 30.23 -13.93
C TYR D 19 23.68 30.84 -15.04
N ASN D 20 24.30 29.96 -15.80
CA ASN D 20 25.07 30.35 -16.95
C ASN D 20 24.60 29.49 -18.12
N PRO D 21 23.93 30.11 -19.11
CA PRO D 21 23.52 29.35 -20.29
C PRO D 21 24.69 28.80 -21.11
N ARG D 22 25.76 29.57 -21.25
CA ARG D 22 26.93 29.16 -22.04
C ARG D 22 27.96 28.57 -21.08
N ILE D 23 28.05 27.24 -21.06
CA ILE D 23 28.96 26.58 -20.13
C ILE D 23 30.42 26.79 -20.53
N ASP D 24 30.68 27.04 -21.81
CA ASP D 24 32.06 27.23 -22.26
C ASP D 24 32.53 28.66 -22.08
N ALA D 25 31.62 29.62 -22.05
CA ALA D 25 31.98 31.00 -21.84
C ALA D 25 32.02 31.33 -20.34
N SER D 26 32.55 32.50 -20.02
CA SER D 26 32.64 32.97 -18.64
C SER D 26 31.78 34.23 -18.51
N LEU D 27 30.49 34.02 -18.29
CA LEU D 27 29.52 35.09 -18.04
C LEU D 27 28.23 34.47 -17.57
N SER D 28 27.68 34.94 -16.45
CA SER D 28 26.52 34.29 -15.87
C SER D 28 25.63 35.32 -15.21
N LEU D 29 24.56 34.86 -14.57
CA LEU D 29 23.60 35.75 -13.91
C LEU D 29 23.76 35.66 -12.41
N ARG D 30 23.90 36.82 -11.76
CA ARG D 30 24.03 36.86 -10.31
C ARG D 30 23.15 37.97 -9.75
N GLN D 31 22.74 37.82 -8.50
CA GLN D 31 21.85 38.76 -7.84
C GLN D 31 22.61 39.48 -6.72
N CYS D 32 22.58 40.81 -6.75
CA CYS D 32 23.24 41.60 -5.72
C CYS D 32 22.53 41.38 -4.39
N PRO D 33 23.27 41.12 -3.30
CA PRO D 33 22.61 40.93 -2.00
C PRO D 33 21.94 42.18 -1.46
N GLU D 34 22.34 43.37 -1.92
CA GLU D 34 21.79 44.61 -1.41
C GLU D 34 20.53 45.02 -2.17
N CYS D 35 20.67 45.24 -3.48
CA CYS D 35 19.56 45.74 -4.29
C CYS D 35 18.71 44.63 -4.89
N GLN D 36 19.11 43.37 -4.74
CA GLN D 36 18.41 42.20 -5.27
C GLN D 36 18.24 42.23 -6.78
N ALA D 37 18.91 43.15 -7.48
CA ALA D 37 18.80 43.22 -8.92
C ALA D 37 19.61 42.11 -9.56
N VAL D 38 19.08 41.55 -10.66
CA VAL D 38 19.79 40.53 -11.41
C VAL D 38 20.70 41.20 -12.42
N VAL D 39 21.98 40.85 -12.38
CA VAL D 39 23.00 41.47 -13.21
C VAL D 39 23.83 40.37 -13.86
N THR D 40 24.55 40.76 -14.91
CA THR D 40 25.44 39.86 -15.63
C THR D 40 26.85 40.03 -15.09
N VAL D 41 27.51 38.91 -14.80
CA VAL D 41 28.85 38.92 -14.25
C VAL D 41 29.79 38.20 -15.18
N ASP D 42 31.05 38.63 -15.18
CA ASP D 42 32.11 38.01 -15.95
C ASP D 42 33.00 37.27 -14.95
N GLU D 43 32.78 35.95 -14.82
CA GLU D 43 33.47 35.17 -13.82
C GLU D 43 34.99 35.17 -14.03
N LEU D 44 35.44 35.34 -15.27
CA LEU D 44 36.87 35.26 -15.55
C LEU D 44 37.63 36.39 -14.87
N LYS D 45 37.14 37.62 -14.98
CA LYS D 45 37.80 38.78 -14.39
C LYS D 45 37.04 39.34 -13.20
N ARG D 46 35.93 38.71 -12.81
CA ARG D 46 35.26 38.95 -11.54
C ARG D 46 34.85 40.42 -11.37
N GLU D 47 33.95 40.87 -12.24
CA GLU D 47 33.28 42.14 -12.03
C GLU D 47 31.93 42.12 -12.72
N VAL D 48 31.03 42.97 -12.24
CA VAL D 48 29.66 43.05 -12.76
C VAL D 48 29.62 44.09 -13.87
N LEU D 49 29.01 43.74 -15.00
CA LEU D 49 28.80 44.67 -16.11
C LEU D 49 27.32 44.68 -16.45
N GLY D 50 26.64 45.77 -16.09
CA GLY D 50 25.26 45.97 -16.49
C GLY D 50 24.25 45.07 -15.80
N ARG D 51 22.98 45.47 -15.81
CA ARG D 51 21.90 44.66 -15.29
C ARG D 51 21.25 43.85 -16.41
N MET D 52 20.56 42.78 -16.04
CA MET D 52 19.96 41.85 -16.99
C MET D 52 18.47 42.13 -17.13
N HIS D 53 18.05 42.45 -18.34
CA HIS D 53 16.64 42.55 -18.69
C HIS D 53 16.20 41.28 -19.41
N ASN D 54 14.89 41.16 -19.63
CA ASN D 54 14.35 39.92 -20.17
C ASN D 54 14.75 39.70 -21.62
N GLY D 55 14.72 40.76 -22.44
CA GLY D 55 14.94 40.59 -23.86
C GLY D 55 16.39 40.40 -24.25
N ASP D 56 17.32 40.81 -23.39
CA ASP D 56 18.73 40.82 -23.75
C ASP D 56 19.28 39.41 -23.94
N ASP D 57 20.24 39.28 -24.85
CA ASP D 57 20.96 38.03 -25.09
C ASP D 57 22.44 38.35 -25.09
N PRO D 58 23.10 38.30 -23.93
CA PRO D 58 24.53 38.61 -23.88
C PRO D 58 25.40 37.42 -24.26
N TRP D 59 24.91 36.21 -24.04
CA TRP D 59 25.74 35.02 -24.23
C TRP D 59 26.00 34.73 -25.70
N GLY D 60 24.96 34.78 -26.53
CA GLY D 60 25.15 34.28 -27.87
C GLY D 60 25.27 32.77 -27.86
N LYS D 61 25.81 32.23 -28.96
CA LYS D 61 26.04 30.80 -29.08
C LYS D 61 27.46 30.56 -29.58
N SER D 62 28.08 29.49 -29.09
CA SER D 62 29.41 29.10 -29.51
C SER D 62 29.39 28.13 -30.69
N ALA D 63 28.21 27.72 -31.14
CA ALA D 63 28.08 26.80 -32.26
C ALA D 63 26.81 27.16 -33.03
N GLY D 64 26.38 26.24 -33.90
CA GLY D 64 25.24 26.49 -34.74
C GLY D 64 25.55 27.36 -35.93
N ILE D 65 24.49 27.73 -36.66
CA ILE D 65 24.62 28.50 -37.88
C ILE D 65 23.76 29.75 -37.86
N GLU D 66 23.05 30.03 -36.76
CA GLU D 66 22.00 31.05 -36.76
C GLU D 66 22.37 32.28 -35.95
N ASN D 67 22.64 32.13 -34.65
CA ASN D 67 22.97 33.27 -33.79
C ASN D 67 24.25 32.96 -33.03
N LEU D 68 25.39 33.25 -33.65
CA LEU D 68 26.67 32.98 -33.02
C LEU D 68 27.12 34.17 -32.17
N ALA D 69 28.01 33.88 -31.23
CA ALA D 69 28.65 34.91 -30.42
C ALA D 69 30.04 35.23 -30.97
N SER E 48 0.49 -32.44 52.00
CA SER E 48 1.20 -31.50 52.84
C SER E 48 0.34 -30.29 53.16
N ALA E 49 0.75 -29.52 54.17
CA ALA E 49 -0.01 -28.35 54.60
C ALA E 49 -0.11 -27.32 53.48
N ARG E 50 1.00 -27.06 52.79
CA ARG E 50 0.97 -26.08 51.71
C ARG E 50 0.03 -26.53 50.60
N LEU E 51 0.04 -27.82 50.26
CA LEU E 51 -0.88 -28.32 49.24
C LEU E 51 -2.33 -28.14 49.67
N ASP E 52 -2.63 -28.42 50.93
CA ASP E 52 -3.99 -28.22 51.43
C ASP E 52 -4.40 -26.76 51.33
N TYR E 53 -3.51 -25.84 51.72
CA TYR E 53 -3.85 -24.43 51.66
C TYR E 53 -4.05 -23.98 50.22
N LEU E 54 -3.17 -24.39 49.31
CA LEU E 54 -3.30 -23.98 47.92
C LEU E 54 -4.57 -24.54 47.28
N ARG E 55 -4.90 -25.81 47.58
CA ARG E 55 -6.15 -26.37 47.09
C ARG E 55 -7.35 -25.61 47.64
N LYS E 56 -7.32 -25.27 48.93
CA LYS E 56 -8.42 -24.52 49.52
C LYS E 56 -8.50 -23.09 49.02
N ALA E 57 -7.40 -22.55 48.48
CA ALA E 57 -7.33 -21.16 48.07
C ALA E 57 -7.66 -20.93 46.60
N THR E 58 -8.07 -21.95 45.87
CA THR E 58 -8.38 -21.81 44.46
C THR E 58 -9.86 -21.47 44.26
N TRP E 59 -10.11 -20.55 43.34
CA TRP E 59 -11.46 -20.24 42.90
C TRP E 59 -11.73 -21.04 41.63
N LYS E 60 -12.59 -22.05 41.73
CA LYS E 60 -12.81 -22.96 40.61
C LYS E 60 -13.42 -22.20 39.42
N LYS E 61 -12.85 -22.44 38.25
CA LYS E 61 -13.30 -21.81 37.02
C LYS E 61 -14.25 -22.68 36.21
N GLY E 62 -14.56 -23.89 36.69
CA GLY E 62 -15.52 -24.73 36.01
C GLY E 62 -16.94 -24.23 36.15
N ALA E 63 -17.78 -24.63 35.20
CA ALA E 63 -19.18 -24.23 35.20
C ALA E 63 -20.04 -25.39 35.69
N LEU E 64 -20.80 -25.16 36.75
CA LEU E 64 -21.77 -26.13 37.23
C LEU E 64 -23.14 -25.77 36.67
N GLY E 65 -23.80 -26.76 36.06
CA GLY E 65 -25.08 -26.49 35.41
C GLY E 65 -24.99 -25.49 34.29
N GLY E 66 -23.82 -25.27 33.72
CA GLY E 66 -23.65 -24.30 32.66
C GLY E 66 -23.50 -22.87 33.11
N ASN E 67 -23.06 -22.64 34.35
CA ASN E 67 -22.89 -21.28 34.86
C ASN E 67 -21.71 -21.25 35.82
N TYR E 68 -21.09 -20.08 35.92
CA TYR E 68 -19.95 -19.90 36.82
C TYR E 68 -20.41 -19.88 38.27
N PHE E 69 -19.44 -19.98 39.18
CA PHE E 69 -19.72 -19.82 40.59
C PHE E 69 -19.86 -18.35 40.93
N ASP E 70 -20.43 -18.07 42.11
CA ASP E 70 -20.78 -16.71 42.48
C ASP E 70 -19.55 -15.82 42.59
N GLY E 71 -18.47 -16.31 43.19
CA GLY E 71 -17.31 -15.47 43.43
C GLY E 71 -16.63 -15.00 42.17
N ILE E 72 -16.68 -15.81 41.10
CA ILE E 72 -15.95 -15.49 39.88
C ILE E 72 -16.46 -14.18 39.31
N ARG E 73 -15.51 -13.34 38.87
CA ARG E 73 -15.82 -12.04 38.28
C ARG E 73 -15.10 -11.91 36.94
N LEU E 74 -15.62 -11.04 36.09
CA LEU E 74 -14.98 -10.75 34.82
C LEU E 74 -13.86 -9.74 35.02
N ASP E 75 -12.71 -10.01 34.43
CA ASP E 75 -11.58 -9.08 34.51
C ASP E 75 -11.76 -7.95 33.51
N LEU E 76 -11.63 -6.72 33.99
CA LEU E 76 -11.77 -5.54 33.14
C LEU E 76 -10.45 -4.85 32.84
N GLU E 77 -9.42 -5.07 33.65
CA GLU E 77 -8.13 -4.43 33.41
C GLU E 77 -7.51 -4.91 32.11
N TYR E 78 -7.55 -6.22 31.87
CA TYR E 78 -6.98 -6.76 30.63
C TYR E 78 -7.66 -6.23 29.38
N PRO E 79 -8.99 -6.27 29.24
CA PRO E 79 -9.61 -5.68 28.04
C PRO E 79 -9.33 -4.19 27.91
N THR E 80 -9.30 -3.45 29.02
CA THR E 80 -9.06 -2.01 28.93
C THR E 80 -7.66 -1.71 28.42
N LEU E 81 -6.65 -2.37 28.99
CA LEU E 81 -5.29 -2.17 28.54
C LEU E 81 -5.12 -2.61 27.09
N PHE E 82 -5.71 -3.76 26.73
CA PHE E 82 -5.59 -4.24 25.36
C PHE E 82 -6.23 -3.25 24.38
N THR E 83 -7.39 -2.70 24.74
CA THR E 83 -8.06 -1.76 23.86
C THR E 83 -7.27 -0.46 23.73
N GLU E 84 -6.69 0.04 24.82
CA GLU E 84 -5.87 1.24 24.73
C GLU E 84 -4.67 1.00 23.82
N ALA E 85 -3.97 -0.12 24.00
CA ALA E 85 -2.82 -0.41 23.18
C ALA E 85 -3.21 -0.58 21.71
N TRP E 86 -4.35 -1.24 21.47
CA TRP E 86 -4.85 -1.38 20.11
C TRP E 86 -5.15 -0.02 19.48
N LYS E 87 -5.74 0.88 20.25
CA LYS E 87 -6.01 2.22 19.75
C LYS E 87 -4.71 2.97 19.44
N LYS E 88 -3.65 2.69 20.20
CA LYS E 88 -2.42 3.43 20.03
C LYS E 88 -1.83 3.25 18.63
N TYR E 89 -1.88 2.03 18.09
CA TYR E 89 -1.22 1.69 16.83
C TYR E 89 -2.26 1.29 15.80
N PRO E 90 -2.70 2.21 14.95
CA PRO E 90 -3.68 1.84 13.91
C PRO E 90 -3.05 1.28 12.65
N ASN E 91 -1.82 1.70 12.35
CA ASN E 91 -1.19 1.41 11.07
C ASN E 91 -0.45 0.08 11.03
N ASP E 92 -0.22 -0.56 12.17
CA ASP E 92 0.59 -1.77 12.19
C ASP E 92 -0.20 -2.96 11.65
N PRO E 93 0.48 -3.94 11.03
CA PRO E 93 -0.21 -5.16 10.62
C PRO E 93 -0.82 -5.90 11.79
N SER E 94 -1.64 -6.92 11.51
CA SER E 94 -2.40 -7.58 12.57
C SER E 94 -1.51 -8.20 13.62
N MET E 95 -0.51 -8.98 13.20
CA MET E 95 0.31 -9.70 14.18
C MET E 95 1.20 -8.76 14.95
N LEU E 96 1.79 -7.76 14.28
CA LEU E 96 2.62 -6.79 14.98
C LEU E 96 1.80 -5.97 15.96
N ARG E 97 0.60 -5.55 15.54
CA ARG E 97 -0.26 -4.78 16.44
C ARG E 97 -0.67 -5.61 17.65
N ARG E 98 -1.01 -6.88 17.44
CA ARG E 98 -1.37 -7.73 18.56
C ARG E 98 -0.17 -7.96 19.48
N ALA E 99 1.02 -8.10 18.92
CA ALA E 99 2.20 -8.26 19.75
C ALA E 99 2.46 -7.02 20.60
N LYS E 100 2.33 -5.83 20.01
CA LYS E 100 2.50 -4.60 20.78
C LYS E 100 1.45 -4.48 21.87
N ALA E 101 0.19 -4.84 21.55
CA ALA E 101 -0.87 -4.77 22.53
C ALA E 101 -0.62 -5.73 23.69
N THR E 102 -0.22 -6.96 23.37
CA THR E 102 0.07 -7.93 24.43
C THR E 102 1.27 -7.51 25.26
N ALA E 103 2.29 -6.91 24.64
CA ALA E 103 3.43 -6.40 25.39
C ALA E 103 3.01 -5.30 26.35
N TYR E 104 2.17 -4.38 25.87
CA TYR E 104 1.68 -3.31 26.73
C TYR E 104 0.87 -3.87 27.90
N VAL E 105 0.02 -4.85 27.62
CA VAL E 105 -0.78 -5.47 28.68
C VAL E 105 0.13 -6.13 29.71
N LEU E 106 1.09 -6.93 29.25
CA LEU E 106 1.98 -7.62 30.17
C LEU E 106 2.81 -6.63 30.99
N ASP E 107 3.21 -5.51 30.40
CA ASP E 107 3.89 -4.48 31.16
C ASP E 107 2.99 -3.92 32.26
N ASN E 108 1.75 -3.57 31.90
CA ASN E 108 0.89 -2.83 32.81
C ASN E 108 -0.16 -3.66 33.52
N ILE E 109 -0.20 -4.97 33.29
CA ILE E 109 -1.21 -5.77 33.98
C ILE E 109 -0.87 -5.87 35.46
N SER E 110 -1.90 -6.12 36.27
CA SER E 110 -1.71 -6.36 37.69
C SER E 110 -1.34 -7.83 37.92
N ILE E 111 -0.22 -8.06 38.57
CA ILE E 111 0.27 -9.40 38.84
C ILE E 111 0.19 -9.65 40.33
N PHE E 112 0.05 -10.92 40.71
CA PHE E 112 -0.10 -11.26 42.11
C PHE E 112 0.64 -12.55 42.42
N ILE E 113 1.04 -12.69 43.68
CA ILE E 113 1.66 -13.91 44.19
C ILE E 113 0.89 -14.32 45.43
N THR E 114 0.37 -15.55 45.42
CA THR E 114 -0.43 -16.03 46.54
C THR E 114 0.44 -16.16 47.79
N ASP E 115 -0.23 -16.33 48.94
CA ASP E 115 0.45 -16.25 50.23
C ASP E 115 1.51 -17.35 50.38
N SER E 116 1.19 -18.58 49.96
CA SER E 116 2.13 -19.69 50.03
C SER E 116 2.50 -20.23 48.66
N ALA E 117 2.38 -19.40 47.63
CA ALA E 117 2.65 -19.86 46.27
C ALA E 117 4.14 -20.09 46.05
N GLN E 118 4.46 -21.20 45.38
CA GLN E 118 5.82 -21.44 44.91
C GLN E 118 5.95 -21.22 43.40
N LEU E 119 4.86 -21.28 42.66
CA LEU E 119 4.83 -20.93 41.25
C LEU E 119 3.98 -19.70 41.04
N VAL E 120 4.34 -18.91 40.02
CA VAL E 120 3.66 -17.66 39.74
C VAL E 120 3.18 -17.68 38.30
N GLY E 121 2.27 -16.76 37.98
CA GLY E 121 1.73 -16.65 36.65
C GLY E 121 0.23 -16.92 36.60
N TYR E 122 -0.54 -15.94 36.14
CA TYR E 122 -1.99 -16.06 36.10
C TYR E 122 -2.55 -15.27 34.93
N VAL E 123 -3.60 -15.80 34.32
CA VAL E 123 -4.28 -15.13 33.22
C VAL E 123 -5.41 -14.32 33.84
N GLY E 124 -5.10 -13.10 34.23
CA GLY E 124 -6.07 -12.23 34.88
C GLY E 124 -5.38 -11.32 35.87
N SER E 125 -6.14 -10.34 36.34
CA SER E 125 -5.63 -9.34 37.27
C SER E 125 -5.77 -9.76 38.72
N ALA E 126 -6.46 -10.85 39.01
CA ALA E 126 -6.64 -11.31 40.37
C ALA E 126 -7.01 -12.78 40.34
N PRO E 127 -6.78 -13.53 41.43
CA PRO E 127 -7.09 -14.96 41.42
C PRO E 127 -8.56 -15.27 41.17
N HIS E 128 -9.46 -14.40 41.60
CA HIS E 128 -10.88 -14.67 41.47
C HIS E 128 -11.45 -14.30 40.11
N THR E 129 -10.71 -13.57 39.28
CA THR E 129 -11.25 -13.06 38.03
C THR E 129 -11.15 -14.09 36.92
N ILE E 130 -11.76 -13.76 35.79
CA ILE E 130 -11.79 -14.63 34.62
C ILE E 130 -11.31 -13.83 33.41
N ALA E 131 -10.64 -14.52 32.49
CA ALA E 131 -10.12 -13.86 31.31
C ALA E 131 -11.24 -13.60 30.29
N TRP E 132 -11.08 -12.53 29.52
CA TRP E 132 -12.03 -12.18 28.47
C TRP E 132 -11.26 -11.96 27.18
N ARG E 133 -11.66 -12.66 26.12
CA ARG E 133 -11.10 -12.47 24.79
C ARG E 133 -11.86 -11.33 24.14
N VAL E 134 -11.34 -10.11 24.27
CA VAL E 134 -12.13 -8.92 23.96
C VAL E 134 -12.47 -8.87 22.47
N ASP E 135 -11.54 -9.28 21.61
CA ASP E 135 -11.75 -9.22 20.16
C ASP E 135 -11.92 -10.60 19.55
N GLY E 136 -12.55 -11.52 20.28
CA GLY E 136 -12.81 -12.84 19.76
C GLY E 136 -14.01 -12.90 18.85
N ALA E 137 -15.18 -12.56 19.38
CA ALA E 137 -16.41 -12.53 18.61
C ALA E 137 -17.35 -11.48 19.19
N SER E 138 -18.06 -10.77 18.30
CA SER E 138 -19.01 -9.77 18.75
C SER E 138 -20.17 -10.41 19.52
N THR E 139 -20.56 -11.63 19.12
CA THR E 139 -21.55 -12.36 19.89
C THR E 139 -21.08 -12.61 21.31
N VAL E 140 -19.81 -12.98 21.46
CA VAL E 140 -19.24 -13.20 22.79
C VAL E 140 -19.25 -11.90 23.59
N ASN E 141 -18.93 -10.77 22.95
CA ASN E 141 -18.94 -9.50 23.66
C ASN E 141 -20.34 -9.14 24.14
N SER E 142 -21.34 -9.32 23.27
CA SER E 142 -22.71 -9.03 23.66
C SER E 142 -23.17 -9.94 24.79
N GLU E 143 -22.74 -11.20 24.75
CA GLU E 143 -23.11 -12.13 25.82
C GLU E 143 -22.39 -11.79 27.12
N VAL E 144 -21.17 -11.26 27.04
CA VAL E 144 -20.49 -10.75 28.22
C VAL E 144 -21.29 -9.60 28.82
N TYR E 145 -21.78 -8.71 27.97
CA TYR E 145 -22.64 -7.64 28.45
C TYR E 145 -23.89 -8.19 29.12
N ASN E 146 -24.52 -9.18 28.49
CA ASN E 146 -25.80 -9.70 29.00
C ASN E 146 -25.60 -10.54 30.26
N GLU E 147 -24.51 -11.28 30.34
CA GLU E 147 -24.36 -12.31 31.36
C GLU E 147 -24.45 -11.73 32.77
N PRO E 148 -25.25 -12.31 33.65
CA PRO E 148 -25.37 -11.78 35.03
C PRO E 148 -24.38 -12.42 35.98
N GLY E 149 -24.05 -11.67 37.04
CA GLY E 149 -23.33 -12.22 38.17
C GLY E 149 -21.81 -12.16 38.10
N ILE E 150 -21.23 -11.72 37.01
CA ILE E 150 -19.78 -11.63 36.88
C ILE E 150 -19.30 -10.19 36.82
N HIS E 151 -20.09 -9.26 37.34
CA HIS E 151 -19.78 -7.83 37.29
C HIS E 151 -19.61 -7.30 38.70
N ALA E 152 -18.63 -6.41 38.88
CA ALA E 152 -18.22 -5.89 40.17
C ALA E 152 -19.32 -5.11 40.88
N GLU E 153 -19.08 -4.75 42.14
CA GLU E 153 -20.09 -4.03 42.93
C GLU E 153 -20.58 -2.75 42.26
N PRO E 154 -19.73 -1.91 41.67
CA PRO E 154 -20.30 -0.81 40.88
C PRO E 154 -20.84 -1.32 39.55
N GLU E 155 -21.93 -2.10 39.63
CA GLU E 155 -22.45 -2.81 38.47
C GLU E 155 -22.80 -1.83 37.35
N ALA E 156 -23.33 -0.67 37.70
CA ALA E 156 -23.62 0.35 36.70
C ALA E 156 -22.34 0.79 35.99
N GLU E 157 -21.31 1.14 36.76
CA GLU E 157 -20.06 1.60 36.16
C GLU E 157 -19.36 0.49 35.39
N SER E 158 -19.35 -0.72 35.96
CA SER E 158 -18.72 -1.85 35.29
C SER E 158 -19.40 -2.15 33.96
N LEU E 159 -20.74 -2.14 33.95
CA LEU E 159 -21.46 -2.36 32.70
C LEU E 159 -21.28 -1.20 31.74
N LYS E 160 -21.08 0.01 32.25
CA LYS E 160 -20.77 1.14 31.38
C LYS E 160 -19.45 0.91 30.67
N LYS E 161 -18.42 0.48 31.41
CA LYS E 161 -17.13 0.20 30.79
C LYS E 161 -17.22 -0.94 29.79
N VAL E 162 -17.95 -2.00 30.14
CA VAL E 162 -18.13 -3.13 29.24
C VAL E 162 -18.85 -2.69 27.97
N ALA E 163 -19.87 -1.84 28.12
CA ALA E 163 -20.60 -1.35 26.96
C ALA E 163 -19.72 -0.49 26.07
N GLU E 164 -18.87 0.36 26.67
CA GLU E 164 -17.94 1.15 25.87
C GLU E 164 -16.96 0.26 25.10
N ILE E 165 -16.44 -0.77 25.78
CA ILE E 165 -15.52 -1.69 25.12
C ILE E 165 -16.21 -2.39 23.95
N ASN E 166 -17.42 -2.88 24.18
CA ASN E 166 -18.16 -3.55 23.11
C ASN E 166 -18.45 -2.58 21.97
N SER E 167 -18.77 -1.33 22.29
CA SER E 167 -19.04 -0.34 21.26
C SER E 167 -17.81 -0.13 20.40
N TYR E 168 -16.63 -0.08 21.00
CA TYR E 168 -15.41 0.04 20.21
C TYR E 168 -15.17 -1.21 19.36
N TRP E 169 -15.36 -2.39 19.95
CA TRP E 169 -15.05 -3.63 19.25
C TRP E 169 -16.19 -4.16 18.41
N ASN E 170 -17.34 -3.50 18.38
CA ASN E 170 -18.43 -3.93 17.53
C ASN E 170 -18.12 -3.58 16.08
N GLY E 171 -18.11 -4.60 15.22
CA GLY E 171 -17.82 -4.40 13.81
C GLY E 171 -16.36 -4.49 13.44
N GLN E 172 -15.45 -4.63 14.42
CA GLN E 172 -14.03 -4.76 14.15
C GLN E 172 -13.49 -6.13 14.58
N THR E 173 -14.36 -7.04 15.00
CA THR E 173 -13.92 -8.33 15.47
C THR E 173 -13.57 -9.25 14.30
N ALA E 174 -12.77 -10.27 14.60
CA ALA E 174 -12.36 -11.21 13.56
C ALA E 174 -13.54 -11.97 12.99
N VAL E 175 -14.45 -12.42 13.86
CA VAL E 175 -15.64 -13.13 13.39
C VAL E 175 -16.49 -12.20 12.53
N ASP E 176 -16.54 -10.91 12.86
CA ASP E 176 -17.24 -9.96 12.02
C ASP E 176 -16.61 -9.88 10.63
N LYS E 177 -15.28 -9.90 10.56
CA LYS E 177 -14.61 -9.89 9.27
C LYS E 177 -14.91 -11.16 8.47
N VAL E 178 -14.93 -12.31 9.14
CA VAL E 178 -15.25 -13.56 8.46
C VAL E 178 -16.68 -13.51 7.92
N GLY E 179 -17.61 -13.00 8.73
CA GLY E 179 -18.99 -12.91 8.28
C GLY E 179 -19.17 -11.94 7.13
N ARG E 180 -18.43 -10.83 7.14
CA ARG E 180 -18.52 -9.88 6.04
C ARG E 180 -17.92 -10.45 4.76
N LEU E 181 -16.84 -11.23 4.86
CA LEU E 181 -16.24 -11.79 3.67
C LEU E 181 -17.14 -12.83 3.01
N ILE E 182 -17.80 -13.67 3.82
CA ILE E 182 -18.76 -14.62 3.27
C ILE E 182 -19.93 -13.85 2.66
N ASP E 183 -20.69 -14.53 1.81
CA ASP E 183 -21.82 -13.89 1.14
C ASP E 183 -22.86 -13.48 2.18
N PRO E 184 -23.53 -12.33 1.98
CA PRO E 184 -24.40 -11.80 3.05
C PRO E 184 -25.49 -12.75 3.48
N GLU E 185 -26.08 -13.50 2.54
CA GLU E 185 -27.09 -14.48 2.91
C GLU E 185 -26.50 -15.55 3.84
N ASP E 186 -25.30 -16.03 3.52
CA ASP E 186 -24.66 -17.02 4.36
C ASP E 186 -24.37 -16.45 5.75
N ALA E 187 -23.91 -15.20 5.82
CA ALA E 187 -23.65 -14.57 7.11
C ALA E 187 -24.93 -14.46 7.94
N VAL E 188 -26.02 -14.03 7.31
CA VAL E 188 -27.26 -13.86 8.04
C VAL E 188 -27.82 -15.21 8.50
N LYS E 189 -27.67 -16.25 7.69
CA LYS E 189 -28.08 -17.58 8.12
C LYS E 189 -27.22 -18.08 9.28
N PHE E 190 -25.90 -17.91 9.18
CA PHE E 190 -24.98 -18.47 10.18
C PHE E 190 -25.14 -17.78 11.52
N PHE E 191 -25.19 -16.45 11.53
CA PHE E 191 -25.25 -15.70 12.78
C PHE E 191 -26.68 -15.48 13.28
N SER E 192 -27.67 -16.04 12.58
CA SER E 192 -29.03 -16.05 13.13
C SER E 192 -29.14 -16.98 14.33
N GLY E 193 -28.31 -18.03 14.37
CA GLY E 193 -28.31 -18.98 15.45
C GLY E 193 -29.22 -20.18 15.27
N ALA E 194 -30.06 -20.19 14.23
CA ALA E 194 -30.96 -21.31 14.02
C ALA E 194 -30.20 -22.56 13.59
N ILE E 195 -29.32 -22.42 12.59
CA ILE E 195 -28.56 -23.57 12.09
C ILE E 195 -27.61 -24.07 13.16
N GLY E 196 -26.98 -23.16 13.89
CA GLY E 196 -26.04 -23.55 14.93
C GLY E 196 -25.23 -22.36 15.39
N TRP E 197 -24.29 -22.65 16.27
CA TRP E 197 -23.41 -21.65 16.85
C TRP E 197 -21.96 -22.04 16.58
N GLY E 198 -21.19 -21.10 16.07
CA GLY E 198 -19.78 -21.34 15.79
C GLY E 198 -18.99 -20.06 15.79
N THR E 199 -17.70 -20.18 16.12
CA THR E 199 -16.78 -19.05 16.10
C THR E 199 -15.65 -19.35 15.11
N PRO E 200 -15.76 -18.90 13.86
CA PRO E 200 -14.74 -19.21 12.85
C PRO E 200 -13.56 -18.25 12.86
N SER E 201 -12.70 -18.40 13.86
CA SER E 201 -11.51 -17.58 13.98
C SER E 201 -10.51 -18.30 14.87
N SER E 202 -9.28 -17.79 14.88
CA SER E 202 -8.22 -18.35 15.70
C SER E 202 -8.27 -17.86 17.14
N ALA E 203 -9.11 -16.87 17.46
CA ALA E 203 -9.26 -16.43 18.84
C ALA E 203 -9.79 -17.52 19.73
N PHE E 204 -10.50 -18.50 19.16
CA PHE E 204 -10.96 -19.68 19.88
C PHE E 204 -10.56 -20.91 19.08
N GLY E 205 -10.24 -21.97 19.78
CA GLY E 205 -9.76 -23.18 19.14
C GLY E 205 -8.68 -23.81 19.98
N TYR E 206 -8.00 -24.79 19.39
CA TYR E 206 -6.99 -25.57 20.09
C TYR E 206 -5.63 -25.33 19.46
N SER E 207 -4.65 -24.98 20.28
CA SER E 207 -3.31 -24.69 19.78
C SER E 207 -2.35 -25.80 20.18
N GLY E 208 -1.51 -26.20 19.23
CA GLY E 208 -0.47 -27.19 19.48
C GLY E 208 0.87 -26.51 19.70
N LYS E 209 1.63 -27.03 20.64
CA LYS E 209 2.89 -26.42 21.07
C LYS E 209 4.06 -27.28 20.62
N ASN E 210 5.03 -26.64 19.96
CA ASN E 210 6.25 -27.29 19.48
C ASN E 210 7.20 -27.53 20.66
N PHE E 211 6.85 -28.51 21.48
CA PHE E 211 7.59 -28.75 22.71
C PHE E 211 9.05 -29.13 22.43
N GLU E 212 9.29 -29.92 21.39
CA GLU E 212 10.66 -30.28 21.05
C GLU E 212 11.51 -29.06 20.75
N TYR E 213 10.90 -27.97 20.30
CA TYR E 213 11.65 -26.79 19.91
C TYR E 213 12.19 -26.06 21.13
N PHE E 214 11.36 -25.85 22.16
CA PHE E 214 11.71 -24.98 23.27
C PHE E 214 11.70 -25.68 24.64
N MET E 215 11.61 -27.01 24.67
CA MET E 215 11.49 -27.68 25.96
C MET E 215 12.45 -28.87 26.09
N LYS E 216 13.39 -29.03 25.16
CA LYS E 216 14.40 -30.07 25.31
C LYS E 216 15.42 -29.71 26.39
N GLY E 217 15.62 -28.41 26.62
CA GLY E 217 16.66 -27.92 27.50
C GLY E 217 17.73 -27.13 26.77
N ASP E 218 17.82 -27.28 25.45
CA ASP E 218 18.81 -26.53 24.68
C ASP E 218 18.39 -25.07 24.51
N ARG E 219 17.10 -24.82 24.31
CA ARG E 219 16.60 -23.51 23.94
C ARG E 219 15.68 -22.94 25.01
N ALA E 220 15.76 -21.63 25.20
CA ALA E 220 14.80 -20.88 25.99
C ALA E 220 14.37 -19.66 25.18
N PHE E 221 13.72 -18.70 25.82
CA PHE E 221 13.28 -17.52 25.09
C PHE E 221 14.46 -16.71 24.56
N SER E 222 15.57 -16.66 25.30
CA SER E 222 16.73 -15.92 24.80
C SER E 222 17.33 -16.58 23.57
N GLN E 223 17.41 -17.91 23.56
CA GLN E 223 17.95 -18.60 22.39
C GLN E 223 17.03 -18.43 21.18
N ILE E 224 15.71 -18.49 21.39
CA ILE E 224 14.78 -18.23 20.30
C ILE E 224 14.92 -16.80 19.81
N ILE E 225 15.15 -15.85 20.73
CA ILE E 225 15.35 -14.47 20.34
C ILE E 225 16.62 -14.34 19.52
N ALA E 226 17.68 -15.07 19.89
CA ALA E 226 18.92 -15.03 19.13
C ALA E 226 18.72 -15.57 17.72
N GLU E 227 18.00 -16.69 17.60
CA GLU E 227 17.72 -17.23 16.27
C GLU E 227 16.86 -16.28 15.44
N ILE E 228 15.88 -15.64 16.08
CA ILE E 228 15.07 -14.65 15.38
C ILE E 228 15.93 -13.47 14.95
N ASP E 229 16.89 -13.08 15.78
CA ASP E 229 17.80 -12.00 15.41
C ASP E 229 18.65 -12.39 14.21
N GLU E 230 19.11 -13.65 14.17
CA GLU E 230 19.84 -14.12 13.01
C GLU E 230 18.99 -14.05 11.75
N LYS E 231 17.74 -14.51 11.85
CA LYS E 231 16.85 -14.47 10.69
C LYS E 231 16.58 -13.03 10.26
N ILE E 232 16.38 -12.13 11.23
CA ILE E 232 16.11 -10.73 10.93
C ILE E 232 17.31 -10.09 10.25
N ASP E 233 18.52 -10.35 10.76
CA ASP E 233 19.72 -9.78 10.16
C ASP E 233 19.92 -10.30 8.74
N GLU E 234 19.67 -11.60 8.52
CA GLU E 234 19.76 -12.13 7.17
C GLU E 234 18.75 -11.47 6.24
N ALA E 235 17.52 -11.28 6.72
CA ALA E 235 16.50 -10.64 5.89
C ALA E 235 16.85 -9.18 5.60
N GLU E 236 17.37 -8.46 6.58
CA GLU E 236 17.82 -7.09 6.36
C GLU E 236 18.92 -7.05 5.32
N GLU E 237 19.88 -7.97 5.42
CA GLU E 237 20.95 -8.06 4.43
C GLU E 237 20.38 -8.31 3.04
N ALA E 238 19.35 -9.18 2.95
CA ALA E 238 18.72 -9.45 1.67
C ALA E 238 18.03 -8.22 1.12
N THR E 239 17.30 -7.48 1.96
CA THR E 239 16.49 -6.36 1.52
C THR E 239 17.30 -5.14 1.14
N ILE E 240 18.60 -5.13 1.40
CA ILE E 240 19.49 -4.07 0.93
C ILE E 240 20.42 -4.59 -0.17
N GLY E 241 20.12 -5.75 -0.73
CA GLY E 241 20.94 -6.38 -1.74
C GLY E 241 20.37 -6.23 -3.14
N THR E 242 20.53 -7.28 -3.93
CA THR E 242 20.11 -7.23 -5.32
C THR E 242 18.59 -7.27 -5.42
N PRO E 243 17.96 -6.35 -6.15
CA PRO E 243 16.51 -6.42 -6.35
C PRO E 243 16.13 -7.70 -7.08
N SER E 244 15.01 -8.28 -6.66
CA SER E 244 14.48 -9.50 -7.24
C SER E 244 13.11 -9.77 -6.62
N PRO E 245 12.25 -10.51 -7.32
CA PRO E 245 10.96 -10.88 -6.72
C PRO E 245 11.10 -11.77 -5.49
N HIS E 246 12.25 -12.42 -5.31
CA HIS E 246 12.43 -13.30 -4.16
C HIS E 246 12.42 -12.52 -2.85
N ILE E 247 13.04 -11.34 -2.82
CA ILE E 247 13.12 -10.56 -1.57
C ILE E 247 11.85 -9.79 -1.25
N LEU E 248 10.92 -9.67 -2.20
CA LEU E 248 9.71 -8.92 -1.95
C LEU E 248 8.87 -9.49 -0.80
N PRO E 249 8.64 -10.80 -0.71
CA PRO E 249 7.90 -11.32 0.47
C PRO E 249 8.59 -11.07 1.79
N LEU E 250 9.89 -10.75 1.79
CA LEU E 250 10.65 -10.73 3.03
C LEU E 250 10.31 -9.53 3.92
N TYR E 251 9.70 -8.48 3.38
CA TYR E 251 9.36 -7.31 4.19
C TYR E 251 8.32 -7.60 5.26
N ASP E 252 7.13 -8.04 4.84
CA ASP E 252 6.11 -8.42 5.81
C ASP E 252 6.60 -9.58 6.67
N LYS E 253 7.47 -10.43 6.13
CA LYS E 253 8.12 -11.45 6.93
C LYS E 253 8.96 -10.83 8.04
N LEU E 254 9.68 -9.76 7.72
CA LEU E 254 10.45 -9.03 8.72
C LEU E 254 9.54 -8.47 9.81
N ASN E 255 8.40 -7.91 9.40
CA ASN E 255 7.43 -7.44 10.38
C ASN E 255 6.95 -8.58 11.29
N ASN E 256 6.67 -9.75 10.70
CA ASN E 256 6.26 -10.90 11.49
C ASN E 256 7.34 -11.31 12.49
N TRP E 257 8.59 -11.34 12.02
CA TRP E 257 9.70 -11.65 12.91
C TRP E 257 9.82 -10.62 14.03
N HIS E 258 9.63 -9.34 13.72
CA HIS E 258 9.66 -8.30 14.73
C HIS E 258 8.61 -8.54 15.80
N ALA E 259 7.39 -8.87 15.39
CA ALA E 259 6.34 -9.20 16.34
C ALA E 259 6.71 -10.41 17.20
N MET E 260 7.27 -11.43 16.55
CA MET E 260 7.70 -12.63 17.24
C MET E 260 8.72 -12.33 18.32
N LYS E 261 9.66 -11.43 18.03
CA LYS E 261 10.68 -11.06 19.00
C LYS E 261 10.09 -10.22 20.13
N LEU E 262 9.21 -9.28 19.76
CA LEU E 262 8.61 -8.39 20.74
C LEU E 262 7.86 -9.18 21.81
N VAL E 263 7.09 -10.19 21.38
CA VAL E 263 6.30 -10.92 22.37
C VAL E 263 7.20 -11.64 23.37
N LEU E 264 8.34 -12.17 22.93
CA LEU E 264 9.24 -12.87 23.84
C LEU E 264 9.93 -11.91 24.80
N GLU E 265 10.35 -10.75 24.28
CA GLU E 265 10.91 -9.71 25.15
C GLU E 265 9.90 -9.31 26.22
N ALA E 266 8.65 -9.09 25.81
CA ALA E 266 7.60 -8.76 26.78
C ALA E 266 7.44 -9.86 27.83
N ALA E 267 7.48 -11.12 27.41
CA ALA E 267 7.37 -12.23 28.35
C ALA E 267 8.50 -12.23 29.37
N ILE E 268 9.72 -12.00 28.91
CA ILE E 268 10.86 -11.95 29.81
C ILE E 268 10.69 -10.82 30.82
N ARG E 269 10.27 -9.64 30.35
CA ARG E 269 10.00 -8.52 31.25
C ARG E 269 8.91 -8.88 32.26
N PHE E 270 7.91 -9.62 31.82
CA PHE E 270 6.83 -10.06 32.70
C PHE E 270 7.39 -10.91 33.84
N ALA E 271 8.25 -11.88 33.50
CA ALA E 271 8.87 -12.69 34.54
C ALA E 271 9.75 -11.85 35.46
N GLY E 272 10.45 -10.86 34.91
CA GLY E 272 11.22 -9.94 35.75
C GLY E 272 10.35 -9.19 36.74
N ARG E 273 9.16 -8.77 36.30
CA ARG E 273 8.23 -8.12 37.20
C ARG E 273 7.84 -9.05 38.35
N TYR E 274 7.55 -10.31 38.01
CA TYR E 274 7.23 -11.27 39.07
C TYR E 274 8.39 -11.45 40.03
N ALA E 275 9.62 -11.45 39.52
CA ALA E 275 10.80 -11.58 40.37
C ALA E 275 10.92 -10.38 41.31
N ARG E 276 10.68 -9.18 40.80
CA ARG E 276 10.70 -7.99 41.64
C ARG E 276 9.67 -8.09 42.76
N LEU E 277 8.46 -8.53 42.41
CA LEU E 277 7.45 -8.72 43.45
C LEU E 277 7.90 -9.74 44.49
N ALA E 278 8.52 -10.82 44.03
CA ALA E 278 9.02 -11.84 44.96
C ALA E 278 10.07 -11.25 45.90
N ARG E 279 10.99 -10.45 45.37
CA ARG E 279 12.01 -9.82 46.21
C ARG E 279 11.39 -8.85 47.20
N VAL E 280 10.38 -8.10 46.79
CA VAL E 280 9.70 -7.19 47.71
C VAL E 280 9.02 -7.96 48.83
N MET E 281 8.34 -9.06 48.49
CA MET E 281 7.71 -9.89 49.52
C MET E 281 8.74 -10.53 50.43
N ALA E 282 9.91 -10.89 49.91
CA ALA E 282 10.98 -11.39 50.76
C ALA E 282 11.46 -10.31 51.72
N ALA E 283 11.53 -9.07 51.24
CA ALA E 283 11.89 -7.96 52.12
C ALA E 283 10.87 -7.79 53.23
N LYS E 284 9.57 -7.96 52.92
CA LYS E 284 8.55 -7.78 53.93
C LYS E 284 8.55 -8.91 54.96
N GLU E 285 8.65 -10.16 54.50
CA GLU E 285 8.36 -11.31 55.35
C GLU E 285 9.53 -11.64 56.26
N THR E 286 9.21 -12.32 57.37
CA THR E 286 10.19 -12.61 58.41
C THR E 286 10.51 -14.09 58.57
N ASP E 287 9.53 -14.98 58.37
CA ASP E 287 9.76 -16.39 58.57
C ASP E 287 10.84 -16.90 57.63
N GLU E 288 11.79 -17.65 58.17
CA GLU E 288 12.98 -18.02 57.41
C GLU E 288 12.64 -18.95 56.25
N GLN E 289 11.74 -19.91 56.47
CA GLN E 289 11.40 -20.84 55.39
C GLN E 289 10.70 -20.13 54.24
N ARG E 290 9.75 -19.24 54.56
CA ARG E 290 9.11 -18.45 53.52
C ARG E 290 10.10 -17.50 52.87
N LYS E 291 11.08 -17.00 53.63
CA LYS E 291 12.13 -16.19 53.03
C LYS E 291 12.89 -16.98 51.97
N LYS E 292 13.29 -18.22 52.31
CA LYS E 292 13.98 -19.05 51.35
C LYS E 292 13.12 -19.34 50.13
N GLU E 293 11.83 -19.64 50.36
CA GLU E 293 10.94 -19.93 49.25
C GLU E 293 10.78 -18.74 48.33
N LEU E 294 10.62 -17.54 48.89
CA LEU E 294 10.47 -16.34 48.07
C LEU E 294 11.75 -16.02 47.30
N LEU E 295 12.91 -16.20 47.93
CA LEU E 295 14.17 -15.98 47.22
C LEU E 295 14.33 -16.98 46.09
N ARG E 296 13.95 -18.23 46.33
CA ARG E 296 14.00 -19.24 45.29
C ARG E 296 13.05 -18.90 44.14
N VAL E 297 11.87 -18.36 44.47
CA VAL E 297 10.92 -17.93 43.45
C VAL E 297 11.51 -16.79 42.62
N ALA E 298 12.17 -15.84 43.29
CA ALA E 298 12.81 -14.75 42.56
C ALA E 298 13.89 -15.28 41.62
N GLU E 299 14.72 -16.20 42.11
CA GLU E 299 15.75 -16.79 41.26
C GLU E 299 15.13 -17.54 40.08
N THR E 300 14.05 -18.28 40.34
CA THR E 300 13.39 -19.02 39.27
C THR E 300 12.84 -18.08 38.21
N CYS E 301 12.17 -17.00 38.63
CA CYS E 301 11.62 -16.04 37.67
C CYS E 301 12.73 -15.33 36.90
N GLU E 302 13.90 -15.16 37.52
CA GLU E 302 15.01 -14.56 36.80
C GLU E 302 15.63 -15.52 35.80
N ARG E 303 15.75 -16.80 36.16
CA ARG E 303 16.36 -17.78 35.27
C ARG E 303 15.48 -18.06 34.05
N VAL E 304 14.20 -18.35 34.28
CA VAL E 304 13.29 -18.74 33.21
C VAL E 304 12.21 -17.67 33.08
N PRO E 305 11.69 -17.42 31.88
CA PRO E 305 11.91 -18.15 30.63
C PRO E 305 13.08 -17.61 29.82
N ALA E 306 13.88 -16.71 30.38
CA ALA E 306 15.01 -16.16 29.65
C ALA E 306 16.02 -17.25 29.28
N ASN E 307 16.35 -18.11 30.22
CA ASN E 307 17.39 -19.12 30.04
C ASN E 307 16.85 -20.49 30.36
N PRO E 308 17.45 -21.55 29.81
CA PRO E 308 16.96 -22.90 30.06
C PRO E 308 16.98 -23.22 31.54
N PRO E 309 16.00 -23.99 32.02
CA PRO E 309 15.94 -24.30 33.45
C PRO E 309 17.10 -25.15 33.90
N ARG E 310 17.49 -24.97 35.16
CA ARG E 310 18.57 -25.73 35.78
C ARG E 310 18.09 -26.77 36.77
N ASN E 311 16.95 -26.56 37.40
CA ASN E 311 16.38 -27.50 38.35
C ASN E 311 14.91 -27.73 38.02
N LEU E 312 14.28 -28.60 38.82
CA LEU E 312 12.89 -28.99 38.56
C LEU E 312 11.94 -27.81 38.67
N GLN E 313 12.11 -26.99 39.72
CA GLN E 313 11.22 -25.86 39.92
C GLN E 313 11.31 -24.88 38.76
N GLU E 314 12.52 -24.61 38.27
CA GLU E 314 12.67 -23.73 37.13
C GLU E 314 12.00 -24.31 35.89
N SER E 315 12.08 -25.63 35.71
CA SER E 315 11.41 -26.27 34.57
C SER E 315 9.90 -26.08 34.66
N LEU E 316 9.31 -26.36 35.82
CA LEU E 316 7.87 -26.23 35.97
C LEU E 316 7.43 -24.78 35.77
N GLN E 317 8.19 -23.85 36.35
CA GLN E 317 7.85 -22.43 36.20
C GLN E 317 7.97 -21.98 34.75
N TYR E 318 8.98 -22.48 34.04
CA TYR E 318 9.13 -22.14 32.63
C TYR E 318 7.93 -22.63 31.82
N GLU E 319 7.49 -23.86 32.07
CA GLU E 319 6.35 -24.38 31.32
C GLU E 319 5.07 -23.64 31.69
N HIS E 320 4.86 -23.33 32.97
CA HIS E 320 3.67 -22.57 33.35
C HIS E 320 3.69 -21.17 32.76
N PHE E 321 4.87 -20.54 32.69
CA PHE E 321 4.97 -19.24 32.03
C PHE E 321 4.61 -19.36 30.56
N VAL E 322 5.09 -20.41 29.90
CA VAL E 322 4.77 -20.60 28.49
C VAL E 322 3.26 -20.74 28.30
N GLN E 323 2.62 -21.56 29.13
CA GLN E 323 1.18 -21.76 29.01
C GLN E 323 0.42 -20.46 29.28
N VAL E 324 0.81 -19.73 30.33
CA VAL E 324 0.11 -18.49 30.67
C VAL E 324 0.23 -17.47 29.55
N LEU E 325 1.45 -17.28 29.03
CA LEU E 325 1.64 -16.36 27.93
C LEU E 325 0.90 -16.80 26.67
N ALA E 326 0.75 -18.12 26.49
CA ALA E 326 -0.06 -18.62 25.39
C ALA E 326 -1.53 -18.23 25.56
N ARG E 327 -2.04 -18.31 26.79
CA ARG E 327 -3.44 -18.02 27.03
C ARG E 327 -3.76 -16.53 27.17
N TYR E 328 -2.74 -15.67 27.15
CA TYR E 328 -2.96 -14.23 27.00
C TYR E 328 -3.19 -13.84 25.55
N GLU E 329 -3.09 -14.79 24.63
CA GLU E 329 -3.16 -14.55 23.19
C GLU E 329 -4.51 -14.92 22.60
N ALA E 330 -5.09 -16.04 23.01
CA ALA E 330 -6.36 -16.50 22.50
C ALA E 330 -7.01 -17.38 23.57
N HIS E 331 -8.03 -18.15 23.19
CA HIS E 331 -8.78 -18.92 24.18
C HIS E 331 -8.04 -20.19 24.59
N GLU E 332 -7.55 -20.96 23.62
CA GLU E 332 -6.78 -22.19 23.87
C GLU E 332 -7.55 -23.15 24.77
N GLY E 333 -8.65 -23.66 24.20
CA GLY E 333 -9.55 -24.54 24.93
C GLY E 333 -8.99 -25.86 25.45
N ALA E 334 -7.71 -26.12 25.23
CA ALA E 334 -7.10 -27.37 25.68
C ALA E 334 -5.74 -27.09 26.31
N TRP E 335 -5.18 -28.13 26.92
CA TRP E 335 -3.87 -28.07 27.59
C TRP E 335 -3.05 -29.25 27.08
N PRO E 336 -2.36 -29.10 25.95
CA PRO E 336 -1.73 -30.26 25.31
C PRO E 336 -0.59 -30.89 26.11
N SER E 337 -0.05 -30.18 27.09
CA SER E 337 1.27 -30.53 27.64
C SER E 337 1.31 -31.91 28.27
N ARG E 338 2.48 -32.54 28.18
CA ARG E 338 2.81 -33.73 28.97
C ARG E 338 3.97 -33.39 29.89
N PRO E 339 3.82 -33.50 31.20
CA PRO E 339 4.89 -33.07 32.11
C PRO E 339 6.01 -34.08 32.29
N ASP E 340 5.67 -35.37 32.29
CA ASP E 340 6.63 -36.39 32.70
C ASP E 340 7.78 -36.57 31.71
N TYR E 341 7.62 -36.09 30.48
CA TYR E 341 8.65 -36.30 29.46
C TYR E 341 9.63 -35.13 29.38
N TYR E 342 9.10 -33.92 29.20
CA TYR E 342 9.96 -32.76 29.00
C TYR E 342 10.54 -32.21 30.30
N HIS E 343 9.91 -32.48 31.44
CA HIS E 343 10.54 -32.21 32.73
C HIS E 343 11.33 -33.41 33.24
N GLY E 344 11.24 -34.55 32.55
CA GLY E 344 11.79 -35.80 33.00
C GLY E 344 13.24 -35.74 33.45
N PRO E 345 14.13 -35.36 32.54
CA PRO E 345 15.56 -35.31 32.90
C PRO E 345 15.85 -34.41 34.10
N LEU E 346 15.18 -33.27 34.20
CA LEU E 346 15.49 -32.34 35.29
C LEU E 346 15.02 -32.88 36.63
N TYR E 347 13.80 -33.42 36.68
CA TYR E 347 13.32 -34.02 37.93
C TYR E 347 14.19 -35.21 38.32
N ALA E 348 14.54 -36.06 37.35
CA ALA E 348 15.38 -37.20 37.66
C ALA E 348 16.74 -36.77 38.18
N LYS E 349 17.30 -35.71 37.60
CA LYS E 349 18.58 -35.19 38.08
C LYS E 349 18.47 -34.64 39.49
N ASP E 350 17.41 -33.87 39.77
CA ASP E 350 17.33 -33.18 41.06
C ASP E 350 16.98 -34.13 42.20
N VAL E 351 16.08 -35.08 41.98
CA VAL E 351 15.58 -35.90 43.08
C VAL E 351 16.39 -37.19 43.22
N GLU E 352 16.52 -37.96 42.13
CA GLU E 352 17.09 -39.30 42.22
C GLU E 352 18.58 -39.33 41.91
N VAL E 353 19.06 -38.47 41.01
CA VAL E 353 20.46 -38.52 40.62
C VAL E 353 21.36 -37.97 41.72
N GLU E 354 21.02 -36.80 42.27
CA GLU E 354 21.93 -36.12 43.18
C GLU E 354 21.26 -35.64 44.46
N LYS E 355 20.01 -35.99 44.70
CA LYS E 355 19.30 -35.68 45.95
C LYS E 355 19.36 -34.19 46.26
N ASN E 356 19.19 -33.36 45.23
CA ASN E 356 19.24 -31.91 45.43
C ASN E 356 18.09 -31.43 46.30
N ILE E 357 16.89 -31.97 46.08
CA ILE E 357 15.70 -31.60 46.85
C ILE E 357 15.09 -32.87 47.42
N THR E 358 14.44 -32.75 48.58
CA THR E 358 13.82 -33.90 49.21
C THR E 358 12.68 -34.43 48.35
N GLU E 359 12.38 -35.73 48.54
CA GLU E 359 11.40 -36.39 47.69
C GLU E 359 10.01 -35.80 47.84
N SER E 360 9.60 -35.51 49.08
CA SER E 360 8.27 -34.96 49.30
C SER E 360 8.10 -33.60 48.68
N GLU E 361 9.19 -32.81 48.60
CA GLU E 361 9.10 -31.50 47.99
C GLU E 361 8.78 -31.59 46.51
N ALA E 362 9.20 -32.66 45.85
CA ALA E 362 8.85 -32.85 44.44
C ALA E 362 7.34 -32.99 44.27
N ILE E 363 6.71 -33.84 45.12
CA ILE E 363 5.27 -34.01 45.06
C ILE E 363 4.57 -32.72 45.43
N ASP E 364 5.10 -31.99 46.41
CA ASP E 364 4.54 -30.70 46.79
C ASP E 364 4.55 -29.73 45.61
N LEU E 365 5.69 -29.64 44.93
CA LEU E 365 5.82 -28.73 43.79
C LEU E 365 4.92 -29.13 42.64
N VAL E 366 4.80 -30.44 42.37
CA VAL E 366 3.93 -30.89 41.29
C VAL E 366 2.47 -30.61 41.62
N GLY E 367 2.07 -30.82 42.88
CA GLY E 367 0.72 -30.50 43.28
C GLY E 367 0.41 -29.02 43.13
N GLU E 368 1.36 -28.17 43.52
CA GLU E 368 1.15 -26.74 43.34
C GLU E 368 1.16 -26.34 41.88
N TYR E 369 1.90 -27.07 41.03
CA TYR E 369 1.87 -26.84 39.60
C TYR E 369 0.50 -27.14 39.02
N MET E 370 -0.08 -28.28 39.41
CA MET E 370 -1.44 -28.60 38.96
C MET E 370 -2.46 -27.62 39.53
N ILE E 371 -2.22 -27.12 40.75
CA ILE E 371 -3.09 -26.09 41.32
C ILE E 371 -3.06 -24.84 40.43
N ARG E 372 -1.86 -24.40 40.04
CA ARG E 372 -1.74 -23.28 39.13
C ARG E 372 -2.40 -23.57 37.79
N CYS E 373 -2.38 -24.84 37.36
CA CYS E 373 -3.07 -25.22 36.15
C CYS E 373 -4.58 -25.04 36.29
N SER E 374 -5.14 -25.40 37.44
CA SER E 374 -6.59 -25.35 37.61
C SER E 374 -7.10 -23.92 37.68
N GLU E 375 -6.30 -22.99 38.19
CA GLU E 375 -6.77 -21.63 38.42
C GLU E 375 -7.14 -20.91 37.12
N TYR E 376 -6.65 -21.37 35.98
CA TYR E 376 -6.91 -20.67 34.73
C TYR E 376 -8.36 -20.82 34.30
N GLY E 377 -8.90 -19.76 33.72
CA GLY E 377 -10.23 -19.80 33.14
C GLY E 377 -10.51 -18.58 32.29
N SER E 378 -11.21 -18.75 31.18
CA SER E 378 -11.62 -17.64 30.33
C SER E 378 -13.10 -17.77 30.03
N PHE E 379 -13.74 -16.63 29.80
CA PHE E 379 -15.17 -16.64 29.50
C PHE E 379 -15.43 -17.36 28.19
N SER E 380 -16.48 -18.18 28.17
CA SER E 380 -16.88 -18.93 27.01
C SER E 380 -18.37 -18.70 26.76
N PRO E 381 -18.81 -18.76 25.50
CA PRO E 381 -20.24 -18.59 25.22
C PRO E 381 -21.07 -19.66 25.90
N ARG E 382 -22.32 -19.31 26.22
CA ARG E 382 -23.20 -20.21 26.97
C ARG E 382 -23.29 -21.59 26.31
N TYR E 383 -23.39 -21.64 24.98
CA TYR E 383 -23.43 -22.92 24.31
C TYR E 383 -22.11 -23.67 24.45
N MET E 384 -21.00 -22.94 24.39
CA MET E 384 -19.69 -23.55 24.57
C MET E 384 -19.35 -23.78 26.04
N ARG E 385 -20.01 -23.05 26.95
CA ARG E 385 -19.74 -23.19 28.37
C ARG E 385 -20.28 -24.49 28.96
N GLU E 386 -21.13 -25.20 28.21
CA GLU E 386 -21.77 -26.42 28.71
C GLU E 386 -20.75 -27.48 29.10
N GLY E 393 -12.04 -26.85 26.81
CA GLY E 393 -12.89 -27.75 27.56
C GLY E 393 -12.25 -28.24 28.84
N THR E 394 -11.73 -29.46 28.80
CA THR E 394 -11.06 -30.08 29.94
C THR E 394 -9.58 -30.25 29.63
N PHE E 395 -8.73 -29.84 30.57
CA PHE E 395 -7.29 -29.88 30.39
C PHE E 395 -6.79 -31.31 30.61
N VAL E 396 -6.25 -31.91 29.55
CA VAL E 396 -5.86 -33.31 29.56
C VAL E 396 -4.37 -33.41 29.25
N TRP E 397 -3.63 -34.12 30.09
CA TRP E 397 -2.22 -34.40 29.88
C TRP E 397 -2.05 -35.87 29.49
N THR E 398 -0.85 -36.20 29.03
CA THR E 398 -0.51 -37.57 28.65
C THR E 398 0.69 -38.02 29.46
N LEU E 399 0.60 -39.21 30.04
CA LEU E 399 1.66 -39.78 30.86
C LEU E 399 2.15 -41.09 30.26
N GLY E 400 3.32 -41.52 30.71
CA GLY E 400 3.90 -42.76 30.21
C GLY E 400 4.34 -42.59 28.77
N GLY E 401 3.97 -43.54 27.93
CA GLY E 401 4.33 -43.50 26.53
C GLY E 401 5.70 -44.07 26.26
N VAL E 402 6.22 -43.74 25.08
CA VAL E 402 7.50 -44.25 24.60
C VAL E 402 8.34 -43.07 24.13
N ASN E 403 9.66 -43.28 24.12
CA ASN E 403 10.60 -42.24 23.73
C ASN E 403 10.54 -42.04 22.22
N GLN E 404 11.48 -41.23 21.70
CA GLN E 404 11.61 -41.08 20.25
C GLN E 404 11.93 -42.43 19.61
N ASP E 405 12.87 -43.17 20.18
CA ASP E 405 13.13 -44.53 19.72
C ASP E 405 11.95 -45.44 20.00
N GLY E 406 11.32 -45.29 21.16
CA GLY E 406 10.14 -46.06 21.47
C GLY E 406 10.26 -47.09 22.57
N THR E 407 11.06 -46.80 23.60
CA THR E 407 11.26 -47.73 24.70
C THR E 407 11.07 -47.02 26.03
N ASP E 408 9.90 -47.25 26.66
CA ASP E 408 9.67 -47.00 28.08
C ASP E 408 10.03 -45.57 28.49
N ALA E 409 9.24 -44.63 27.96
CA ALA E 409 9.40 -43.23 28.35
C ALA E 409 8.99 -42.97 29.79
N CYS E 410 8.35 -43.92 30.46
CA CYS E 410 7.87 -43.72 31.82
C CYS E 410 9.03 -43.62 32.79
N ASN E 411 8.99 -42.60 33.66
CA ASN E 411 10.03 -42.39 34.65
C ASN E 411 9.43 -42.14 36.03
N GLY E 412 10.26 -41.73 37.00
CA GLY E 412 9.77 -41.52 38.35
C GLY E 412 8.77 -40.39 38.46
N MET E 413 8.86 -39.39 37.58
CA MET E 413 7.91 -38.30 37.67
C MET E 413 6.50 -38.72 37.30
N THR E 414 6.33 -39.84 36.59
CA THR E 414 4.98 -40.38 36.44
C THR E 414 4.39 -40.73 37.81
N ILE E 415 5.19 -41.39 38.65
CA ILE E 415 4.75 -41.70 40.00
C ILE E 415 4.53 -40.43 40.80
N ALA E 416 5.42 -39.44 40.62
CA ALA E 416 5.26 -38.16 41.31
C ALA E 416 3.95 -37.48 40.93
N LEU E 417 3.64 -37.48 39.63
CA LEU E 417 2.40 -36.88 39.14
C LEU E 417 1.19 -37.61 39.70
N LEU E 418 1.24 -38.94 39.73
CA LEU E 418 0.12 -39.71 40.26
C LEU E 418 -0.11 -39.39 41.73
N LYS E 419 0.96 -39.36 42.53
CA LYS E 419 0.83 -39.05 43.95
C LYS E 419 0.32 -37.62 44.17
N ALA E 420 0.83 -36.67 43.39
CA ALA E 420 0.40 -35.28 43.53
C ALA E 420 -1.06 -35.11 43.15
N ALA E 421 -1.51 -35.80 42.09
CA ALA E 421 -2.92 -35.77 41.76
C ALA E 421 -3.77 -36.41 42.84
N ARG E 422 -3.27 -37.48 43.44
CA ARG E 422 -4.02 -38.15 44.51
C ARG E 422 -4.23 -37.22 45.69
N LEU E 423 -3.16 -36.56 46.16
CA LEU E 423 -3.30 -35.72 47.34
C LEU E 423 -3.99 -34.39 47.02
N VAL E 424 -3.82 -33.88 45.81
CA VAL E 424 -4.35 -32.56 45.49
C VAL E 424 -5.82 -32.65 45.10
N ARG E 425 -6.20 -33.67 44.31
CA ARG E 425 -7.60 -33.95 43.99
C ARG E 425 -8.25 -32.81 43.19
N VAL E 426 -7.54 -32.34 42.17
CA VAL E 426 -8.15 -31.42 41.22
C VAL E 426 -8.98 -32.23 40.22
N ALA E 427 -10.02 -31.58 39.67
CA ALA E 427 -10.92 -32.23 38.73
C ALA E 427 -10.54 -31.94 37.28
N ASN E 428 -10.30 -30.68 36.93
CA ASN E 428 -10.06 -30.34 35.53
C ASN E 428 -8.78 -30.95 34.98
N PRO E 429 -7.61 -30.86 35.65
CA PRO E 429 -6.41 -31.46 35.07
C PRO E 429 -6.45 -32.99 35.12
N THR E 430 -7.18 -33.58 34.18
CA THR E 430 -7.32 -35.03 34.07
C THR E 430 -6.36 -35.54 33.01
N PHE E 431 -5.44 -36.43 33.38
CA PHE E 431 -4.43 -36.91 32.46
C PHE E 431 -4.65 -38.39 32.19
N GLY E 432 -4.83 -38.73 30.92
CA GLY E 432 -4.90 -40.12 30.51
C GLY E 432 -3.50 -40.68 30.27
N PHE E 433 -3.35 -41.98 30.52
CA PHE E 433 -2.07 -42.66 30.43
C PHE E 433 -1.95 -43.37 29.08
N ARG E 434 -0.74 -43.34 28.51
CA ARG E 434 -0.43 -44.03 27.26
C ARG E 434 0.24 -45.35 27.62
N TRP E 435 -0.44 -46.46 27.34
CA TRP E 435 -0.01 -47.78 27.76
C TRP E 435 0.68 -48.50 26.61
N HIS E 436 1.97 -48.79 26.78
CA HIS E 436 2.66 -49.68 25.87
C HIS E 436 2.66 -51.10 26.44
N PRO E 437 2.94 -52.13 25.64
CA PRO E 437 2.81 -53.50 26.16
C PRO E 437 3.76 -53.82 27.30
N LYS E 438 4.82 -53.03 27.52
CA LYS E 438 5.83 -53.35 28.51
C LYS E 438 5.96 -52.27 29.57
N VAL E 439 4.84 -51.67 29.97
CA VAL E 439 4.85 -50.73 31.08
C VAL E 439 5.26 -51.46 32.35
N SER E 440 6.03 -50.77 33.21
CA SER E 440 6.42 -51.35 34.48
C SER E 440 5.21 -51.60 35.36
N ASN E 441 5.27 -52.68 36.15
CA ASN E 441 4.13 -53.08 36.97
C ASN E 441 3.83 -52.05 38.04
N GLU E 442 4.86 -51.40 38.59
CA GLU E 442 4.65 -50.44 39.67
C GLU E 442 3.89 -49.22 39.18
N VAL E 443 4.17 -48.76 37.96
CA VAL E 443 3.45 -47.62 37.40
C VAL E 443 1.95 -47.94 37.28
N LEU E 444 1.64 -49.14 36.78
CA LEU E 444 0.23 -49.53 36.67
C LEU E 444 -0.40 -49.72 38.04
N ARG E 445 0.37 -50.19 39.02
CA ARG E 445 -0.16 -50.29 40.37
C ARG E 445 -0.52 -48.92 40.92
N GLU E 446 0.35 -47.93 40.71
CA GLU E 446 0.06 -46.58 41.16
C GLU E 446 -1.14 -46.00 40.41
N CYS E 447 -1.24 -46.26 39.11
CA CYS E 447 -2.39 -45.78 38.35
C CYS E 447 -3.69 -46.39 38.86
N PHE E 448 -3.68 -47.69 39.16
CA PHE E 448 -4.89 -48.33 39.67
C PHE E 448 -5.23 -47.82 41.07
N GLU E 449 -4.22 -47.57 41.91
CA GLU E 449 -4.48 -46.98 43.21
C GLU E 449 -5.09 -45.59 43.06
N CYS E 450 -4.64 -44.82 42.08
CA CYS E 450 -5.20 -43.49 41.84
C CYS E 450 -6.62 -43.58 41.31
N ILE E 451 -6.89 -44.55 40.43
CA ILE E 451 -8.25 -44.71 39.91
C ILE E 451 -9.18 -45.19 41.01
N ARG E 452 -8.66 -45.89 42.02
CA ARG E 452 -9.49 -46.33 43.14
C ARG E 452 -10.05 -45.14 43.92
N GLN E 453 -9.28 -44.07 44.05
CA GLN E 453 -9.73 -42.92 44.81
C GLN E 453 -10.91 -42.21 44.15
N GLY E 454 -11.18 -42.50 42.89
CA GLY E 454 -12.32 -41.89 42.21
C GLY E 454 -12.05 -40.55 41.58
N LEU E 455 -10.78 -40.23 41.29
CA LEU E 455 -10.46 -38.94 40.69
C LEU E 455 -10.90 -38.84 39.24
N GLY E 456 -11.24 -39.96 38.60
CA GLY E 456 -11.58 -39.96 37.20
C GLY E 456 -10.41 -40.07 36.25
N TYR E 457 -9.19 -40.16 36.75
CA TYR E 457 -7.99 -40.31 35.93
C TYR E 457 -7.02 -41.20 36.67
N PRO E 458 -6.07 -41.84 35.97
CA PRO E 458 -5.81 -41.78 34.51
C PRO E 458 -6.82 -42.54 33.67
N THR E 459 -7.08 -42.04 32.46
CA THR E 459 -7.89 -42.75 31.47
C THR E 459 -6.92 -43.41 30.51
N LEU E 460 -6.64 -44.70 30.73
CA LEU E 460 -5.59 -45.39 29.99
C LEU E 460 -5.90 -45.41 28.50
N ARG E 461 -4.91 -45.00 27.71
CA ARG E 461 -5.02 -45.02 26.25
C ARG E 461 -4.17 -46.15 25.70
N ASN E 462 -4.75 -46.94 24.81
CA ASN E 462 -4.03 -48.02 24.16
C ASN E 462 -3.04 -47.40 23.19
N ASP E 463 -1.78 -47.31 23.60
CA ASP E 463 -0.79 -46.57 22.83
C ASP E 463 -0.52 -47.15 21.44
N PRO E 464 -0.25 -48.46 21.27
CA PRO E 464 0.13 -48.94 19.93
C PRO E 464 -0.92 -48.71 18.86
N VAL E 465 -2.21 -48.92 19.18
CA VAL E 465 -3.25 -48.74 18.17
C VAL E 465 -3.39 -47.26 17.81
N LEU E 466 -3.23 -46.38 18.79
CA LEU E 466 -3.26 -44.95 18.51
C LEU E 466 -2.07 -44.54 17.65
N ILE E 467 -0.90 -45.13 17.91
CA ILE E 467 0.27 -44.88 17.09
C ILE E 467 0.00 -45.30 15.65
N GLN E 468 -0.62 -46.47 15.47
CA GLN E 468 -0.91 -46.95 14.13
C GLN E 468 -1.97 -46.08 13.45
N ASN E 469 -2.94 -45.56 14.20
CA ASN E 469 -3.92 -44.66 13.63
C ASN E 469 -3.26 -43.38 13.12
N THR E 470 -2.39 -42.79 13.94
CA THR E 470 -1.65 -41.62 13.50
C THR E 470 -0.75 -41.93 12.31
N MET E 471 -0.18 -43.13 12.29
CA MET E 471 0.65 -43.54 11.16
C MET E 471 -0.19 -43.66 9.89
N HIS E 472 -1.43 -44.11 10.03
CA HIS E 472 -2.25 -44.43 8.86
C HIS E 472 -2.91 -43.21 8.25
N TRP E 473 -3.58 -42.35 9.04
CA TRP E 473 -4.28 -41.25 8.40
C TRP E 473 -3.47 -39.97 8.35
N TYR E 474 -2.46 -39.82 9.18
CA TYR E 474 -1.53 -38.70 9.04
C TYR E 474 -0.35 -39.05 8.13
N GLY E 475 0.21 -40.23 8.28
CA GLY E 475 1.42 -40.59 7.56
C GLY E 475 2.67 -39.93 8.12
N HIS E 476 2.68 -39.67 9.42
CA HIS E 476 3.88 -39.12 10.04
C HIS E 476 4.97 -40.19 10.10
N PRO E 477 6.24 -39.78 10.15
CA PRO E 477 7.31 -40.75 10.37
C PRO E 477 7.13 -41.48 11.69
N LEU E 478 7.59 -42.73 11.72
CA LEU E 478 7.33 -43.59 12.86
C LEU E 478 7.87 -42.98 14.16
N GLU E 479 9.11 -42.47 14.11
CA GLU E 479 9.70 -41.88 15.31
C GLU E 479 8.95 -40.62 15.74
N GLU E 480 8.44 -39.85 14.77
CA GLU E 480 7.66 -38.66 15.11
C GLU E 480 6.35 -39.03 15.79
N ALA E 481 5.73 -40.13 15.36
CA ALA E 481 4.43 -40.51 15.89
C ALA E 481 4.50 -40.92 17.35
N ARG E 482 5.67 -41.35 17.84
CA ARG E 482 5.78 -41.73 19.24
C ARG E 482 5.54 -40.55 20.17
N THR E 483 6.12 -39.39 19.83
CA THR E 483 6.06 -38.22 20.71
C THR E 483 4.83 -37.37 20.37
N TRP E 484 3.67 -37.87 20.79
CA TRP E 484 2.40 -37.21 20.53
C TRP E 484 1.70 -36.89 21.85
N VAL E 485 0.93 -35.82 21.85
CA VAL E 485 0.14 -35.40 23.00
C VAL E 485 -1.31 -35.24 22.57
N HIS E 486 -2.19 -35.19 23.57
CA HIS E 486 -3.63 -35.16 23.37
C HIS E 486 -4.05 -33.72 23.09
N MET E 487 -4.25 -33.39 21.82
CA MET E 487 -4.57 -32.01 21.47
C MET E 487 -6.06 -31.74 21.64
N ALA E 488 -6.90 -32.57 21.05
CA ALA E 488 -8.36 -32.46 21.14
C ALA E 488 -8.92 -33.74 21.72
N CYS E 489 -10.22 -33.69 22.06
CA CYS E 489 -10.84 -34.77 22.82
C CYS E 489 -10.62 -36.13 22.16
N MET E 490 -10.61 -36.16 20.82
CA MET E 490 -10.30 -37.38 20.09
C MET E 490 -9.10 -37.22 19.17
N SER E 491 -8.31 -36.16 19.33
CA SER E 491 -7.23 -35.95 18.38
C SER E 491 -5.87 -36.01 19.06
N PRO E 492 -4.95 -36.84 18.56
CA PRO E 492 -3.55 -36.75 18.96
C PRO E 492 -2.76 -35.85 18.04
N ASN E 493 -1.63 -35.33 18.51
CA ASN E 493 -0.79 -34.49 17.68
C ASN E 493 0.66 -34.57 18.16
N PRO E 494 1.60 -34.91 17.27
CA PRO E 494 3.00 -34.99 17.69
C PRO E 494 3.57 -33.62 18.03
N THR E 495 4.67 -33.65 18.80
CA THR E 495 5.27 -32.43 19.32
C THR E 495 6.59 -32.09 18.63
N THR E 496 6.90 -32.72 17.50
CA THR E 496 8.15 -32.47 16.80
C THR E 496 8.03 -31.17 15.99
N LYS E 497 9.00 -30.91 15.11
CA LYS E 497 8.98 -29.68 14.33
C LYS E 497 7.91 -29.74 13.25
N HIS E 498 8.05 -30.66 12.30
CA HIS E 498 7.08 -30.76 11.20
C HIS E 498 5.82 -31.50 11.62
N GLY E 499 5.93 -32.43 12.57
CA GLY E 499 4.76 -33.22 12.95
C GLY E 499 3.69 -32.40 13.63
N THR E 500 4.08 -31.39 14.41
CA THR E 500 3.13 -30.65 15.23
C THR E 500 2.15 -29.87 14.37
N SER E 501 0.86 -29.96 14.73
CA SER E 501 -0.16 -29.12 14.14
C SER E 501 -0.25 -27.81 14.89
N PRO E 502 -0.06 -26.66 14.24
CA PRO E 502 -0.03 -25.40 14.99
C PRO E 502 -1.36 -25.03 15.61
N PHE E 503 -2.47 -25.15 14.87
CA PHE E 503 -3.76 -24.72 15.39
C PHE E 503 -4.88 -25.45 14.68
N ARG E 504 -5.91 -25.79 15.46
CA ARG E 504 -7.11 -26.47 15.00
C ARG E 504 -8.29 -25.56 15.33
N MET E 505 -9.32 -25.57 14.49
CA MET E 505 -10.47 -24.69 14.67
C MET E 505 -11.36 -25.17 15.81
N ALA E 506 -12.31 -24.29 16.17
CA ALA E 506 -13.18 -24.48 17.34
C ALA E 506 -14.23 -25.56 17.15
N SER E 507 -14.37 -26.14 15.95
CA SER E 507 -15.35 -27.20 15.71
C SER E 507 -16.78 -26.74 15.97
N ALA E 508 -17.30 -25.83 15.13
CA ALA E 508 -18.63 -25.25 15.28
C ALA E 508 -19.73 -26.30 15.45
N THR E 509 -20.84 -25.89 16.06
CA THR E 509 -21.92 -26.81 16.44
C THR E 509 -23.00 -26.83 15.37
N MET E 510 -23.43 -28.04 15.00
CA MET E 510 -24.47 -28.26 14.01
C MET E 510 -25.73 -28.75 14.71
N ASN E 511 -26.85 -28.10 14.42
CA ASN E 511 -28.15 -28.53 14.94
C ASN E 511 -28.72 -29.56 13.97
N SER E 512 -28.57 -30.83 14.31
CA SER E 512 -29.01 -31.92 13.43
C SER E 512 -30.51 -32.16 13.48
N ALA E 513 -31.28 -31.26 14.10
CA ALA E 513 -32.72 -31.40 14.19
C ALA E 513 -33.48 -30.41 13.31
N LYS E 514 -32.89 -29.26 13.02
CA LYS E 514 -33.57 -28.25 12.21
C LYS E 514 -33.68 -28.67 10.75
N THR E 515 -32.85 -29.61 10.30
CA THR E 515 -32.92 -30.03 8.89
C THR E 515 -34.19 -30.84 8.64
N ILE E 516 -34.61 -31.67 9.60
CA ILE E 516 -35.84 -32.42 9.46
C ILE E 516 -37.03 -31.47 9.45
N GLU E 517 -37.02 -30.48 10.35
CA GLU E 517 -38.09 -29.48 10.38
C GLU E 517 -38.16 -28.71 9.08
N TYR E 518 -37.00 -28.36 8.50
CA TYR E 518 -36.98 -27.71 7.21
C TYR E 518 -37.56 -28.61 6.13
N VAL E 519 -37.26 -29.90 6.19
CA VAL E 519 -37.82 -30.84 5.22
C VAL E 519 -39.34 -30.87 5.30
N LEU E 520 -39.87 -30.99 6.52
CA LEU E 520 -41.32 -31.09 6.66
C LEU E 520 -42.02 -29.74 6.61
N HIS E 521 -41.28 -28.64 6.63
CA HIS E 521 -41.84 -27.30 6.44
C HIS E 521 -41.35 -26.64 5.17
N ASN E 522 -40.68 -27.38 4.29
CA ASN E 522 -40.12 -26.84 3.05
C ASN E 522 -39.13 -25.71 3.34
N GLY E 523 -38.21 -25.96 4.27
CA GLY E 523 -37.13 -25.05 4.52
C GLY E 523 -37.49 -23.81 5.33
N TYR E 524 -38.63 -23.80 6.00
CA TYR E 524 -39.10 -22.64 6.74
C TYR E 524 -39.21 -22.98 8.21
N ASP E 525 -38.60 -22.17 9.07
CA ASP E 525 -38.63 -22.38 10.51
C ASP E 525 -39.65 -21.44 11.14
N ARG E 526 -40.44 -21.97 12.07
CA ARG E 526 -41.37 -21.13 12.82
C ARG E 526 -40.66 -20.31 13.89
N VAL E 527 -39.47 -20.73 14.32
CA VAL E 527 -38.75 -20.00 15.36
C VAL E 527 -38.39 -18.61 14.87
N VAL E 528 -37.85 -18.51 13.66
CA VAL E 528 -37.50 -17.23 13.04
C VAL E 528 -38.19 -17.15 11.70
N ASN E 529 -38.89 -16.04 11.45
CA ASN E 529 -39.65 -15.86 10.22
C ASN E 529 -38.68 -15.59 9.08
N MET E 530 -38.03 -16.66 8.64
CA MET E 530 -37.04 -16.57 7.57
C MET E 530 -37.04 -17.89 6.80
N GLN E 531 -36.63 -17.82 5.54
CA GLN E 531 -36.48 -18.99 4.68
C GLN E 531 -35.01 -19.30 4.59
N MET E 532 -34.59 -20.40 5.23
CA MET E 532 -33.18 -20.74 5.35
C MET E 532 -32.82 -21.99 4.54
N GLY E 533 -33.48 -23.11 4.81
CA GLY E 533 -33.21 -24.33 4.10
C GLY E 533 -33.69 -24.24 2.66
N PRO E 534 -33.01 -24.96 1.76
CA PRO E 534 -33.45 -24.99 0.36
C PRO E 534 -34.83 -25.62 0.24
N LYS E 535 -35.68 -25.01 -0.59
CA LYS E 535 -37.05 -25.48 -0.77
C LYS E 535 -37.02 -26.70 -1.69
N THR E 536 -37.03 -27.89 -1.10
CA THR E 536 -37.01 -29.13 -1.87
C THR E 536 -38.40 -29.52 -2.34
N GLY E 537 -39.38 -29.47 -1.45
CA GLY E 537 -40.75 -29.80 -1.83
C GLY E 537 -41.64 -29.74 -0.60
N ASP E 538 -42.94 -29.81 -0.87
CA ASP E 538 -43.94 -29.81 0.19
C ASP E 538 -43.98 -31.19 0.85
N ALA E 539 -43.99 -31.22 2.18
CA ALA E 539 -44.03 -32.49 2.90
C ALA E 539 -45.34 -33.22 2.70
N ARG E 540 -46.39 -32.51 2.27
CA ARG E 540 -47.70 -33.16 2.10
C ARG E 540 -47.64 -34.23 1.03
N GLU E 541 -46.96 -33.96 -0.09
CA GLU E 541 -46.83 -34.92 -1.18
C GLU E 541 -45.46 -35.59 -1.09
N ILE E 542 -45.45 -36.87 -0.71
CA ILE E 542 -44.26 -37.71 -0.74
C ILE E 542 -44.69 -39.08 -1.24
N LYS E 543 -43.70 -39.94 -1.48
CA LYS E 543 -43.96 -41.27 -2.00
C LYS E 543 -43.58 -42.36 -1.02
N ASP E 544 -42.36 -42.32 -0.50
CA ASP E 544 -41.86 -43.36 0.39
C ASP E 544 -40.97 -42.72 1.43
N PHE E 545 -40.63 -43.50 2.46
CA PHE E 545 -39.64 -43.02 3.42
C PHE E 545 -38.27 -42.89 2.77
N GLU E 546 -38.04 -43.55 1.64
CA GLU E 546 -36.81 -43.33 0.90
C GLU E 546 -36.80 -41.97 0.20
N ASP E 547 -37.94 -41.56 -0.37
CA ASP E 547 -38.03 -40.21 -0.93
C ASP E 547 -37.92 -39.16 0.18
N LEU E 548 -38.54 -39.41 1.33
CA LEU E 548 -38.37 -38.53 2.48
C LEU E 548 -36.91 -38.49 2.91
N PHE E 549 -36.22 -39.63 2.85
CA PHE E 549 -34.79 -39.65 3.15
C PHE E 549 -34.01 -38.82 2.15
N GLU E 550 -34.40 -38.87 0.87
CA GLU E 550 -33.73 -38.06 -0.13
C GLU E 550 -33.91 -36.57 0.15
N ARG E 551 -35.12 -36.17 0.53
CA ARG E 551 -35.35 -34.76 0.89
C ARG E 551 -34.54 -34.38 2.12
N TRP E 552 -34.52 -35.25 3.13
CA TRP E 552 -33.73 -34.98 4.33
C TRP E 552 -32.24 -34.87 4.00
N THR E 553 -31.76 -35.72 3.10
CA THR E 553 -30.35 -35.70 2.74
C THR E 553 -29.99 -34.44 1.96
N VAL E 554 -30.87 -34.00 1.05
CA VAL E 554 -30.56 -32.78 0.31
C VAL E 554 -30.64 -31.57 1.23
N GLN E 555 -31.43 -31.64 2.30
CA GLN E 555 -31.39 -30.58 3.31
C GLN E 555 -30.10 -30.64 4.12
N LEU E 556 -29.72 -31.84 4.57
CA LEU E 556 -28.58 -32.01 5.46
C LEU E 556 -27.26 -31.69 4.77
N LYS E 557 -27.14 -32.02 3.48
CA LYS E 557 -25.92 -31.69 2.75
C LYS E 557 -25.70 -30.18 2.73
N TRP E 558 -26.75 -29.43 2.43
CA TRP E 558 -26.65 -27.97 2.45
C TRP E 558 -26.31 -27.47 3.85
N LEU E 559 -26.97 -28.03 4.87
CA LEU E 559 -26.73 -27.58 6.24
C LEU E 559 -25.27 -27.81 6.65
N MET E 560 -24.72 -28.97 6.31
CA MET E 560 -23.35 -29.29 6.70
C MET E 560 -22.34 -28.48 5.88
N ASN E 561 -22.61 -28.31 4.58
CA ASN E 561 -21.73 -27.53 3.73
C ASN E 561 -21.64 -26.09 4.18
N LEU E 562 -22.75 -25.53 4.67
CA LEU E 562 -22.73 -24.17 5.20
C LEU E 562 -21.67 -24.01 6.29
N LEU E 563 -21.72 -24.89 7.30
CA LEU E 563 -20.75 -24.83 8.39
C LEU E 563 -19.34 -25.08 7.90
N VAL E 564 -19.16 -26.08 7.03
CA VAL E 564 -17.82 -26.42 6.57
C VAL E 564 -17.21 -25.26 5.79
N ARG E 565 -17.99 -24.63 4.91
CA ARG E 565 -17.50 -23.47 4.17
C ARG E 565 -17.14 -22.34 5.11
N THR E 566 -17.99 -22.07 6.11
CA THR E 566 -17.70 -20.97 7.03
C THR E 566 -16.40 -21.21 7.78
N VAL E 567 -16.22 -22.41 8.33
CA VAL E 567 -15.01 -22.70 9.09
C VAL E 567 -13.78 -22.70 8.20
N ASN E 568 -13.91 -23.21 6.97
CA ASN E 568 -12.78 -23.22 6.06
C ASN E 568 -12.35 -21.80 5.69
N LEU E 569 -13.31 -20.92 5.42
CA LEU E 569 -12.97 -19.54 5.10
C LEU E 569 -12.32 -18.85 6.31
N GLY E 570 -12.85 -19.11 7.50
CA GLY E 570 -12.22 -18.56 8.70
C GLY E 570 -10.79 -19.01 8.87
N ARG E 571 -10.56 -20.32 8.66
CA ARG E 571 -9.21 -20.86 8.78
C ARG E 571 -8.28 -20.27 7.73
N PHE E 572 -8.79 -20.06 6.51
CA PHE E 572 -7.98 -19.47 5.46
C PHE E 572 -7.61 -18.02 5.78
N LYS E 573 -8.56 -17.26 6.31
CA LYS E 573 -8.35 -15.82 6.46
C LYS E 573 -7.82 -15.40 7.82
N ASP E 574 -7.71 -16.38 8.74
CA ASP E 574 -7.32 -15.88 10.05
C ASP E 574 -5.90 -15.34 10.22
N PRO E 575 -4.91 -15.62 9.46
CA PRO E 575 -3.61 -14.92 9.60
C PRO E 575 -3.71 -13.41 9.45
N GLU E 576 -4.58 -12.97 8.52
CA GLU E 576 -4.78 -11.54 8.38
C GLU E 576 -5.74 -10.99 9.42
N PHE E 577 -6.78 -11.74 9.75
CA PHE E 577 -7.80 -11.27 10.69
C PHE E 577 -7.30 -11.26 12.12
N PHE E 578 -6.62 -12.32 12.54
CA PHE E 578 -6.22 -12.51 13.94
C PHE E 578 -4.83 -13.14 13.96
N GLY E 579 -3.81 -12.31 14.09
CA GLY E 579 -2.45 -12.82 14.16
C GLY E 579 -2.18 -13.56 15.46
N ARG E 580 -1.17 -14.42 15.42
CA ARG E 580 -0.75 -15.20 16.59
C ARG E 580 0.75 -15.05 16.77
N PRO E 581 1.20 -13.97 17.41
CA PRO E 581 2.64 -13.75 17.55
C PRO E 581 3.34 -14.74 18.49
N PHE E 582 2.77 -14.95 19.67
CA PHE E 582 3.45 -15.81 20.64
C PHE E 582 3.42 -17.27 20.20
N LEU E 583 2.30 -17.72 19.65
CA LEU E 583 2.24 -19.10 19.16
C LEU E 583 3.26 -19.32 18.06
N SER E 584 3.43 -18.34 17.17
CA SER E 584 4.46 -18.43 16.14
C SER E 584 5.85 -18.42 16.74
N ALA E 585 6.03 -17.72 17.87
CA ALA E 585 7.35 -17.61 18.47
C ALA E 585 7.86 -18.97 18.95
N ILE E 586 6.98 -19.81 19.48
CA ILE E 586 7.39 -21.05 20.11
C ILE E 586 7.26 -22.25 19.18
N THR E 587 7.09 -22.02 17.88
CA THR E 587 7.04 -23.08 16.89
C THR E 587 8.21 -22.93 15.93
N GLU E 588 8.93 -24.04 15.71
CA GLU E 588 10.16 -23.98 14.92
C GLU E 588 9.88 -23.59 13.48
N ARG E 589 8.80 -24.11 12.89
CA ARG E 589 8.48 -23.80 11.51
C ARG E 589 8.26 -22.29 11.32
N ALA E 590 7.48 -21.69 12.22
CA ALA E 590 7.16 -20.27 12.08
C ALA E 590 8.41 -19.40 12.23
N VAL E 591 9.27 -19.72 13.20
CA VAL E 591 10.50 -18.96 13.39
C VAL E 591 11.40 -19.10 12.18
N GLU E 592 11.54 -20.34 11.68
CA GLU E 592 12.43 -20.60 10.55
C GLU E 592 11.96 -19.87 9.30
N HIS E 593 10.68 -20.00 8.98
CA HIS E 593 10.14 -19.42 7.75
C HIS E 593 9.57 -18.03 7.92
N GLY E 594 9.47 -17.54 9.15
CA GLY E 594 8.95 -16.19 9.37
C GLY E 594 7.51 -16.01 8.94
N ILE E 595 6.66 -16.99 9.23
CA ILE E 595 5.26 -16.95 8.84
C ILE E 595 4.41 -17.09 10.09
N ASP E 596 3.15 -16.68 9.96
CA ASP E 596 2.19 -16.91 11.03
C ASP E 596 2.03 -18.40 11.28
N ALA E 597 1.96 -18.79 12.54
CA ALA E 597 1.93 -20.21 12.89
C ALA E 597 0.70 -20.89 12.31
N VAL E 598 -0.46 -20.25 12.42
CA VAL E 598 -1.72 -20.86 11.95
C VAL E 598 -1.92 -20.37 10.52
N SER E 599 -1.47 -21.19 9.58
CA SER E 599 -1.64 -20.90 8.16
C SER E 599 -1.89 -22.16 7.35
N ASN E 606 -7.89 -29.77 7.92
CA ASN E 606 -9.25 -30.30 8.00
C ASN E 606 -10.07 -29.59 9.08
N ALA E 607 -11.35 -29.39 8.80
CA ALA E 607 -12.29 -28.81 9.75
C ALA E 607 -13.47 -29.74 9.91
N TRP E 608 -13.77 -30.10 11.15
CA TRP E 608 -14.89 -30.99 11.45
C TRP E 608 -15.79 -30.35 12.49
N VAL E 609 -17.09 -30.46 12.28
CA VAL E 609 -18.11 -29.76 13.05
C VAL E 609 -18.87 -30.79 13.89
N THR E 610 -19.10 -30.45 15.15
CA THR E 610 -19.84 -31.33 16.05
C THR E 610 -21.34 -31.32 15.73
N ALA E 611 -21.97 -32.48 15.93
CA ALA E 611 -23.41 -32.64 15.72
C ALA E 611 -24.15 -32.59 17.05
N PHE E 612 -25.21 -31.78 17.12
CA PHE E 612 -26.03 -31.63 18.31
C PHE E 612 -27.45 -32.09 18.03
N THR E 613 -28.04 -32.80 18.99
CA THR E 613 -29.44 -33.20 18.95
C THR E 613 -29.74 -34.08 17.73
N TRP E 614 -28.82 -34.99 17.41
CA TRP E 614 -29.01 -35.86 16.27
C TRP E 614 -29.88 -37.07 16.61
N ILE E 615 -30.10 -37.34 17.90
CA ILE E 615 -30.81 -38.55 18.29
C ILE E 615 -32.32 -38.35 18.25
N GLU E 616 -32.80 -37.18 18.67
CA GLU E 616 -34.22 -36.91 18.60
C GLU E 616 -34.71 -36.95 17.16
N ASN E 617 -33.87 -36.52 16.21
CA ASN E 617 -34.31 -36.56 14.82
C ASN E 617 -34.41 -37.98 14.31
N VAL E 618 -33.48 -38.86 14.67
CA VAL E 618 -33.59 -40.25 14.24
C VAL E 618 -34.76 -40.94 14.93
N ASP E 619 -35.08 -40.53 16.16
CA ASP E 619 -36.31 -41.00 16.80
C ASP E 619 -37.54 -40.61 15.98
N SER E 620 -37.59 -39.35 15.55
CA SER E 620 -38.73 -38.90 14.75
C SER E 620 -38.77 -39.62 13.41
N MET E 621 -37.62 -39.81 12.78
CA MET E 621 -37.56 -40.51 11.50
C MET E 621 -38.07 -41.94 11.64
N ALA E 622 -37.66 -42.65 12.71
CA ALA E 622 -38.16 -44.01 12.91
C ALA E 622 -39.66 -44.01 13.12
N ALA E 623 -40.17 -43.08 13.93
CA ALA E 623 -41.61 -43.02 14.18
C ALA E 623 -42.37 -42.74 12.89
N ILE E 624 -41.86 -41.83 12.07
CA ILE E 624 -42.52 -41.46 10.83
C ILE E 624 -42.46 -42.60 9.81
N LYS E 625 -41.32 -43.28 9.72
CA LYS E 625 -41.18 -44.37 8.76
C LYS E 625 -42.09 -45.55 9.10
N LYS E 626 -42.24 -45.85 10.39
CA LYS E 626 -42.99 -47.03 10.80
C LYS E 626 -44.47 -46.74 11.01
N LEU E 627 -44.80 -45.72 11.79
CA LEU E 627 -46.19 -45.42 12.14
C LEU E 627 -46.98 -44.96 10.91
N VAL E 628 -46.46 -43.97 10.19
CA VAL E 628 -47.25 -43.30 9.17
C VAL E 628 -47.46 -44.19 7.95
N PHE E 629 -46.40 -44.86 7.48
CA PHE E 629 -46.45 -45.63 6.26
C PHE E 629 -46.52 -47.13 6.50
N ASP E 630 -45.61 -47.68 7.31
CA ASP E 630 -45.56 -49.12 7.51
C ASP E 630 -46.81 -49.62 8.22
N ASP E 631 -47.32 -48.85 9.19
CA ASP E 631 -48.50 -49.24 9.94
C ASP E 631 -49.77 -48.48 9.56
N LYS E 632 -49.64 -47.30 8.95
CA LYS E 632 -50.74 -46.52 8.40
C LYS E 632 -51.69 -46.01 9.48
N LYS E 633 -51.23 -45.91 10.73
CA LYS E 633 -52.10 -45.40 11.79
C LYS E 633 -52.48 -43.94 11.57
N TYR E 634 -51.57 -43.14 11.01
CA TYR E 634 -51.82 -41.74 10.75
C TYR E 634 -51.47 -41.40 9.31
N THR E 635 -52.17 -40.42 8.75
CA THR E 635 -51.88 -39.95 7.41
C THR E 635 -50.77 -38.90 7.44
N MET E 636 -50.18 -38.66 6.27
CA MET E 636 -49.00 -37.78 6.16
C MET E 636 -49.32 -36.33 6.49
N SER E 637 -50.56 -35.89 6.25
CA SER E 637 -50.91 -34.49 6.49
C SER E 637 -51.14 -34.20 7.97
N GLN E 638 -51.60 -35.20 8.72
CA GLN E 638 -51.97 -34.98 10.11
C GLN E 638 -50.76 -34.59 10.96
N LEU E 639 -49.61 -35.23 10.71
CA LEU E 639 -48.40 -34.86 11.45
C LEU E 639 -47.98 -33.43 11.16
N ILE E 640 -48.09 -33.00 9.89
CA ILE E 640 -47.75 -31.62 9.54
C ILE E 640 -48.68 -30.65 10.25
N ASP E 641 -49.98 -30.96 10.26
CA ASP E 641 -50.93 -30.07 10.91
C ASP E 641 -50.71 -30.01 12.42
N ALA E 642 -50.30 -31.13 13.01
CA ALA E 642 -49.98 -31.12 14.45
C ALA E 642 -48.71 -30.33 14.73
N LEU E 643 -47.70 -30.48 13.87
CA LEU E 643 -46.44 -29.78 14.08
C LEU E 643 -46.59 -28.27 13.90
N GLU E 644 -47.42 -27.85 12.94
CA GLU E 644 -47.66 -26.42 12.76
C GLU E 644 -48.31 -25.81 14.00
N ALA E 645 -49.06 -26.61 14.75
CA ALA E 645 -49.68 -26.17 15.99
C ALA E 645 -48.85 -26.53 17.22
N GLU E 646 -47.67 -27.12 17.04
CA GLU E 646 -46.81 -27.54 18.14
C GLU E 646 -47.53 -28.51 19.07
N TRP E 647 -48.22 -29.48 18.48
CA TRP E 647 -48.92 -30.54 19.20
C TRP E 647 -49.99 -30.01 20.15
N ASP E 648 -50.51 -28.81 19.88
CA ASP E 648 -51.54 -28.21 20.74
C ASP E 648 -52.91 -28.61 20.21
N GLY E 649 -53.70 -29.26 21.07
CA GLY E 649 -54.95 -29.86 20.66
C GLY E 649 -54.83 -31.22 20.03
N TYR E 650 -53.61 -31.74 19.90
CA TYR E 650 -53.34 -33.06 19.34
C TYR E 650 -52.67 -33.96 20.37
N GLU E 651 -53.04 -33.79 21.64
CA GLU E 651 -52.37 -34.49 22.73
C GLU E 651 -52.45 -36.00 22.54
N GLN E 652 -53.61 -36.50 22.12
CA GLN E 652 -53.74 -37.94 21.90
C GLN E 652 -52.82 -38.40 20.78
N MET E 653 -52.73 -37.61 19.70
CA MET E 653 -51.87 -37.97 18.59
C MET E 653 -50.39 -37.84 18.94
N ARG E 654 -50.04 -36.82 19.73
CA ARG E 654 -48.66 -36.67 20.19
C ARG E 654 -48.26 -37.84 21.08
N LEU E 655 -49.12 -38.22 22.01
CA LEU E 655 -48.83 -39.34 22.89
C LEU E 655 -48.71 -40.64 22.10
N ASP E 656 -49.57 -40.84 21.09
CA ASP E 656 -49.44 -42.00 20.24
C ASP E 656 -48.12 -41.97 19.47
N PHE E 657 -47.80 -40.82 18.86
CA PHE E 657 -46.62 -40.68 18.02
C PHE E 657 -45.32 -40.86 18.80
N VAL E 658 -45.32 -40.55 20.10
CA VAL E 658 -44.13 -40.80 20.90
C VAL E 658 -44.16 -42.18 21.56
N LYS E 659 -45.35 -42.74 21.76
CA LYS E 659 -45.46 -44.01 22.48
C LYS E 659 -45.04 -45.18 21.58
N ASN E 660 -45.82 -45.46 20.54
CA ASN E 660 -45.46 -46.53 19.63
C ASN E 660 -44.28 -46.16 18.76
N GLY E 661 -44.11 -44.86 18.47
CA GLY E 661 -42.91 -44.37 17.86
C GLY E 661 -41.72 -44.72 18.71
N PRO E 662 -40.88 -45.64 18.23
CA PRO E 662 -39.85 -46.22 19.08
C PRO E 662 -38.75 -45.22 19.39
N LYS E 663 -38.38 -45.14 20.66
CA LYS E 663 -37.26 -44.32 21.08
C LYS E 663 -35.94 -45.04 20.85
N TRP E 664 -34.89 -44.28 20.58
CA TRP E 664 -33.58 -44.86 20.37
C TRP E 664 -33.08 -45.55 21.63
N GLY E 665 -32.54 -46.75 21.46
CA GLY E 665 -32.11 -47.58 22.56
C GLY E 665 -32.96 -48.82 22.79
N ASN E 666 -33.98 -49.05 21.97
CA ASN E 666 -34.85 -50.21 22.12
C ASN E 666 -34.19 -51.51 21.70
N ASP E 667 -33.03 -51.45 21.06
CA ASP E 667 -32.40 -52.63 20.45
C ASP E 667 -33.37 -53.29 19.47
N ASP E 668 -33.91 -52.48 18.58
CA ASP E 668 -34.87 -52.89 17.57
C ASP E 668 -34.25 -52.66 16.20
N ASP E 669 -34.22 -53.72 15.38
CA ASP E 669 -33.52 -53.66 14.11
C ASP E 669 -34.11 -52.62 13.18
N TYR E 670 -35.42 -52.37 13.27
CA TYR E 670 -36.03 -51.34 12.43
C TYR E 670 -35.57 -49.94 12.83
N VAL E 671 -35.47 -49.68 14.14
CA VAL E 671 -34.97 -48.38 14.60
C VAL E 671 -33.48 -48.25 14.31
N ASP E 672 -32.72 -49.30 14.61
CA ASP E 672 -31.30 -49.31 14.28
C ASP E 672 -31.09 -49.17 12.78
N ASP E 673 -32.07 -49.61 11.97
CA ASP E 673 -31.99 -49.45 10.52
C ASP E 673 -31.90 -47.99 10.13
N ILE E 674 -32.84 -47.17 10.62
CA ILE E 674 -32.82 -45.75 10.30
C ILE E 674 -31.64 -45.06 10.97
N MET E 675 -31.21 -45.52 12.14
CA MET E 675 -30.04 -44.92 12.78
C MET E 675 -28.78 -45.16 11.93
N LEU E 676 -28.61 -46.40 11.46
CA LEU E 676 -27.47 -46.73 10.61
C LEU E 676 -27.54 -45.98 9.30
N ARG E 677 -28.73 -45.89 8.70
CA ARG E 677 -28.87 -45.16 7.44
C ARG E 677 -28.52 -43.68 7.60
N CYS E 678 -29.07 -43.04 8.64
CA CYS E 678 -28.86 -41.62 8.82
C CYS E 678 -27.40 -41.31 9.14
N LEU E 679 -26.73 -42.18 9.90
CA LEU E 679 -25.33 -41.93 10.18
C LEU E 679 -24.44 -42.27 8.98
N SER E 680 -24.76 -43.34 8.24
CA SER E 680 -23.94 -43.74 7.10
C SER E 680 -23.98 -42.68 6.00
N VAL E 681 -25.15 -42.12 5.73
CA VAL E 681 -25.25 -41.13 4.65
C VAL E 681 -24.42 -39.90 5.00
N ALA E 682 -24.44 -39.47 6.26
CA ALA E 682 -23.64 -38.33 6.68
C ALA E 682 -22.16 -38.66 6.73
N ALA E 683 -21.81 -39.91 7.02
CA ALA E 683 -20.40 -40.29 7.09
C ALA E 683 -19.72 -40.15 5.74
N GLU E 684 -20.39 -40.58 4.67
CA GLU E 684 -19.80 -40.43 3.34
C GLU E 684 -19.64 -38.97 2.97
N HIS E 685 -20.62 -38.13 3.30
CA HIS E 685 -20.51 -36.71 3.02
C HIS E 685 -19.36 -36.08 3.79
N SER E 686 -19.17 -36.49 5.05
CA SER E 686 -18.02 -36.02 5.82
C SER E 686 -16.72 -36.48 5.18
N ARG E 687 -16.69 -37.71 4.67
CA ARG E 687 -15.50 -38.20 3.98
C ARG E 687 -15.20 -37.38 2.73
N ASN E 688 -16.24 -36.98 2.00
CA ASN E 688 -16.04 -36.19 0.79
C ASN E 688 -15.40 -34.84 1.12
N ILE E 689 -15.85 -34.20 2.19
CA ILE E 689 -15.29 -32.93 2.63
C ILE E 689 -13.91 -33.14 3.22
N THR F 2 1.98 12.33 46.72
CA THR F 2 1.83 11.46 45.56
C THR F 2 2.12 10.01 45.93
N CYS F 3 2.90 9.34 45.09
CA CYS F 3 3.25 7.95 45.32
C CYS F 3 4.44 7.87 46.26
N LYS F 4 5.38 8.80 46.15
CA LYS F 4 6.67 8.68 46.84
C LYS F 4 6.47 8.45 48.34
N GLU F 5 5.52 9.16 48.94
CA GLU F 5 5.33 9.07 50.37
C GLU F 5 4.54 7.84 50.80
N CYS F 6 3.91 7.16 49.82
CA CYS F 6 3.10 6.00 50.14
C CYS F 6 3.85 4.79 50.67
N ARG F 7 3.21 4.05 51.57
CA ARG F 7 3.82 2.87 52.17
C ARG F 7 4.13 1.75 51.18
N ASN F 8 3.22 1.51 50.24
CA ASN F 8 3.36 0.43 49.27
C ASN F 8 4.11 0.73 47.96
N TYR F 9 4.55 1.96 47.75
CA TYR F 9 5.21 2.28 46.49
C TYR F 9 6.66 1.87 46.75
N PHE F 10 7.24 1.23 45.74
CA PHE F 10 8.63 0.79 45.79
C PHE F 10 9.36 1.11 44.50
N PRO F 11 10.54 1.74 44.61
CA PRO F 11 11.36 2.06 43.44
C PRO F 11 12.01 0.79 42.89
N ILE F 12 12.05 0.64 41.57
CA ILE F 12 12.67 -0.54 40.97
C ILE F 12 14.16 -0.61 41.29
N ASN F 13 14.83 0.54 41.18
CA ASN F 13 16.26 0.65 41.50
C ASN F 13 16.54 1.99 42.15
N GLU F 14 17.58 2.08 42.97
CA GLU F 14 17.88 3.34 43.65
C GLU F 14 17.76 4.56 42.74
N GLU F 15 18.25 4.43 41.51
CA GLU F 15 18.24 5.53 40.55
C GLU F 15 17.01 5.60 39.64
N ALA F 16 16.06 4.69 39.83
CA ALA F 16 14.88 4.69 38.97
C ALA F 16 13.68 5.39 39.62
N SER F 17 13.20 6.43 38.96
CA SER F 17 12.07 7.16 39.47
C SER F 17 10.89 6.21 39.47
N ARG F 18 10.93 5.24 38.57
CA ARG F 18 9.81 4.32 38.42
C ARG F 18 9.77 3.28 39.52
N GLY F 19 8.56 3.02 40.03
CA GLY F 19 8.36 2.06 41.09
C GLY F 19 7.31 1.06 40.64
N ASP F 20 7.09 0.04 41.45
CA ASP F 20 5.96 -0.87 41.37
C ASP F 20 5.13 -0.74 42.62
N CYS F 21 3.84 -0.55 42.43
CA CYS F 21 2.90 -0.37 43.54
C CYS F 21 2.60 -1.78 44.13
N VAL F 22 2.75 -1.95 45.43
CA VAL F 22 2.45 -3.23 46.08
C VAL F 22 1.24 -3.04 47.00
N ARG F 23 0.18 -3.82 46.73
CA ARG F 23 -1.03 -3.79 47.53
C ARG F 23 -1.18 -5.18 48.13
N ARG F 24 -1.42 -5.24 49.45
CA ARG F 24 -1.63 -6.49 50.17
C ARG F 24 -3.16 -6.60 50.26
N ILE F 25 -3.68 -7.69 49.72
CA ILE F 25 -5.13 -7.85 49.58
C ILE F 25 -5.52 -9.21 50.16
N SER F 26 -6.54 -9.22 51.00
CA SER F 26 -7.07 -10.43 51.59
C SER F 26 -8.51 -10.62 51.11
N ASP F 27 -8.67 -11.60 50.21
CA ASP F 27 -9.94 -12.03 49.63
C ASP F 27 -10.66 -13.04 50.54
N GLU F 28 -11.91 -13.37 50.21
CA GLU F 28 -12.68 -14.29 51.04
C GLU F 28 -11.90 -15.56 51.31
N ARG F 29 -11.32 -16.13 50.27
CA ARG F 29 -10.59 -17.41 50.36
C ARG F 29 -9.06 -17.36 50.46
N GLN F 30 -8.43 -16.30 49.96
CA GLN F 30 -6.96 -16.22 50.01
C GLN F 30 -6.39 -14.80 50.05
N SER F 31 -5.34 -14.56 50.85
CA SER F 31 -4.68 -13.26 50.91
C SER F 31 -3.45 -13.30 50.02
N TYR F 32 -3.23 -12.26 49.23
CA TYR F 32 -2.11 -12.25 48.30
C TYR F 32 -1.56 -10.88 48.00
N TYR F 33 -0.34 -10.80 47.48
CA TYR F 33 0.25 -9.52 47.10
C TYR F 33 -0.02 -9.23 45.63
N THR F 34 0.05 -7.97 45.26
CA THR F 34 -0.16 -7.61 43.89
C THR F 34 0.69 -6.42 43.58
N ALA F 35 1.08 -6.24 42.34
CA ALA F 35 1.89 -5.12 41.99
C ALA F 35 1.41 -4.55 40.70
N ARG F 36 1.67 -3.28 40.47
CA ARG F 36 1.26 -2.64 39.25
C ARG F 36 2.24 -1.54 39.03
N PRO F 37 2.60 -1.26 37.79
CA PRO F 37 3.58 -0.19 37.67
C PRO F 37 3.00 1.16 38.07
N THR F 38 3.99 1.99 38.51
CA THR F 38 3.61 3.36 38.85
C THR F 38 4.82 4.27 38.62
N THR F 39 4.53 5.50 38.20
CA THR F 39 5.59 6.42 37.78
C THR F 39 6.19 7.23 38.91
N GLU F 40 5.60 7.20 40.11
CA GLU F 40 6.16 7.81 41.31
C GLU F 40 6.04 9.33 41.31
N ALA F 41 5.71 9.89 40.17
CA ALA F 41 5.42 11.31 40.13
C ALA F 41 3.89 11.49 40.07
N ALA F 42 3.16 10.39 39.86
CA ALA F 42 1.71 10.40 39.70
C ALA F 42 0.91 10.79 40.93
N LYS F 43 -0.07 11.68 40.73
CA LYS F 43 -0.89 12.12 41.85
C LYS F 43 -1.65 10.97 42.47
N CYS F 44 -1.69 10.94 43.79
CA CYS F 44 -2.45 9.90 44.50
C CYS F 44 -3.89 10.07 44.05
N GLU F 45 -4.33 11.33 44.03
CA GLU F 45 -5.64 11.69 43.46
C GLU F 45 -6.70 10.81 44.14
N GLY F 46 -7.55 10.12 43.39
CA GLY F 46 -8.52 9.22 43.97
C GLY F 46 -7.95 7.84 44.20
N CYS F 47 -6.97 7.74 45.10
CA CYS F 47 -6.37 6.47 45.47
C CYS F 47 -6.84 6.09 46.85
N SER F 48 -7.62 5.02 46.96
CA SER F 48 -8.16 4.58 48.23
C SER F 48 -7.17 3.75 49.04
N ASP F 49 -6.00 3.30 48.37
CA ASP F 49 -5.17 2.36 49.10
C ASP F 49 -3.92 3.03 49.64
N TYR F 50 -3.82 4.33 49.42
CA TYR F 50 -2.66 5.10 49.85
C TYR F 50 -2.48 5.01 51.36
N LEU F 51 -1.23 4.84 51.80
CA LEU F 51 -0.94 4.78 53.22
C LEU F 51 0.16 5.78 53.51
N GLU F 52 0.26 6.25 54.76
CA GLU F 52 1.28 7.24 55.10
C GLU F 52 2.73 6.86 54.72
OXT FUM G . 8.33 7.31 -16.28
C FUM G . 9.32 7.88 -16.77
O FUM G . 10.13 8.62 -16.18
C4 FUM G . 9.60 7.66 -18.25
C5 FUM G . 8.75 7.05 -19.07
C6 FUM G . 9.00 6.82 -20.55
O7 FUM G . 10.05 7.27 -21.05
O8 FUM G . 8.10 6.19 -21.14
S1 DTT H . 5.17 10.67 -14.03
C1 DTT H . 4.42 10.85 -15.66
C2 DTT H . 5.30 11.62 -16.64
O2 DTT H . 4.59 11.82 -17.87
C3 DTT H . 6.60 10.87 -16.92
O3 DTT H . 6.30 9.51 -17.26
C4 DTT H . 7.37 11.54 -18.05
S4 DTT H . 8.73 10.50 -18.66
FE1 SF4 I . 18.34 27.70 11.73
FE2 SF4 I . 18.36 26.56 14.21
FE3 SF4 I . 18.98 25.06 12.01
FE4 SF4 I . 16.41 25.90 12.42
S1 SF4 I . 17.60 24.47 13.72
S2 SF4 I . 17.58 25.98 10.46
S3 SF4 I . 16.77 27.94 13.36
S4 SF4 I . 20.14 26.85 12.82
FE1 SF4 J . -32.45 26.25 -8.15
FE2 SF4 J . -30.31 24.58 -8.44
FE3 SF4 J . -32.20 24.05 -6.53
FE4 SF4 J . -30.50 26.18 -6.23
S1 SF4 J . -29.94 23.98 -6.27
S2 SF4 J . -32.76 26.17 -5.89
S3 SF4 J . -30.27 26.86 -8.38
S4 SF4 J . -32.50 24.06 -8.80
FE FE K . 23.35 46.00 -6.02
FE1 SF4 L . 0.19 4.24 47.27
FE2 SF4 L . -0.12 2.48 45.23
FE3 SF4 L . 0.63 5.05 44.71
FE4 SF4 L . -1.90 4.51 45.54
S1 SF4 L . -0.95 3.84 43.60
S2 SF4 L . -0.55 6.16 46.30
S3 SF4 L . -1.53 2.79 46.98
S4 SF4 L . 1.82 3.49 45.88
#